data_7VRL
#
_entry.id   7VRL
#
loop_
_entity.id
_entity.type
_entity.pdbx_description
1 polymer "RNA (5'-R(*UP*GP*CP*AP*UP*AP*U)-3')"
2 polymer 'RNA binding protein fox-1 homolog 1'
#
loop_
_entity_poly.entity_id
_entity_poly.type
_entity_poly.pdbx_seq_one_letter_code
_entity_poly.pdbx_strand_id
1 'polyribonucleotide' UGCAUAU A
2 'polypeptide(L)'
;HMNTENKSQPKRLHVSNIPFRFRDPDLRQMFGQFGKILDVEIIFNERGSKGFGFVTFENSADADRAREKLHGTVVEGRKI
EVNNATARVMTNKKTVNPYTNG
;
B
#
loop_
_chem_comp.id
_chem_comp.type
_chem_comp.name
_chem_comp.formula
A RNA linking ADENOSINE-5'-MONOPHOSPHATE 'C10 H14 N5 O7 P'
C RNA linking CYTIDINE-5'-MONOPHOSPHATE 'C9 H14 N3 O8 P'
G RNA linking GUANOSINE-5'-MONOPHOSPHATE 'C10 H14 N5 O8 P'
U RNA linking URIDINE-5'-MONOPHOSPHATE 'C9 H13 N2 O9 P'
#
# COMPACT_ATOMS: atom_id res chain seq x y z
N HIS B 1 23.09 24.71 -2.69
CA HIS B 1 22.01 24.06 -1.94
C HIS B 1 20.99 23.43 -2.91
N MET B 2 20.97 22.09 -2.95
CA MET B 2 20.06 21.28 -3.78
C MET B 2 18.88 20.68 -2.97
N ASN B 3 17.95 20.01 -3.64
CA ASN B 3 16.66 19.56 -3.09
C ASN B 3 16.77 18.63 -1.87
N THR B 4 17.75 17.72 -1.87
CA THR B 4 18.15 16.81 -0.77
C THR B 4 17.00 16.02 -0.10
N GLU B 5 15.98 15.69 -0.90
CA GLU B 5 14.81 14.89 -0.50
C GLU B 5 15.15 13.45 -0.09
N ASN B 6 14.19 12.79 0.58
CA ASN B 6 14.25 11.41 1.04
C ASN B 6 14.25 10.38 -0.11
N LYS B 7 14.77 9.18 0.20
CA LYS B 7 15.09 8.13 -0.77
C LYS B 7 14.09 6.97 -0.83
N SER B 8 13.62 6.46 0.31
CA SER B 8 12.81 5.22 0.35
C SER B 8 11.39 5.44 -0.17
N GLN B 9 10.71 6.47 0.34
CA GLN B 9 9.41 7.00 -0.10
C GLN B 9 8.21 6.04 0.08
N PRO B 10 6.98 6.55 0.30
CA PRO B 10 5.80 5.71 0.54
C PRO B 10 5.36 4.93 -0.70
N LYS B 11 4.94 3.68 -0.51
CA LYS B 11 4.26 2.85 -1.54
C LYS B 11 2.87 2.44 -1.09
N ARG B 12 1.98 2.33 -2.08
CA ARG B 12 0.68 1.69 -1.95
C ARG B 12 0.89 0.19 -2.23
N LEU B 13 0.61 -0.69 -1.27
CA LEU B 13 0.58 -2.15 -1.41
C LEU B 13 -0.88 -2.62 -1.52
N HIS B 14 -1.30 -3.31 -2.58
CA HIS B 14 -2.61 -3.98 -2.60
C HIS B 14 -2.60 -5.19 -1.66
N VAL B 15 -3.77 -5.49 -1.08
CA VAL B 15 -4.02 -6.61 -0.18
C VAL B 15 -5.31 -7.34 -0.60
N SER B 16 -5.34 -8.67 -0.62
CA SER B 16 -6.47 -9.44 -1.16
C SER B 16 -6.75 -10.73 -0.42
N ASN B 17 -7.87 -11.37 -0.72
CA ASN B 17 -8.47 -12.54 -0.06
C ASN B 17 -8.81 -12.37 1.43
N ILE B 18 -8.44 -11.23 2.02
CA ILE B 18 -8.71 -10.79 3.39
C ILE B 18 -10.18 -11.00 3.76
N PRO B 19 -10.50 -11.30 5.03
CA PRO B 19 -11.88 -11.54 5.45
C PRO B 19 -12.75 -10.30 5.22
N PHE B 20 -14.06 -10.50 4.99
CA PHE B 20 -15.06 -9.43 4.83
C PHE B 20 -15.02 -8.41 6.00
N ARG B 21 -14.63 -8.84 7.22
CA ARG B 21 -14.48 -7.98 8.41
C ARG B 21 -13.33 -6.96 8.36
N PHE B 22 -12.25 -7.20 7.60
CA PHE B 22 -11.05 -6.35 7.64
C PHE B 22 -11.33 -4.94 7.11
N ARG B 23 -11.01 -3.93 7.93
CA ARG B 23 -11.01 -2.51 7.60
C ARG B 23 -9.65 -1.85 7.87
N ASP B 24 -9.60 -0.52 7.79
CA ASP B 24 -8.43 0.34 7.99
C ASP B 24 -7.50 -0.15 9.13
N PRO B 25 -7.96 -0.27 10.39
CA PRO B 25 -7.09 -0.71 11.47
C PRO B 25 -6.68 -2.19 11.33
N ASP B 26 -7.54 -3.06 10.82
CA ASP B 26 -7.26 -4.50 10.70
C ASP B 26 -6.20 -4.82 9.64
N LEU B 27 -6.23 -4.10 8.51
CA LEU B 27 -5.16 -4.16 7.52
C LEU B 27 -3.88 -3.53 8.09
N ARG B 28 -3.95 -2.31 8.63
CA ARG B 28 -2.74 -1.56 8.99
C ARG B 28 -1.96 -2.14 10.16
N GLN B 29 -2.62 -2.84 11.10
CA GLN B 29 -1.92 -3.58 12.16
C GLN B 29 -1.05 -4.71 11.59
N MET B 30 -1.47 -5.27 10.45
CA MET B 30 -0.83 -6.43 9.82
C MET B 30 0.48 -6.06 9.12
N PHE B 31 0.57 -4.85 8.56
CA PHE B 31 1.77 -4.30 7.92
C PHE B 31 2.58 -3.40 8.86
N GLY B 32 1.92 -2.57 9.67
CA GLY B 32 2.56 -1.56 10.53
C GLY B 32 3.44 -2.12 11.64
N GLN B 33 3.34 -3.42 11.92
CA GLN B 33 4.25 -4.16 12.82
C GLN B 33 5.73 -4.07 12.36
N PHE B 34 5.98 -3.89 11.05
CA PHE B 34 7.34 -3.80 10.50
C PHE B 34 7.92 -2.37 10.50
N GLY B 35 7.08 -1.34 10.35
CA GLY B 35 7.50 0.06 10.25
C GLY B 35 6.43 1.05 10.73
N LYS B 36 5.82 1.77 9.78
CA LYS B 36 4.80 2.81 10.00
C LYS B 36 3.86 2.91 8.80
N ILE B 37 2.58 3.16 9.06
CA ILE B 37 1.51 3.29 8.06
C ILE B 37 0.93 4.71 8.09
N LEU B 38 0.70 5.26 6.90
CA LEU B 38 0.18 6.61 6.68
C LEU B 38 -1.34 6.64 6.42
N ASP B 39 -1.80 5.80 5.50
CA ASP B 39 -3.17 5.72 4.99
C ASP B 39 -3.48 4.26 4.61
N VAL B 40 -4.73 3.82 4.71
CA VAL B 40 -5.15 2.46 4.33
C VAL B 40 -6.54 2.49 3.69
N GLU B 41 -6.69 1.69 2.63
CA GLU B 41 -7.84 1.67 1.73
C GLU B 41 -8.49 0.28 1.71
N ILE B 42 -9.82 0.24 1.64
CA ILE B 42 -10.60 -0.97 1.37
C ILE B 42 -11.64 -0.58 0.36
N ILE B 43 -11.75 -1.35 -0.72
CA ILE B 43 -12.57 -0.94 -1.86
C ILE B 43 -14.04 -0.78 -1.44
N PHE B 44 -14.59 0.40 -1.73
CA PHE B 44 -15.91 0.82 -1.25
C PHE B 44 -17.01 0.40 -2.23
N ASN B 45 -17.91 -0.46 -1.75
CA ASN B 45 -18.89 -1.18 -2.56
C ASN B 45 -20.33 -1.02 -2.01
N GLU B 46 -21.33 -1.41 -2.80
CA GLU B 46 -22.76 -1.30 -2.43
C GLU B 46 -23.14 -2.16 -1.20
N ARG B 47 -22.45 -3.29 -0.99
CA ARG B 47 -22.50 -4.13 0.22
C ARG B 47 -21.86 -3.48 1.48
N GLY B 48 -21.15 -2.37 1.30
CA GLY B 48 -20.29 -1.71 2.29
C GLY B 48 -18.80 -2.01 2.05
N SER B 49 -18.04 -2.20 3.12
CA SER B 49 -16.60 -2.49 3.06
C SER B 49 -16.33 -3.92 2.56
N LYS B 50 -15.37 -4.09 1.65
CA LYS B 50 -15.10 -5.31 0.87
C LYS B 50 -13.90 -6.12 1.40
N GLY B 51 -13.82 -7.39 1.04
CA GLY B 51 -12.72 -8.31 1.36
C GLY B 51 -11.47 -8.14 0.48
N PHE B 52 -11.01 -6.92 0.26
CA PHE B 52 -9.98 -6.50 -0.69
C PHE B 52 -9.57 -5.04 -0.43
N GLY B 53 -8.29 -4.67 -0.52
CA GLY B 53 -7.87 -3.31 -0.23
C GLY B 53 -6.44 -2.96 -0.62
N PHE B 54 -5.91 -1.93 0.04
CA PHE B 54 -4.53 -1.43 -0.10
C PHE B 54 -4.04 -0.80 1.21
N VAL B 55 -2.72 -0.69 1.37
CA VAL B 55 -2.02 -0.11 2.53
C VAL B 55 -0.93 0.86 2.05
N THR B 56 -0.75 1.99 2.74
CA THR B 56 0.26 3.00 2.41
C THR B 56 1.32 3.05 3.50
N PHE B 57 2.42 2.34 3.28
CA PHE B 57 3.62 2.44 4.12
C PHE B 57 4.23 3.84 4.09
N GLU B 58 4.88 4.23 5.19
CA GLU B 58 5.73 5.43 5.29
C GLU B 58 6.92 5.38 4.32
N ASN B 59 7.51 4.19 4.14
CA ASN B 59 8.71 3.98 3.33
C ASN B 59 8.75 2.60 2.67
N SER B 60 9.34 2.53 1.47
CA SER B 60 9.50 1.30 0.68
C SER B 60 10.37 0.25 1.41
N ALA B 61 11.23 0.70 2.33
CA ALA B 61 12.11 -0.15 3.13
C ALA B 61 11.35 -1.26 3.86
N ASP B 62 10.23 -0.92 4.50
CA ASP B 62 9.36 -1.87 5.17
C ASP B 62 8.23 -2.37 4.26
N ALA B 63 7.82 -1.60 3.25
CA ALA B 63 6.78 -2.02 2.30
C ALA B 63 7.20 -3.26 1.48
N ASP B 64 8.49 -3.33 1.13
CA ASP B 64 9.09 -4.43 0.37
C ASP B 64 9.10 -5.74 1.18
N ARG B 65 9.82 -5.74 2.30
CA ARG B 65 9.87 -6.87 3.25
C ARG B 65 8.50 -7.28 3.75
N ALA B 66 7.63 -6.33 4.12
CA ALA B 66 6.32 -6.66 4.67
C ALA B 66 5.48 -7.48 3.69
N ARG B 67 5.35 -7.04 2.42
CA ARG B 67 4.67 -7.81 1.37
C ARG B 67 5.31 -9.19 1.21
N GLU B 68 6.64 -9.28 1.30
CA GLU B 68 7.36 -10.56 1.21
C GLU B 68 6.97 -11.54 2.34
N LYS B 69 6.82 -11.03 3.57
CA LYS B 69 6.42 -11.83 4.74
C LYS B 69 4.92 -12.16 4.75
N LEU B 70 4.07 -11.20 4.36
CA LEU B 70 2.60 -11.36 4.39
C LEU B 70 2.06 -12.17 3.21
N HIS B 71 2.59 -12.03 1.99
CA HIS B 71 2.13 -12.80 0.82
C HIS B 71 2.29 -14.31 1.06
N GLY B 72 1.22 -15.09 0.82
CA GLY B 72 1.14 -16.51 1.17
C GLY B 72 0.67 -16.82 2.60
N THR B 73 0.51 -15.82 3.48
CA THR B 73 -0.17 -15.94 4.79
C THR B 73 -1.66 -16.20 4.56
N VAL B 74 -2.35 -16.79 5.52
CA VAL B 74 -3.72 -17.30 5.37
C VAL B 74 -4.63 -16.61 6.40
N VAL B 75 -4.67 -15.28 6.35
CA VAL B 75 -5.31 -14.47 7.40
C VAL B 75 -6.82 -14.79 7.50
N GLU B 76 -7.27 -15.06 8.72
CA GLU B 76 -8.61 -15.58 9.00
C GLU B 76 -9.03 -16.79 8.11
N GLY B 77 -8.05 -17.66 7.87
CA GLY B 77 -8.15 -18.88 7.06
C GLY B 77 -8.12 -18.69 5.54
N ARG B 78 -7.78 -17.50 5.03
CA ARG B 78 -7.82 -17.16 3.58
C ARG B 78 -6.43 -16.79 3.07
N LYS B 79 -5.77 -17.69 2.32
CA LYS B 79 -4.46 -17.42 1.68
C LYS B 79 -4.48 -16.13 0.84
N ILE B 80 -3.80 -15.09 1.33
CA ILE B 80 -3.80 -13.73 0.76
C ILE B 80 -2.81 -13.50 -0.37
N GLU B 81 -3.06 -12.43 -1.11
CA GLU B 81 -2.13 -11.84 -2.08
C GLU B 81 -1.72 -10.45 -1.60
N VAL B 82 -0.44 -10.08 -1.80
CA VAL B 82 0.06 -8.70 -1.59
C VAL B 82 1.05 -8.34 -2.71
N ASN B 83 0.85 -7.21 -3.38
CA ASN B 83 1.74 -6.67 -4.43
C ASN B 83 1.70 -5.12 -4.43
N ASN B 84 2.58 -4.45 -5.16
CA ASN B 84 2.50 -2.99 -5.35
C ASN B 84 1.31 -2.61 -6.26
N ALA B 85 0.58 -1.57 -5.84
CA ALA B 85 -0.70 -1.10 -6.38
C ALA B 85 -0.61 -0.28 -7.69
N THR B 86 -1.79 0.09 -8.25
CA THR B 86 -1.91 1.07 -9.36
C THR B 86 -2.11 2.53 -8.94
N ALA B 87 -2.33 2.70 -7.65
CA ALA B 87 -2.77 3.92 -6.97
C ALA B 87 -3.93 4.64 -7.69
N ARG B 88 -3.90 5.99 -7.79
CA ARG B 88 -5.00 6.81 -8.35
C ARG B 88 -5.19 6.67 -9.86
N VAL B 89 -4.09 6.69 -10.63
CA VAL B 89 -4.09 6.78 -12.11
C VAL B 89 -2.91 6.06 -12.74
N MET B 90 -3.13 5.55 -13.95
CA MET B 90 -2.12 4.91 -14.83
C MET B 90 -1.76 5.79 -16.05
N THR B 91 -1.94 7.11 -15.90
CA THR B 91 -1.77 8.16 -16.93
C THR B 91 -0.85 9.25 -16.36
N ASN B 92 0.40 8.84 -16.11
CA ASN B 92 1.43 9.59 -15.36
C ASN B 92 1.61 11.06 -15.82
N LYS B 93 1.50 11.98 -14.84
CA LYS B 93 1.50 13.44 -15.04
C LYS B 93 2.70 14.18 -14.42
N LYS B 94 3.66 13.44 -13.83
CA LYS B 94 4.77 13.99 -13.01
C LYS B 94 5.71 14.94 -13.73
N THR B 95 6.07 14.59 -14.96
CA THR B 95 7.01 15.33 -15.82
C THR B 95 6.73 15.11 -17.32
N VAL B 96 7.05 16.11 -18.14
CA VAL B 96 6.94 16.08 -19.62
C VAL B 96 7.94 17.05 -20.26
N ASN B 97 8.41 16.70 -21.46
CA ASN B 97 9.29 17.49 -22.31
C ASN B 97 8.96 17.24 -23.81
N PRO B 98 9.19 18.23 -24.71
CA PRO B 98 8.95 18.07 -26.14
C PRO B 98 10.01 17.15 -26.82
N TYR B 99 11.26 17.24 -26.36
CA TYR B 99 12.38 16.38 -26.78
C TYR B 99 12.61 15.20 -25.83
N THR B 100 13.40 14.21 -26.28
CA THR B 100 13.72 12.96 -25.53
C THR B 100 15.22 12.61 -25.58
N ASN B 101 16.08 13.60 -25.90
CA ASN B 101 17.54 13.45 -25.88
C ASN B 101 18.12 13.38 -24.44
N GLY B 102 19.38 12.95 -24.32
CA GLY B 102 20.11 12.78 -23.05
C GLY B 102 19.67 11.56 -22.25
N HIS B 1 23.27 22.06 7.52
CA HIS B 1 21.87 22.23 7.94
C HIS B 1 21.13 20.89 7.85
N MET B 2 20.92 20.24 9.00
CA MET B 2 20.34 18.90 9.10
C MET B 2 18.84 18.86 8.78
N ASN B 3 18.43 17.74 8.18
CA ASN B 3 17.05 17.39 7.80
C ASN B 3 16.78 15.89 7.96
N THR B 4 17.74 15.04 7.56
CA THR B 4 17.81 13.57 7.74
C THR B 4 16.53 12.80 7.33
N GLU B 5 15.81 13.33 6.35
CA GLU B 5 14.66 12.65 5.72
C GLU B 5 15.06 11.36 4.98
N ASN B 6 14.11 10.44 4.81
CA ASN B 6 14.37 9.08 4.33
C ASN B 6 14.56 8.98 2.79
N LYS B 7 15.35 7.97 2.43
CA LYS B 7 15.76 7.63 1.04
C LYS B 7 14.91 6.52 0.40
N SER B 8 14.36 5.64 1.23
CA SER B 8 13.58 4.46 0.85
C SER B 8 12.22 4.85 0.25
N GLN B 9 11.50 5.76 0.94
CA GLN B 9 10.29 6.48 0.50
C GLN B 9 9.02 5.62 0.31
N PRO B 10 7.82 6.21 0.47
CA PRO B 10 6.56 5.45 0.56
C PRO B 10 6.20 4.68 -0.72
N LYS B 11 5.67 3.46 -0.52
CA LYS B 11 5.01 2.64 -1.56
C LYS B 11 3.61 2.26 -1.13
N ARG B 12 2.74 2.09 -2.12
CA ARG B 12 1.44 1.42 -1.93
C ARG B 12 1.61 -0.08 -2.22
N LEU B 13 1.00 -0.93 -1.40
CA LEU B 13 0.93 -2.39 -1.56
C LEU B 13 -0.54 -2.78 -1.74
N HIS B 14 -0.93 -3.56 -2.77
CA HIS B 14 -2.26 -4.17 -2.83
C HIS B 14 -2.28 -5.39 -1.90
N VAL B 15 -3.45 -5.69 -1.34
CA VAL B 15 -3.69 -6.81 -0.41
C VAL B 15 -4.99 -7.49 -0.82
N SER B 16 -4.99 -8.79 -1.06
CA SER B 16 -6.15 -9.53 -1.59
C SER B 16 -6.60 -10.70 -0.73
N ASN B 17 -7.76 -11.27 -1.05
CA ASN B 17 -8.41 -12.37 -0.33
C ASN B 17 -8.73 -12.08 1.16
N ILE B 18 -8.75 -10.79 1.52
CA ILE B 18 -9.00 -10.30 2.88
C ILE B 18 -10.46 -10.56 3.31
N PRO B 19 -10.73 -10.70 4.62
CA PRO B 19 -12.08 -10.92 5.12
C PRO B 19 -12.99 -9.71 4.86
N PHE B 20 -14.28 -9.97 4.71
CA PHE B 20 -15.31 -8.93 4.56
C PHE B 20 -15.31 -7.89 5.71
N ARG B 21 -14.81 -8.26 6.90
CA ARG B 21 -14.71 -7.38 8.08
C ARG B 21 -13.63 -6.31 8.00
N PHE B 22 -12.56 -6.52 7.22
CA PHE B 22 -11.40 -5.60 7.19
C PHE B 22 -11.78 -4.18 6.74
N ARG B 23 -11.57 -3.22 7.65
CA ARG B 23 -11.62 -1.77 7.40
C ARG B 23 -10.21 -1.22 7.24
N ASP B 24 -10.07 0.06 6.87
CA ASP B 24 -8.77 0.69 6.68
C ASP B 24 -7.79 0.51 7.85
N PRO B 25 -8.15 0.71 9.13
CA PRO B 25 -7.24 0.42 10.25
C PRO B 25 -6.95 -1.09 10.45
N ASP B 26 -7.78 -2.02 9.94
CA ASP B 26 -7.53 -3.46 10.03
C ASP B 26 -6.40 -3.92 9.10
N LEU B 27 -6.34 -3.39 7.87
CA LEU B 27 -5.18 -3.58 6.99
C LEU B 27 -3.94 -2.87 7.59
N ARG B 28 -4.13 -1.71 8.22
CA ARG B 28 -3.07 -0.90 8.81
C ARG B 28 -2.34 -1.59 9.95
N GLN B 29 -3.08 -2.32 10.79
CA GLN B 29 -2.52 -3.18 11.85
C GLN B 29 -1.69 -4.35 11.28
N MET B 30 -2.03 -4.79 10.07
CA MET B 30 -1.45 -5.96 9.41
C MET B 30 -0.04 -5.68 8.85
N PHE B 31 0.16 -4.49 8.29
CA PHE B 31 1.44 -4.05 7.72
C PHE B 31 2.23 -3.20 8.74
N GLY B 32 1.56 -2.34 9.49
CA GLY B 32 2.20 -1.37 10.41
C GLY B 32 2.93 -1.97 11.60
N GLN B 33 2.74 -3.27 11.86
CA GLN B 33 3.52 -4.04 12.83
C GLN B 33 5.04 -4.04 12.52
N PHE B 34 5.44 -3.87 11.25
CA PHE B 34 6.87 -3.86 10.84
C PHE B 34 7.51 -2.46 10.86
N GLY B 35 6.73 -1.40 10.65
CA GLY B 35 7.21 0.00 10.63
C GLY B 35 6.12 1.02 11.00
N LYS B 36 5.67 1.81 10.02
CA LYS B 36 4.62 2.84 10.15
C LYS B 36 3.86 3.01 8.83
N ILE B 37 2.56 3.29 8.91
CA ILE B 37 1.65 3.46 7.77
C ILE B 37 1.12 4.90 7.71
N LEU B 38 0.96 5.42 6.50
CA LEU B 38 0.51 6.79 6.23
C LEU B 38 -0.98 6.86 5.89
N ASP B 39 -1.42 5.96 5.01
CA ASP B 39 -2.76 5.94 4.42
C ASP B 39 -3.11 4.50 3.99
N VAL B 40 -4.38 4.12 4.01
CA VAL B 40 -4.84 2.75 3.69
C VAL B 40 -6.23 2.81 3.06
N GLU B 41 -6.48 2.03 2.00
CA GLU B 41 -7.79 1.94 1.34
C GLU B 41 -8.20 0.52 0.97
N ILE B 42 -9.15 -0.07 1.70
CA ILE B 42 -9.85 -1.28 1.27
C ILE B 42 -10.86 -0.82 0.22
N ILE B 43 -10.99 -1.54 -0.91
CA ILE B 43 -12.00 -1.22 -1.91
C ILE B 43 -13.36 -1.57 -1.31
N PHE B 44 -14.25 -0.60 -1.32
CA PHE B 44 -15.47 -0.62 -0.53
C PHE B 44 -16.75 -0.62 -1.37
N ASN B 45 -17.76 -1.27 -0.81
CA ASN B 45 -19.08 -1.52 -1.39
C ASN B 45 -20.16 -1.46 -0.29
N GLU B 46 -21.42 -1.51 -0.68
CA GLU B 46 -22.59 -1.61 0.20
C GLU B 46 -22.53 -2.81 1.18
N ARG B 47 -21.84 -3.89 0.80
CA ARG B 47 -21.52 -5.07 1.64
C ARG B 47 -20.45 -4.84 2.73
N GLY B 48 -19.61 -3.80 2.59
CA GLY B 48 -18.40 -3.56 3.38
C GLY B 48 -17.14 -3.70 2.50
N SER B 49 -16.13 -4.44 2.97
CA SER B 49 -14.95 -4.78 2.16
C SER B 49 -15.33 -5.61 0.93
N LYS B 50 -14.86 -5.19 -0.25
CA LYS B 50 -15.01 -5.97 -1.50
C LYS B 50 -14.03 -7.15 -1.63
N GLY B 51 -13.28 -7.46 -0.58
CA GLY B 51 -12.35 -8.60 -0.49
C GLY B 51 -10.89 -8.29 -0.86
N PHE B 52 -10.56 -7.03 -1.12
CA PHE B 52 -9.19 -6.54 -1.41
C PHE B 52 -9.02 -5.05 -1.11
N GLY B 53 -7.77 -4.62 -0.94
CA GLY B 53 -7.39 -3.27 -0.54
C GLY B 53 -5.98 -2.87 -0.94
N PHE B 54 -5.51 -1.73 -0.44
CA PHE B 54 -4.13 -1.29 -0.52
C PHE B 54 -3.69 -0.55 0.74
N VAL B 55 -2.38 -0.48 0.95
CA VAL B 55 -1.71 0.11 2.11
C VAL B 55 -0.54 0.98 1.65
N THR B 56 -0.41 2.19 2.18
CA THR B 56 0.68 3.14 1.92
C THR B 56 1.67 3.14 3.09
N PHE B 57 2.71 2.33 2.99
CA PHE B 57 3.79 2.30 3.97
C PHE B 57 4.57 3.63 3.98
N GLU B 58 5.04 4.09 5.15
CA GLU B 58 5.93 5.26 5.28
C GLU B 58 7.21 5.15 4.42
N ASN B 59 7.76 3.95 4.32
CA ASN B 59 9.02 3.67 3.64
C ASN B 59 9.04 2.30 2.96
N SER B 60 9.69 2.23 1.80
CA SER B 60 9.85 1.01 0.99
C SER B 60 10.61 -0.09 1.75
N ALA B 61 11.38 0.30 2.76
CA ALA B 61 12.17 -0.56 3.64
C ALA B 61 11.32 -1.64 4.32
N ASP B 62 10.20 -1.22 4.93
CA ASP B 62 9.25 -2.12 5.59
C ASP B 62 8.14 -2.57 4.64
N ALA B 63 7.81 -1.79 3.61
CA ALA B 63 6.82 -2.20 2.59
C ALA B 63 7.21 -3.50 1.90
N ASP B 64 8.50 -3.65 1.60
CA ASP B 64 9.03 -4.78 0.82
C ASP B 64 9.04 -6.08 1.63
N ARG B 65 9.67 -6.04 2.80
CA ARG B 65 9.66 -7.16 3.77
C ARG B 65 8.27 -7.49 4.26
N ALA B 66 7.44 -6.50 4.59
CA ALA B 66 6.08 -6.77 5.04
C ALA B 66 5.29 -7.54 3.97
N ARG B 67 5.30 -7.09 2.70
CA ARG B 67 4.74 -7.84 1.57
C ARG B 67 5.32 -9.25 1.47
N GLU B 68 6.63 -9.45 1.64
CA GLU B 68 7.24 -10.78 1.66
C GLU B 68 6.67 -11.68 2.78
N LYS B 69 6.52 -11.15 4.00
CA LYS B 69 6.01 -11.91 5.16
C LYS B 69 4.52 -12.21 5.05
N LEU B 70 3.72 -11.21 4.62
CA LEU B 70 2.26 -11.30 4.52
C LEU B 70 1.81 -12.12 3.30
N HIS B 71 2.45 -11.99 2.13
CA HIS B 71 2.13 -12.80 0.94
C HIS B 71 2.27 -14.30 1.24
N GLY B 72 1.24 -15.09 0.91
CA GLY B 72 1.16 -16.52 1.27
C GLY B 72 0.60 -16.80 2.67
N THR B 73 0.39 -15.79 3.53
CA THR B 73 -0.37 -15.93 4.79
C THR B 73 -1.83 -16.21 4.43
N VAL B 74 -2.59 -16.78 5.35
CA VAL B 74 -3.95 -17.29 5.12
C VAL B 74 -4.94 -16.62 6.09
N VAL B 75 -4.92 -15.28 6.10
CA VAL B 75 -5.67 -14.48 7.09
C VAL B 75 -7.17 -14.78 7.02
N GLU B 76 -7.78 -14.98 8.18
CA GLU B 76 -9.16 -15.45 8.32
C GLU B 76 -9.49 -16.71 7.47
N GLY B 77 -8.50 -17.58 7.34
CA GLY B 77 -8.53 -18.85 6.62
C GLY B 77 -8.36 -18.76 5.08
N ARG B 78 -8.07 -17.58 4.51
CA ARG B 78 -7.96 -17.37 3.05
C ARG B 78 -6.55 -16.93 2.67
N LYS B 79 -5.81 -17.78 1.93
CA LYS B 79 -4.49 -17.44 1.38
C LYS B 79 -4.49 -16.13 0.58
N ILE B 80 -3.85 -15.12 1.15
CA ILE B 80 -3.71 -13.78 0.59
C ILE B 80 -2.55 -13.65 -0.40
N GLU B 81 -2.61 -12.59 -1.20
CA GLU B 81 -1.53 -12.11 -2.05
C GLU B 81 -1.26 -10.62 -1.77
N VAL B 82 0.00 -10.21 -1.86
CA VAL B 82 0.44 -8.81 -1.65
C VAL B 82 1.50 -8.45 -2.69
N ASN B 83 1.38 -7.29 -3.33
CA ASN B 83 2.33 -6.79 -4.34
C ASN B 83 2.27 -5.25 -4.44
N ASN B 84 3.21 -4.61 -5.12
CA ASN B 84 3.18 -3.15 -5.30
C ASN B 84 1.99 -2.69 -6.19
N ALA B 85 1.27 -1.70 -5.69
CA ALA B 85 -0.03 -1.16 -6.12
C ALA B 85 0.02 -0.07 -7.21
N THR B 86 -1.19 0.37 -7.57
CA THR B 86 -1.48 1.55 -8.39
C THR B 86 -1.81 2.80 -7.55
N ALA B 87 -2.08 3.90 -8.24
CA ALA B 87 -2.71 5.13 -7.79
C ALA B 87 -3.31 5.82 -9.04
N ARG B 88 -4.26 6.72 -8.85
CA ARG B 88 -5.10 7.26 -9.94
C ARG B 88 -4.32 7.89 -11.11
N VAL B 89 -4.73 7.53 -12.33
CA VAL B 89 -4.27 8.01 -13.65
C VAL B 89 -2.75 7.98 -13.91
N MET B 90 -2.24 6.79 -14.26
CA MET B 90 -0.88 6.55 -14.79
C MET B 90 -0.86 5.96 -16.21
N THR B 91 -1.96 6.15 -16.96
CA THR B 91 -2.21 5.54 -18.29
C THR B 91 -1.44 6.20 -19.45
N ASN B 92 -0.73 7.31 -19.20
CA ASN B 92 0.12 8.01 -20.16
C ASN B 92 1.39 8.57 -19.50
N LYS B 93 2.46 8.77 -20.28
CA LYS B 93 3.74 9.36 -19.82
C LYS B 93 3.53 10.80 -19.34
N LYS B 94 4.12 11.16 -18.19
CA LYS B 94 3.96 12.47 -17.54
C LYS B 94 4.85 13.53 -18.20
N THR B 95 4.31 14.73 -18.43
CA THR B 95 5.04 15.84 -19.08
C THR B 95 6.04 16.51 -18.13
N VAL B 96 7.31 16.55 -18.53
CA VAL B 96 8.43 17.23 -17.83
C VAL B 96 9.37 17.85 -18.86
N ASN B 97 9.88 19.05 -18.59
CA ASN B 97 10.75 19.79 -19.49
C ASN B 97 12.25 19.52 -19.22
N PRO B 98 13.08 19.45 -20.27
CA PRO B 98 14.52 19.21 -20.13
C PRO B 98 15.33 20.49 -19.81
N TYR B 99 14.85 21.66 -20.23
CA TYR B 99 15.55 22.95 -20.23
C TYR B 99 15.64 23.63 -18.83
N THR B 100 15.92 22.86 -17.78
CA THR B 100 16.08 23.34 -16.39
C THR B 100 17.40 24.10 -16.12
N ASN B 101 18.27 24.11 -17.12
CA ASN B 101 19.61 24.74 -17.14
C ASN B 101 19.57 26.28 -16.99
N GLY B 102 20.72 26.87 -16.65
CA GLY B 102 20.94 28.31 -16.49
C GLY B 102 22.42 28.70 -16.50
N HIS B 1 10.99 27.44 -0.80
CA HIS B 1 10.47 26.41 0.11
C HIS B 1 11.02 25.02 -0.26
N MET B 2 11.75 24.43 0.68
CA MET B 2 12.47 23.17 0.52
C MET B 2 11.57 21.96 0.21
N ASN B 3 12.12 20.99 -0.52
CA ASN B 3 11.45 19.75 -0.91
C ASN B 3 11.31 18.74 0.24
N THR B 4 12.37 18.60 1.06
CA THR B 4 12.54 17.65 2.19
C THR B 4 12.14 16.19 1.83
N GLU B 5 12.33 15.84 0.57
CA GLU B 5 12.01 14.54 -0.03
C GLU B 5 12.87 13.36 0.48
N ASN B 6 12.32 12.16 0.33
CA ASN B 6 12.93 10.89 0.74
C ASN B 6 13.50 10.11 -0.47
N LYS B 7 14.35 9.13 -0.18
CA LYS B 7 14.94 8.18 -1.16
C LYS B 7 14.06 6.94 -1.39
N SER B 8 13.36 6.47 -0.35
CA SER B 8 12.58 5.22 -0.37
C SER B 8 11.18 5.44 -0.93
N GLN B 9 10.47 6.45 -0.42
CA GLN B 9 9.13 6.93 -0.82
C GLN B 9 7.97 5.91 -0.64
N PRO B 10 6.73 6.39 -0.45
CA PRO B 10 5.58 5.51 -0.21
C PRO B 10 5.21 4.65 -1.43
N LYS B 11 4.69 3.45 -1.16
CA LYS B 11 4.07 2.56 -2.15
C LYS B 11 2.71 2.07 -1.66
N ARG B 12 1.83 1.78 -2.61
CA ARG B 12 0.57 1.08 -2.37
C ARG B 12 0.75 -0.42 -2.59
N LEU B 13 0.13 -1.23 -1.75
CA LEU B 13 0.20 -2.68 -1.68
C LEU B 13 -1.23 -3.25 -1.74
N HIS B 14 -1.61 -3.92 -2.82
CA HIS B 14 -2.88 -4.67 -2.92
C HIS B 14 -2.90 -5.81 -1.90
N VAL B 15 -4.05 -6.05 -1.27
CA VAL B 15 -4.34 -7.13 -0.31
C VAL B 15 -5.62 -7.88 -0.71
N SER B 16 -5.67 -9.21 -0.60
CA SER B 16 -6.75 -10.05 -1.12
C SER B 16 -6.94 -11.35 -0.32
N ASN B 17 -8.05 -12.07 -0.52
CA ASN B 17 -8.49 -13.26 0.23
C ASN B 17 -8.77 -13.03 1.74
N ILE B 18 -8.52 -11.81 2.19
CA ILE B 18 -8.81 -11.27 3.52
C ILE B 18 -10.30 -11.41 3.86
N PRO B 19 -10.66 -11.52 5.14
CA PRO B 19 -12.04 -11.68 5.56
C PRO B 19 -12.85 -10.39 5.36
N PHE B 20 -14.16 -10.51 5.12
CA PHE B 20 -15.09 -9.38 5.00
C PHE B 20 -15.03 -8.42 6.22
N ARG B 21 -14.70 -8.95 7.40
CA ARG B 21 -14.52 -8.21 8.66
C ARG B 21 -13.26 -7.33 8.73
N PHE B 22 -12.23 -7.57 7.92
CA PHE B 22 -11.05 -6.70 7.87
C PHE B 22 -11.42 -5.36 7.24
N ARG B 23 -11.21 -4.28 8.00
CA ARG B 23 -11.31 -2.89 7.56
C ARG B 23 -10.00 -2.13 7.79
N ASP B 24 -10.03 -0.82 7.68
CA ASP B 24 -8.88 0.08 7.72
C ASP B 24 -7.90 -0.23 8.87
N PRO B 25 -8.33 -0.27 10.16
CA PRO B 25 -7.43 -0.59 11.28
C PRO B 25 -6.96 -2.05 11.28
N ASP B 26 -7.69 -2.98 10.68
CA ASP B 26 -7.30 -4.40 10.55
C ASP B 26 -6.25 -4.62 9.47
N LEU B 27 -6.30 -3.87 8.36
CA LEU B 27 -5.21 -3.86 7.38
C LEU B 27 -4.02 -3.05 7.93
N ARG B 28 -4.25 -1.95 8.67
CA ARG B 28 -3.16 -1.14 9.21
C ARG B 28 -2.35 -1.87 10.26
N GLN B 29 -2.99 -2.72 11.05
CA GLN B 29 -2.30 -3.54 12.06
C GLN B 29 -1.58 -4.75 11.44
N MET B 30 -1.92 -5.08 10.18
CA MET B 30 -1.32 -6.18 9.41
C MET B 30 0.02 -5.78 8.76
N PHE B 31 0.08 -4.57 8.18
CA PHE B 31 1.27 -4.04 7.52
C PHE B 31 2.08 -3.12 8.45
N GLY B 32 1.42 -2.27 9.23
CA GLY B 32 2.03 -1.24 10.09
C GLY B 32 2.82 -1.79 11.28
N GLN B 33 2.75 -3.10 11.54
CA GLN B 33 3.62 -3.79 12.50
C GLN B 33 5.12 -3.66 12.16
N PHE B 34 5.47 -3.45 10.89
CA PHE B 34 6.87 -3.32 10.42
C PHE B 34 7.38 -1.87 10.39
N GLY B 35 6.52 -0.89 10.11
CA GLY B 35 6.90 0.53 9.99
C GLY B 35 5.75 1.52 10.31
N LYS B 36 5.30 2.26 9.29
CA LYS B 36 4.24 3.29 9.39
C LYS B 36 3.30 3.28 8.18
N ILE B 37 2.00 3.49 8.43
CA ILE B 37 0.93 3.50 7.43
C ILE B 37 0.29 4.89 7.33
N LEU B 38 0.04 5.38 6.11
CA LEU B 38 -0.50 6.73 5.87
C LEU B 38 -2.02 6.69 5.62
N ASP B 39 -2.41 5.91 4.62
CA ASP B 39 -3.76 5.75 4.09
C ASP B 39 -4.01 4.30 3.66
N VAL B 40 -5.23 3.79 3.84
CA VAL B 40 -5.61 2.38 3.57
C VAL B 40 -7.02 2.34 2.98
N GLU B 41 -7.24 1.46 2.01
CA GLU B 41 -8.50 1.35 1.26
C GLU B 41 -8.99 -0.10 1.16
N ILE B 42 -10.05 -0.45 1.87
CA ILE B 42 -10.81 -1.68 1.62
C ILE B 42 -11.87 -1.29 0.62
N ILE B 43 -11.98 -2.02 -0.50
CA ILE B 43 -12.73 -1.50 -1.65
C ILE B 43 -14.21 -1.29 -1.30
N PHE B 44 -14.59 -0.01 -1.30
CA PHE B 44 -15.85 0.46 -0.77
C PHE B 44 -17.05 0.17 -1.68
N ASN B 45 -18.10 -0.37 -1.09
CA ASN B 45 -19.34 -0.80 -1.75
C ASN B 45 -20.54 -0.62 -0.81
N GLU B 46 -21.76 -0.64 -1.35
CA GLU B 46 -23.04 -0.44 -0.63
C GLU B 46 -23.23 -1.37 0.58
N ARG B 47 -22.60 -2.55 0.51
CA ARG B 47 -22.59 -3.63 1.52
C ARG B 47 -21.93 -3.22 2.84
N GLY B 48 -20.88 -2.40 2.74
CA GLY B 48 -20.20 -1.68 3.84
C GLY B 48 -18.67 -1.83 3.85
N SER B 49 -18.18 -3.04 3.56
CA SER B 49 -16.76 -3.37 3.34
C SER B 49 -16.59 -4.73 2.65
N LYS B 50 -15.59 -4.83 1.77
CA LYS B 50 -15.24 -6.02 0.99
C LYS B 50 -14.04 -6.78 1.55
N GLY B 51 -13.90 -8.05 1.21
CA GLY B 51 -12.73 -8.89 1.52
C GLY B 51 -11.54 -8.71 0.56
N PHE B 52 -11.18 -7.47 0.26
CA PHE B 52 -10.26 -7.02 -0.77
C PHE B 52 -9.85 -5.57 -0.51
N GLY B 53 -8.57 -5.21 -0.65
CA GLY B 53 -8.10 -3.87 -0.30
C GLY B 53 -6.71 -3.50 -0.81
N PHE B 54 -6.19 -2.42 -0.23
CA PHE B 54 -4.89 -1.82 -0.51
C PHE B 54 -4.39 -1.10 0.75
N VAL B 55 -3.08 -1.06 0.92
CA VAL B 55 -2.38 -0.32 1.98
C VAL B 55 -1.35 0.60 1.38
N THR B 56 -1.28 1.85 1.83
CA THR B 56 -0.19 2.77 1.51
C THR B 56 0.81 2.73 2.66
N PHE B 57 1.99 2.19 2.42
CA PHE B 57 3.13 2.28 3.35
C PHE B 57 3.93 3.58 3.21
N GLU B 58 4.41 4.15 4.33
CA GLU B 58 5.16 5.42 4.41
C GLU B 58 6.42 5.41 3.52
N ASN B 59 7.08 4.24 3.46
CA ASN B 59 8.31 4.01 2.70
C ASN B 59 8.35 2.62 2.09
N SER B 60 9.01 2.50 0.93
CA SER B 60 9.24 1.25 0.21
C SER B 60 10.05 0.24 1.04
N ALA B 61 10.86 0.74 1.98
CA ALA B 61 11.70 -0.03 2.89
C ALA B 61 10.91 -1.12 3.64
N ASP B 62 9.78 -0.74 4.23
CA ASP B 62 8.90 -1.65 4.95
C ASP B 62 7.79 -2.21 4.06
N ALA B 63 7.40 -1.52 2.99
CA ALA B 63 6.41 -2.00 2.05
C ALA B 63 6.86 -3.31 1.38
N ASP B 64 8.15 -3.42 1.07
CA ASP B 64 8.76 -4.55 0.36
C ASP B 64 8.83 -5.78 1.26
N ARG B 65 9.51 -5.67 2.42
CA ARG B 65 9.56 -6.73 3.44
C ARG B 65 8.17 -7.12 3.93
N ALA B 66 7.27 -6.17 4.17
CA ALA B 66 5.93 -6.48 4.65
C ALA B 66 5.18 -7.38 3.67
N ARG B 67 5.13 -7.03 2.38
CA ARG B 67 4.54 -7.89 1.34
C ARG B 67 5.23 -9.25 1.29
N GLU B 68 6.54 -9.35 1.47
CA GLU B 68 7.26 -10.64 1.55
C GLU B 68 6.78 -11.51 2.74
N LYS B 69 6.62 -10.91 3.92
CA LYS B 69 6.19 -11.61 5.15
C LYS B 69 4.70 -12.01 5.10
N LEU B 70 3.85 -11.11 4.62
CA LEU B 70 2.40 -11.27 4.57
C LEU B 70 1.95 -12.16 3.40
N HIS B 71 2.52 -12.04 2.19
CA HIS B 71 2.22 -12.93 1.07
C HIS B 71 2.58 -14.38 1.44
N GLY B 72 1.64 -15.31 1.26
CA GLY B 72 1.76 -16.69 1.76
C GLY B 72 1.20 -16.92 3.17
N THR B 73 0.81 -15.86 3.91
CA THR B 73 0.01 -15.98 5.15
C THR B 73 -1.37 -16.51 4.77
N VAL B 74 -2.08 -17.15 5.68
CA VAL B 74 -3.33 -17.90 5.40
C VAL B 74 -4.44 -17.42 6.32
N VAL B 75 -4.69 -16.11 6.28
CA VAL B 75 -5.62 -15.44 7.21
C VAL B 75 -7.04 -16.02 7.07
N GLU B 76 -7.75 -16.20 8.19
CA GLU B 76 -9.04 -16.94 8.30
C GLU B 76 -8.97 -18.45 7.90
N GLY B 77 -7.85 -18.86 7.32
CA GLY B 77 -7.54 -20.18 6.76
C GLY B 77 -7.15 -20.13 5.28
N ARG B 78 -7.14 -18.95 4.64
CA ARG B 78 -7.02 -18.75 3.19
C ARG B 78 -5.74 -18.05 2.81
N LYS B 79 -4.85 -18.75 2.08
CA LYS B 79 -3.59 -18.16 1.58
C LYS B 79 -3.80 -16.86 0.81
N ILE B 80 -3.47 -15.74 1.45
CA ILE B 80 -3.57 -14.39 0.91
C ILE B 80 -2.51 -14.11 -0.15
N GLU B 81 -2.78 -13.08 -0.96
CA GLU B 81 -1.83 -12.49 -1.89
C GLU B 81 -1.64 -11.00 -1.60
N VAL B 82 -0.39 -10.53 -1.71
CA VAL B 82 -0.01 -9.12 -1.58
C VAL B 82 1.00 -8.75 -2.67
N ASN B 83 0.84 -7.59 -3.31
CA ASN B 83 1.73 -7.10 -4.38
C ASN B 83 1.63 -5.57 -4.53
N ASN B 84 2.59 -4.93 -5.21
CA ASN B 84 2.53 -3.48 -5.46
C ASN B 84 1.39 -3.12 -6.43
N ALA B 85 0.58 -2.15 -5.98
CA ALA B 85 -0.68 -1.67 -6.55
C ALA B 85 -0.55 -0.82 -7.84
N THR B 86 -1.70 -0.28 -8.29
CA THR B 86 -1.86 0.53 -9.52
C THR B 86 -2.25 2.00 -9.24
N ALA B 87 -2.24 2.83 -10.29
CA ALA B 87 -2.79 4.19 -10.41
C ALA B 87 -2.29 5.28 -9.42
N ARG B 88 -2.61 6.53 -9.74
CA ARG B 88 -2.33 7.75 -8.95
C ARG B 88 -0.83 7.91 -8.60
N VAL B 89 0.02 7.65 -9.59
CA VAL B 89 1.50 7.69 -9.52
C VAL B 89 2.10 8.49 -10.69
N MET B 90 3.32 9.01 -10.51
CA MET B 90 4.01 9.90 -11.46
C MET B 90 4.63 9.20 -12.69
N THR B 91 4.22 7.97 -12.96
CA THR B 91 4.62 7.18 -14.15
C THR B 91 4.00 7.74 -15.43
N ASN B 92 2.84 8.38 -15.32
CA ASN B 92 2.07 9.01 -16.41
C ASN B 92 2.42 10.52 -16.59
N LYS B 93 3.61 10.97 -16.15
CA LYS B 93 4.06 12.37 -16.20
C LYS B 93 4.19 12.93 -17.63
N LYS B 94 4.05 14.25 -17.74
CA LYS B 94 4.14 15.03 -19.00
C LYS B 94 5.57 15.07 -19.57
N THR B 95 5.63 15.17 -20.91
CA THR B 95 6.79 15.49 -21.74
C THR B 95 8.08 14.70 -21.40
N VAL B 96 7.94 13.39 -21.15
CA VAL B 96 9.08 12.45 -21.04
C VAL B 96 9.56 12.04 -22.44
N ASN B 97 10.88 11.96 -22.62
CA ASN B 97 11.53 11.79 -23.91
C ASN B 97 12.70 10.77 -23.93
N PRO B 98 12.91 10.05 -25.06
CA PRO B 98 14.05 9.14 -25.24
C PRO B 98 15.33 9.84 -25.76
N TYR B 99 15.20 10.92 -26.54
CA TYR B 99 16.30 11.56 -27.28
C TYR B 99 17.30 12.30 -26.36
N THR B 100 18.53 12.50 -26.87
CA THR B 100 19.61 13.21 -26.19
C THR B 100 19.26 14.70 -26.03
N ASN B 101 19.17 15.16 -24.78
CA ASN B 101 18.87 16.56 -24.44
C ASN B 101 19.99 17.53 -24.87
N GLY B 102 19.61 18.73 -25.32
CA GLY B 102 20.53 19.80 -25.76
C GLY B 102 19.82 20.88 -26.59
N HIS B 1 23.45 20.40 5.73
CA HIS B 1 22.59 19.47 4.99
C HIS B 1 23.35 18.76 3.88
N MET B 2 24.12 17.74 4.29
CA MET B 2 24.86 16.80 3.46
C MET B 2 24.81 15.40 4.09
N ASN B 3 24.65 14.37 3.26
CA ASN B 3 24.44 12.98 3.67
C ASN B 3 24.74 11.96 2.57
N THR B 4 24.28 12.22 1.34
CA THR B 4 24.22 11.34 0.15
C THR B 4 23.57 9.96 0.45
N GLU B 5 22.60 9.98 1.35
CA GLU B 5 21.81 8.86 1.87
C GLU B 5 20.29 9.12 1.81
N ASN B 6 19.51 8.06 2.04
CA ASN B 6 18.06 7.95 1.90
C ASN B 6 17.47 8.17 0.49
N LYS B 7 16.34 7.49 0.26
CA LYS B 7 15.70 7.30 -1.07
C LYS B 7 14.37 6.53 -1.04
N SER B 8 14.07 5.82 0.06
CA SER B 8 13.04 4.79 0.11
C SER B 8 11.64 5.28 -0.21
N GLN B 9 11.14 6.27 0.55
CA GLN B 9 9.88 7.00 0.31
C GLN B 9 8.61 6.12 0.35
N PRO B 10 7.43 6.67 0.66
CA PRO B 10 6.21 5.89 0.87
C PRO B 10 5.78 5.11 -0.37
N LYS B 11 5.15 3.95 -0.16
CA LYS B 11 4.59 3.09 -1.22
C LYS B 11 3.21 2.61 -0.87
N ARG B 12 2.34 2.59 -1.86
CA ARG B 12 1.05 1.89 -1.78
C ARG B 12 1.29 0.40 -2.03
N LEU B 13 0.62 -0.46 -1.27
CA LEU B 13 0.63 -1.93 -1.39
C LEU B 13 -0.82 -2.42 -1.50
N HIS B 14 -1.20 -3.23 -2.48
CA HIS B 14 -2.55 -3.82 -2.53
C HIS B 14 -2.65 -5.10 -1.69
N VAL B 15 -3.84 -5.39 -1.17
CA VAL B 15 -4.13 -6.53 -0.29
C VAL B 15 -5.45 -7.20 -0.71
N SER B 16 -5.52 -8.53 -0.73
CA SER B 16 -6.66 -9.32 -1.23
C SER B 16 -6.87 -10.63 -0.48
N ASN B 17 -8.03 -11.26 -0.65
CA ASN B 17 -8.53 -12.44 0.06
C ASN B 17 -8.78 -12.23 1.57
N ILE B 18 -8.45 -11.05 2.08
CA ILE B 18 -8.80 -10.54 3.41
C ILE B 18 -10.31 -10.70 3.65
N PRO B 19 -10.75 -10.90 4.90
CA PRO B 19 -12.17 -11.12 5.19
C PRO B 19 -13.05 -9.91 4.85
N PHE B 20 -14.34 -10.13 4.60
CA PHE B 20 -15.33 -9.06 4.39
C PHE B 20 -15.45 -8.06 5.57
N ARG B 21 -14.89 -8.37 6.75
CA ARG B 21 -14.91 -7.50 7.94
C ARG B 21 -13.70 -6.56 8.10
N PHE B 22 -12.57 -6.81 7.43
CA PHE B 22 -11.34 -6.01 7.60
C PHE B 22 -11.57 -4.52 7.28
N ARG B 23 -11.46 -3.67 8.31
CA ARG B 23 -11.45 -2.20 8.25
C ARG B 23 -10.03 -1.64 8.12
N ASP B 24 -9.93 -0.32 8.01
CA ASP B 24 -8.68 0.44 7.85
C ASP B 24 -7.61 0.06 8.90
N PRO B 25 -7.89 0.10 10.23
CA PRO B 25 -6.93 -0.37 11.24
C PRO B 25 -6.66 -1.88 11.17
N ASP B 26 -7.60 -2.71 10.69
CA ASP B 26 -7.41 -4.17 10.57
C ASP B 26 -6.31 -4.53 9.55
N LEU B 27 -6.26 -3.82 8.42
CA LEU B 27 -5.12 -3.91 7.49
C LEU B 27 -3.86 -3.28 8.10
N ARG B 28 -3.98 -2.13 8.76
CA ARG B 28 -2.86 -1.36 9.29
C ARG B 28 -2.05 -2.09 10.35
N GLN B 29 -2.72 -2.90 11.16
CA GLN B 29 -2.11 -3.81 12.16
C GLN B 29 -1.28 -4.93 11.51
N MET B 30 -1.60 -5.27 10.25
CA MET B 30 -0.99 -6.37 9.50
C MET B 30 0.36 -5.97 8.90
N PHE B 31 0.49 -4.73 8.41
CA PHE B 31 1.68 -4.19 7.76
C PHE B 31 2.53 -3.36 8.75
N GLY B 32 1.90 -2.57 9.62
CA GLY B 32 2.57 -1.63 10.52
C GLY B 32 3.47 -2.27 11.58
N GLN B 33 3.34 -3.59 11.79
CA GLN B 33 4.24 -4.39 12.63
C GLN B 33 5.72 -4.34 12.17
N PHE B 34 5.99 -4.09 10.87
CA PHE B 34 7.34 -4.03 10.32
C PHE B 34 7.96 -2.62 10.35
N GLY B 35 7.14 -1.56 10.29
CA GLY B 35 7.62 -0.17 10.24
C GLY B 35 6.59 0.85 10.73
N LYS B 36 6.01 1.62 9.80
CA LYS B 36 5.02 2.69 10.07
C LYS B 36 4.07 2.86 8.87
N ILE B 37 2.79 3.12 9.15
CA ILE B 37 1.73 3.29 8.16
C ILE B 37 1.15 4.71 8.24
N LEU B 38 1.02 5.34 7.08
CA LEU B 38 0.52 6.70 6.93
C LEU B 38 -0.99 6.75 6.68
N ASP B 39 -1.44 5.93 5.72
CA ASP B 39 -2.81 5.85 5.21
C ASP B 39 -3.13 4.40 4.81
N VAL B 40 -4.41 4.04 4.85
CA VAL B 40 -4.92 2.71 4.44
C VAL B 40 -6.33 2.88 3.87
N GLU B 41 -6.69 2.14 2.81
CA GLU B 41 -8.08 2.08 2.34
C GLU B 41 -8.52 0.67 1.90
N ILE B 42 -9.83 0.46 1.88
CA ILE B 42 -10.48 -0.82 1.56
C ILE B 42 -11.56 -0.59 0.50
N ILE B 43 -11.65 -1.53 -0.44
CA ILE B 43 -12.56 -1.40 -1.58
C ILE B 43 -13.99 -1.71 -1.12
N PHE B 44 -14.89 -0.77 -1.39
CA PHE B 44 -16.25 -0.74 -0.87
C PHE B 44 -17.35 -0.99 -1.91
N ASN B 45 -18.47 -1.50 -1.42
CA ASN B 45 -19.68 -1.84 -2.17
C ASN B 45 -20.92 -1.71 -1.26
N GLU B 46 -22.11 -1.86 -1.84
CA GLU B 46 -23.43 -1.95 -1.18
C GLU B 46 -23.46 -3.04 -0.08
N ARG B 47 -22.67 -4.12 -0.24
CA ARG B 47 -22.47 -5.23 0.71
C ARG B 47 -21.52 -4.91 1.89
N GLY B 48 -20.79 -3.79 1.84
CA GLY B 48 -19.67 -3.46 2.74
C GLY B 48 -18.33 -3.61 2.02
N SER B 49 -17.28 -4.06 2.72
CA SER B 49 -15.98 -4.36 2.10
C SER B 49 -16.06 -5.53 1.12
N LYS B 50 -15.38 -5.40 -0.03
CA LYS B 50 -15.17 -6.48 -1.02
C LYS B 50 -14.22 -7.60 -0.51
N GLY B 51 -13.60 -7.42 0.66
CA GLY B 51 -12.52 -8.28 1.15
C GLY B 51 -11.26 -8.05 0.33
N PHE B 52 -10.96 -6.77 0.10
CA PHE B 52 -10.00 -6.25 -0.88
C PHE B 52 -9.60 -4.84 -0.45
N GLY B 53 -8.31 -4.47 -0.52
CA GLY B 53 -7.87 -3.13 -0.09
C GLY B 53 -6.42 -2.80 -0.44
N PHE B 54 -5.86 -1.81 0.25
CA PHE B 54 -4.49 -1.32 0.06
C PHE B 54 -4.00 -0.46 1.25
N VAL B 55 -2.67 -0.36 1.36
CA VAL B 55 -1.93 0.22 2.50
C VAL B 55 -0.85 1.17 2.00
N THR B 56 -0.59 2.28 2.69
CA THR B 56 0.49 3.23 2.39
C THR B 56 1.51 3.23 3.53
N PHE B 57 2.60 2.50 3.33
CA PHE B 57 3.78 2.54 4.21
C PHE B 57 4.45 3.92 4.22
N GLU B 58 5.11 4.27 5.33
CA GLU B 58 6.00 5.44 5.48
C GLU B 58 7.19 5.38 4.50
N ASN B 59 7.75 4.19 4.28
CA ASN B 59 8.93 3.94 3.45
C ASN B 59 8.89 2.58 2.75
N SER B 60 9.42 2.53 1.53
CA SER B 60 9.53 1.32 0.70
C SER B 60 10.36 0.22 1.38
N ALA B 61 11.25 0.61 2.30
CA ALA B 61 12.15 -0.25 3.05
C ALA B 61 11.44 -1.39 3.76
N ASP B 62 10.33 -1.07 4.46
CA ASP B 62 9.51 -2.05 5.16
C ASP B 62 8.32 -2.50 4.31
N ALA B 63 7.92 -1.70 3.32
CA ALA B 63 6.83 -2.06 2.40
C ALA B 63 7.19 -3.30 1.56
N ASP B 64 8.45 -3.38 1.12
CA ASP B 64 8.94 -4.43 0.21
C ASP B 64 9.02 -5.79 0.93
N ARG B 65 9.72 -5.82 2.08
CA ARG B 65 9.76 -6.99 2.97
C ARG B 65 8.39 -7.36 3.53
N ALA B 66 7.59 -6.40 3.99
CA ALA B 66 6.28 -6.71 4.58
C ALA B 66 5.42 -7.50 3.59
N ARG B 67 5.25 -7.01 2.35
CA ARG B 67 4.52 -7.71 1.28
C ARG B 67 5.06 -9.12 1.05
N GLU B 68 6.37 -9.36 1.07
CA GLU B 68 6.96 -10.70 0.95
C GLU B 68 6.55 -11.62 2.11
N LYS B 69 6.56 -11.11 3.35
CA LYS B 69 6.18 -11.87 4.54
C LYS B 69 4.66 -12.14 4.61
N LEU B 70 3.84 -11.16 4.25
CA LEU B 70 2.37 -11.21 4.31
C LEU B 70 1.73 -12.01 3.16
N HIS B 71 2.26 -11.92 1.94
CA HIS B 71 1.82 -12.78 0.81
C HIS B 71 2.00 -14.26 1.18
N GLY B 72 0.94 -15.06 1.10
CA GLY B 72 0.92 -16.45 1.60
C GLY B 72 0.48 -16.64 3.06
N THR B 73 0.32 -15.57 3.84
CA THR B 73 -0.35 -15.60 5.17
C THR B 73 -1.84 -15.91 4.95
N VAL B 74 -2.53 -16.44 5.95
CA VAL B 74 -3.90 -16.97 5.82
C VAL B 74 -4.87 -16.24 6.76
N VAL B 75 -4.88 -14.90 6.66
CA VAL B 75 -5.60 -14.04 7.60
C VAL B 75 -7.08 -14.36 7.64
N GLU B 76 -7.62 -14.48 8.86
CA GLU B 76 -8.99 -14.94 9.10
C GLU B 76 -9.39 -16.25 8.37
N GLY B 77 -8.41 -17.13 8.21
CA GLY B 77 -8.50 -18.42 7.52
C GLY B 77 -8.39 -18.39 6.00
N ARG B 78 -8.07 -17.26 5.36
CA ARG B 78 -8.00 -17.11 3.90
C ARG B 78 -6.58 -16.75 3.46
N LYS B 79 -5.89 -17.66 2.77
CA LYS B 79 -4.59 -17.38 2.13
C LYS B 79 -4.63 -16.13 1.23
N ILE B 80 -3.99 -15.05 1.69
CA ILE B 80 -3.94 -13.73 1.05
C ILE B 80 -2.86 -13.61 -0.03
N GLU B 81 -3.05 -12.58 -0.84
CA GLU B 81 -2.06 -12.09 -1.80
C GLU B 81 -1.84 -10.59 -1.60
N VAL B 82 -0.59 -10.15 -1.78
CA VAL B 82 -0.11 -8.77 -1.58
C VAL B 82 0.91 -8.44 -2.66
N ASN B 83 0.88 -7.24 -3.23
CA ASN B 83 1.91 -6.71 -4.14
C ASN B 83 1.97 -5.18 -4.07
N ASN B 84 2.96 -4.55 -4.71
CA ASN B 84 2.97 -3.09 -4.88
C ASN B 84 1.76 -2.65 -5.72
N ALA B 85 1.09 -1.59 -5.25
CA ALA B 85 -0.20 -1.10 -5.70
C ALA B 85 -0.22 -0.39 -7.08
N THR B 86 -1.42 0.10 -7.36
CA THR B 86 -1.92 0.78 -8.55
C THR B 86 -1.36 2.20 -8.81
N ALA B 87 -1.66 2.64 -10.03
CA ALA B 87 -1.56 3.93 -10.69
C ALA B 87 -2.06 5.14 -9.85
N ARG B 88 -3.27 5.64 -10.16
CA ARG B 88 -4.03 6.69 -9.45
C ARG B 88 -3.46 8.11 -9.51
N VAL B 89 -2.70 8.42 -10.57
CA VAL B 89 -2.26 9.77 -10.94
C VAL B 89 -3.46 10.61 -11.46
N MET B 90 -3.37 11.94 -11.43
CA MET B 90 -4.51 12.84 -11.70
C MET B 90 -4.95 12.95 -13.17
N THR B 91 -4.22 12.28 -14.06
CA THR B 91 -4.54 12.04 -15.47
C THR B 91 -3.54 11.02 -16.02
N ASN B 92 -3.98 9.77 -16.12
CA ASN B 92 -3.17 8.65 -16.63
C ASN B 92 -2.89 8.72 -18.14
N LYS B 93 -3.82 9.30 -18.92
CA LYS B 93 -3.83 9.30 -20.39
C LYS B 93 -3.00 10.42 -21.05
N LYS B 94 -3.11 11.66 -20.55
CA LYS B 94 -2.47 12.87 -21.09
C LYS B 94 -1.51 13.51 -20.08
N THR B 95 -0.73 14.49 -20.53
CA THR B 95 0.28 15.21 -19.74
C THR B 95 0.44 16.67 -20.21
N VAL B 96 1.40 17.40 -19.65
CA VAL B 96 1.72 18.81 -19.99
C VAL B 96 2.06 18.95 -21.49
N ASN B 97 1.60 20.03 -22.10
CA ASN B 97 1.74 20.30 -23.53
C ASN B 97 3.21 20.67 -23.84
N PRO B 98 3.72 20.33 -25.03
CA PRO B 98 5.14 20.42 -25.34
C PRO B 98 5.67 21.85 -25.54
N TYR B 99 4.81 22.75 -26.05
CA TYR B 99 5.15 24.17 -26.25
C TYR B 99 5.25 24.94 -24.93
N THR B 100 6.14 25.95 -24.89
CA THR B 100 6.47 26.77 -23.70
C THR B 100 5.92 28.19 -23.77
N ASN B 101 4.96 28.45 -24.68
CA ASN B 101 4.39 29.78 -24.95
C ASN B 101 3.57 30.37 -23.79
N GLY B 102 3.04 29.54 -22.88
CA GLY B 102 2.21 29.94 -21.74
C GLY B 102 0.86 30.55 -22.12
N HIS B 1 3.98 22.49 -8.19
CA HIS B 1 3.83 21.02 -8.05
C HIS B 1 5.16 20.27 -7.85
N MET B 2 5.99 20.84 -6.98
CA MET B 2 7.25 20.24 -6.50
C MET B 2 7.00 19.15 -5.46
N ASN B 3 7.91 18.16 -5.40
CA ASN B 3 7.85 17.03 -4.47
C ASN B 3 8.94 17.09 -3.39
N THR B 4 10.23 17.14 -3.79
CA THR B 4 11.43 17.18 -2.92
C THR B 4 11.44 16.16 -1.77
N GLU B 5 10.79 15.01 -1.97
CA GLU B 5 10.66 13.88 -1.03
C GLU B 5 11.97 13.08 -0.83
N ASN B 6 11.93 12.13 0.11
CA ASN B 6 12.94 11.11 0.34
C ASN B 6 13.14 10.17 -0.88
N LYS B 7 14.06 9.22 -0.78
CA LYS B 7 14.37 8.23 -1.82
C LYS B 7 13.39 7.05 -1.85
N SER B 8 12.98 6.56 -0.67
CA SER B 8 12.13 5.38 -0.47
C SER B 8 10.69 5.62 -0.94
N GLN B 9 10.03 6.57 -0.26
CA GLN B 9 8.70 7.10 -0.53
C GLN B 9 7.54 6.10 -0.30
N PRO B 10 6.33 6.59 0.03
CA PRO B 10 5.19 5.73 0.32
C PRO B 10 4.70 4.95 -0.91
N LYS B 11 4.33 3.68 -0.71
CA LYS B 11 3.63 2.84 -1.70
C LYS B 11 2.32 2.31 -1.14
N ARG B 12 1.35 2.09 -2.02
CA ARG B 12 0.12 1.35 -1.72
C ARG B 12 0.35 -0.15 -2.02
N LEU B 13 0.16 -1.00 -1.02
CA LEU B 13 0.19 -2.47 -1.13
C LEU B 13 -1.25 -2.96 -1.19
N HIS B 14 -1.68 -3.48 -2.32
CA HIS B 14 -2.99 -4.13 -2.47
C HIS B 14 -3.00 -5.48 -1.77
N VAL B 15 -4.09 -5.79 -1.05
CA VAL B 15 -4.25 -6.95 -0.17
C VAL B 15 -5.56 -7.69 -0.50
N SER B 16 -5.53 -9.02 -0.56
CA SER B 16 -6.67 -9.82 -1.06
C SER B 16 -6.84 -11.13 -0.29
N ASN B 17 -7.95 -11.84 -0.52
CA ASN B 17 -8.42 -13.02 0.20
C ASN B 17 -8.69 -12.83 1.70
N ILE B 18 -8.39 -11.64 2.22
CA ILE B 18 -8.67 -11.16 3.59
C ILE B 18 -10.16 -11.33 3.93
N PRO B 19 -10.52 -11.50 5.21
CA PRO B 19 -11.91 -11.75 5.60
C PRO B 19 -12.81 -10.56 5.29
N PHE B 20 -14.11 -10.81 5.05
CA PHE B 20 -15.14 -9.76 4.84
C PHE B 20 -15.13 -8.70 5.98
N ARG B 21 -14.77 -9.12 7.21
CA ARG B 21 -14.75 -8.27 8.41
C ARG B 21 -13.64 -7.23 8.44
N PHE B 22 -12.52 -7.42 7.72
CA PHE B 22 -11.35 -6.53 7.80
C PHE B 22 -11.73 -5.08 7.47
N ARG B 23 -11.63 -4.21 8.49
CA ARG B 23 -11.72 -2.75 8.41
C ARG B 23 -10.34 -2.13 8.25
N ASP B 24 -10.26 -0.81 8.06
CA ASP B 24 -9.00 -0.09 7.87
C ASP B 24 -7.94 -0.40 8.94
N PRO B 25 -8.23 -0.38 10.27
CA PRO B 25 -7.25 -0.78 11.28
C PRO B 25 -6.89 -2.27 11.25
N ASP B 26 -7.76 -3.16 10.76
CA ASP B 26 -7.48 -4.61 10.71
C ASP B 26 -6.37 -4.94 9.72
N LEU B 27 -6.34 -4.25 8.57
CA LEU B 27 -5.21 -4.32 7.64
C LEU B 27 -3.99 -3.60 8.23
N ARG B 28 -4.16 -2.44 8.87
CA ARG B 28 -3.08 -1.60 9.35
C ARG B 28 -2.25 -2.22 10.47
N GLN B 29 -2.88 -2.99 11.36
CA GLN B 29 -2.19 -3.80 12.37
C GLN B 29 -1.31 -4.91 11.76
N MET B 30 -1.63 -5.32 10.53
CA MET B 30 -0.99 -6.43 9.82
C MET B 30 0.31 -6.03 9.11
N PHE B 31 0.36 -4.79 8.59
CA PHE B 31 1.52 -4.23 7.89
C PHE B 31 2.37 -3.34 8.81
N GLY B 32 1.74 -2.56 9.69
CA GLY B 32 2.42 -1.56 10.53
C GLY B 32 3.38 -2.13 11.57
N GLN B 33 3.33 -3.44 11.81
CA GLN B 33 4.29 -4.18 12.64
C GLN B 33 5.74 -4.07 12.13
N PHE B 34 5.95 -3.85 10.82
CA PHE B 34 7.29 -3.72 10.21
C PHE B 34 7.85 -2.28 10.24
N GLY B 35 6.99 -1.25 10.21
CA GLY B 35 7.42 0.15 10.20
C GLY B 35 6.33 1.14 10.66
N LYS B 36 5.82 1.95 9.72
CA LYS B 36 4.77 2.96 9.94
C LYS B 36 3.80 3.01 8.76
N ILE B 37 2.51 3.22 9.04
CA ILE B 37 1.42 3.29 8.07
C ILE B 37 0.81 4.69 8.08
N LEU B 38 0.44 5.19 6.90
CA LEU B 38 -0.12 6.54 6.71
C LEU B 38 -1.64 6.50 6.63
N ASP B 39 -2.14 5.75 5.66
CA ASP B 39 -3.55 5.61 5.27
C ASP B 39 -3.82 4.16 4.86
N VAL B 40 -5.04 3.66 5.09
CA VAL B 40 -5.42 2.29 4.72
C VAL B 40 -6.86 2.25 4.20
N GLU B 41 -7.04 1.51 3.12
CA GLU B 41 -8.27 1.34 2.37
C GLU B 41 -8.71 -0.12 2.29
N ILE B 42 -10.02 -0.35 2.34
CA ILE B 42 -10.69 -1.61 1.98
C ILE B 42 -11.73 -1.19 0.96
N ILE B 43 -11.79 -1.89 -0.17
CA ILE B 43 -12.59 -1.42 -1.31
C ILE B 43 -14.04 -1.27 -0.88
N PHE B 44 -14.53 -0.03 -0.96
CA PHE B 44 -15.80 0.35 -0.38
C PHE B 44 -16.88 0.39 -1.47
N ASN B 45 -18.02 -0.26 -1.20
CA ASN B 45 -19.16 -0.28 -2.11
C ASN B 45 -20.50 -0.27 -1.39
N GLU B 46 -21.55 -0.55 -2.15
CA GLU B 46 -22.95 -0.61 -1.70
C GLU B 46 -23.21 -1.66 -0.59
N ARG B 47 -22.37 -2.70 -0.46
CA ARG B 47 -22.35 -3.65 0.67
C ARG B 47 -21.46 -3.24 1.85
N GLY B 48 -20.59 -2.24 1.67
CA GLY B 48 -19.55 -1.85 2.62
C GLY B 48 -18.18 -2.46 2.27
N SER B 49 -17.54 -3.14 3.22
CA SER B 49 -16.22 -3.77 3.06
C SER B 49 -16.26 -5.02 2.17
N LYS B 50 -15.37 -5.11 1.16
CA LYS B 50 -15.36 -6.19 0.15
C LYS B 50 -14.62 -7.50 0.52
N GLY B 51 -13.68 -7.47 1.47
CA GLY B 51 -12.73 -8.58 1.73
C GLY B 51 -11.51 -8.48 0.82
N PHE B 52 -11.08 -7.23 0.55
CA PHE B 52 -10.11 -6.80 -0.43
C PHE B 52 -9.74 -5.34 -0.13
N GLY B 53 -8.47 -4.95 -0.18
CA GLY B 53 -8.06 -3.59 0.19
C GLY B 53 -6.67 -3.20 -0.25
N PHE B 54 -6.13 -2.15 0.37
CA PHE B 54 -4.79 -1.63 0.15
C PHE B 54 -4.28 -0.80 1.33
N VAL B 55 -2.99 -0.90 1.60
CA VAL B 55 -2.29 -0.22 2.69
C VAL B 55 -1.26 0.74 2.14
N THR B 56 -1.24 1.99 2.62
CA THR B 56 -0.25 2.98 2.24
C THR B 56 0.82 3.06 3.34
N PHE B 57 1.91 2.34 3.13
CA PHE B 57 3.10 2.40 3.99
C PHE B 57 3.78 3.79 3.93
N GLU B 58 4.44 4.20 5.01
CA GLU B 58 5.27 5.43 5.08
C GLU B 58 6.41 5.42 4.05
N ASN B 59 7.04 4.26 3.83
CA ASN B 59 8.23 4.10 2.98
C ASN B 59 8.27 2.74 2.29
N SER B 60 8.84 2.70 1.09
CA SER B 60 9.05 1.48 0.30
C SER B 60 9.87 0.42 1.06
N ALA B 61 10.73 0.88 1.97
CA ALA B 61 11.66 0.10 2.77
C ALA B 61 10.97 -1.03 3.54
N ASP B 62 9.85 -0.73 4.20
CA ASP B 62 9.05 -1.69 4.94
C ASP B 62 7.82 -2.16 4.15
N ALA B 63 7.36 -1.38 3.18
CA ALA B 63 6.29 -1.76 2.26
C ALA B 63 6.62 -3.06 1.52
N ASP B 64 7.87 -3.18 1.05
CA ASP B 64 8.31 -4.24 0.16
C ASP B 64 8.52 -5.56 0.92
N ARG B 65 9.29 -5.52 2.02
CA ARG B 65 9.42 -6.64 2.96
C ARG B 65 8.08 -7.06 3.55
N ALA B 66 7.25 -6.12 4.00
CA ALA B 66 5.95 -6.44 4.56
C ALA B 66 5.09 -7.22 3.54
N ARG B 67 4.93 -6.70 2.31
CA ARG B 67 4.25 -7.39 1.21
C ARG B 67 4.85 -8.77 0.90
N GLU B 68 6.18 -8.97 1.00
CA GLU B 68 6.80 -10.31 0.92
C GLU B 68 6.42 -11.24 2.07
N LYS B 69 6.53 -10.77 3.33
CA LYS B 69 6.28 -11.61 4.52
C LYS B 69 4.80 -11.98 4.66
N LEU B 70 3.91 -11.03 4.36
CA LEU B 70 2.45 -11.19 4.43
C LEU B 70 1.89 -12.01 3.26
N HIS B 71 2.42 -11.87 2.04
CA HIS B 71 2.06 -12.76 0.93
C HIS B 71 2.34 -14.22 1.28
N GLY B 72 1.35 -15.10 1.11
CA GLY B 72 1.41 -16.50 1.56
C GLY B 72 0.97 -16.75 3.01
N THR B 73 0.70 -15.70 3.81
CA THR B 73 0.00 -15.81 5.11
C THR B 73 -1.45 -16.22 4.83
N VAL B 74 -2.15 -16.80 5.81
CA VAL B 74 -3.46 -17.45 5.62
C VAL B 74 -4.50 -16.89 6.59
N VAL B 75 -4.59 -15.55 6.60
CA VAL B 75 -5.37 -14.82 7.60
C VAL B 75 -6.87 -15.19 7.55
N GLU B 76 -7.44 -15.52 8.71
CA GLU B 76 -8.79 -16.12 8.87
C GLU B 76 -9.05 -17.31 7.96
N GLY B 77 -7.99 -18.10 7.82
CA GLY B 77 -7.93 -19.37 7.10
C GLY B 77 -7.78 -19.28 5.57
N ARG B 78 -7.61 -18.07 5.00
CA ARG B 78 -7.50 -17.86 3.55
C ARG B 78 -6.11 -17.37 3.18
N LYS B 79 -5.32 -18.20 2.48
CA LYS B 79 -4.02 -17.79 1.91
C LYS B 79 -4.14 -16.52 1.07
N ILE B 80 -3.64 -15.41 1.61
CA ILE B 80 -3.67 -14.08 1.02
C ILE B 80 -2.59 -13.88 -0.05
N GLU B 81 -2.85 -12.89 -0.89
CA GLU B 81 -1.89 -12.34 -1.84
C GLU B 81 -1.73 -10.84 -1.55
N VAL B 82 -0.49 -10.36 -1.65
CA VAL B 82 -0.14 -8.94 -1.45
C VAL B 82 0.78 -8.48 -2.57
N ASN B 83 0.48 -7.33 -3.16
CA ASN B 83 1.13 -6.80 -4.38
C ASN B 83 1.12 -5.27 -4.40
N ASN B 84 2.17 -4.62 -4.92
CA ASN B 84 2.18 -3.16 -5.10
C ASN B 84 1.07 -2.73 -6.08
N ALA B 85 0.35 -1.65 -5.75
CA ALA B 85 -0.80 -1.16 -6.51
C ALA B 85 -0.48 -0.65 -7.94
N THR B 86 -1.53 -0.34 -8.70
CA THR B 86 -1.44 -0.15 -10.17
C THR B 86 -2.17 1.02 -10.81
N ALA B 87 -2.47 2.02 -10.00
CA ALA B 87 -3.32 3.17 -10.37
C ALA B 87 -2.97 4.50 -9.66
N ARG B 88 -3.67 5.57 -10.06
CA ARG B 88 -3.62 6.96 -9.54
C ARG B 88 -2.35 7.79 -9.82
N VAL B 89 -1.36 7.24 -10.52
CA VAL B 89 -0.17 7.98 -10.99
C VAL B 89 0.42 7.38 -12.27
N MET B 90 0.74 8.25 -13.24
CA MET B 90 1.24 7.89 -14.58
C MET B 90 2.27 8.91 -15.12
N THR B 91 2.90 9.68 -14.23
CA THR B 91 3.85 10.77 -14.54
C THR B 91 5.26 10.30 -14.90
N ASN B 92 5.62 9.06 -14.54
CA ASN B 92 6.82 8.31 -14.98
C ASN B 92 8.17 9.06 -14.87
N LYS B 93 8.43 9.72 -13.73
CA LYS B 93 9.64 10.55 -13.51
C LYS B 93 10.95 9.78 -13.69
N LYS B 94 11.00 8.53 -13.19
CA LYS B 94 12.23 7.68 -13.13
C LYS B 94 12.57 6.93 -14.41
N THR B 95 11.62 6.85 -15.35
CA THR B 95 11.60 5.99 -16.55
C THR B 95 11.60 4.48 -16.18
N VAL B 96 11.01 3.63 -17.04
CA VAL B 96 10.66 2.22 -16.76
C VAL B 96 11.74 1.17 -16.72
N ASN B 97 12.97 1.63 -16.75
CA ASN B 97 14.16 0.83 -16.94
C ASN B 97 15.48 1.42 -16.42
N PRO B 98 16.23 0.64 -15.60
CA PRO B 98 17.56 0.96 -15.08
C PRO B 98 18.71 0.16 -15.73
N TYR B 99 18.42 -1.04 -16.24
CA TYR B 99 19.40 -2.07 -16.65
C TYR B 99 19.48 -2.42 -18.14
N THR B 100 18.85 -1.61 -19.00
CA THR B 100 18.81 -1.81 -20.45
C THR B 100 20.21 -1.75 -21.08
N ASN B 101 20.64 -2.89 -21.64
CA ASN B 101 22.00 -3.17 -22.10
C ASN B 101 22.09 -3.34 -23.64
N GLY B 102 21.73 -4.51 -24.19
CA GLY B 102 21.84 -4.86 -25.62
C GLY B 102 23.17 -5.51 -25.98
N HIS B 1 20.08 25.20 -0.29
CA HIS B 1 20.09 24.50 1.01
C HIS B 1 19.94 22.98 0.77
N MET B 2 21.05 22.25 0.92
CA MET B 2 21.07 20.78 0.84
C MET B 2 20.36 20.15 2.05
N ASN B 3 19.60 19.08 1.77
CA ASN B 3 18.66 18.45 2.72
C ASN B 3 18.76 16.92 2.76
N THR B 4 19.02 16.27 1.62
CA THR B 4 19.16 14.81 1.44
C THR B 4 18.04 13.98 2.12
N GLU B 5 16.82 14.54 2.05
CA GLU B 5 15.55 13.92 2.49
C GLU B 5 15.21 12.60 1.75
N ASN B 6 14.11 11.95 2.17
CA ASN B 6 13.74 10.59 1.77
C ASN B 6 13.69 10.36 0.24
N LYS B 7 13.97 9.10 -0.09
CA LYS B 7 14.12 8.54 -1.46
C LYS B 7 13.29 7.30 -1.69
N SER B 8 13.06 6.49 -0.66
CA SER B 8 12.25 5.27 -0.69
C SER B 8 10.78 5.61 -0.97
N GLN B 9 10.25 6.63 -0.27
CA GLN B 9 8.92 7.24 -0.44
C GLN B 9 7.75 6.29 -0.11
N PRO B 10 6.58 6.82 0.28
CA PRO B 10 5.42 5.99 0.57
C PRO B 10 4.96 5.24 -0.68
N LYS B 11 4.69 3.94 -0.51
CA LYS B 11 4.03 3.10 -1.52
C LYS B 11 2.73 2.57 -0.96
N ARG B 12 1.78 2.36 -1.86
CA ARG B 12 0.56 1.62 -1.59
C ARG B 12 0.77 0.13 -1.91
N LEU B 13 0.24 -0.73 -1.05
CA LEU B 13 0.23 -2.19 -1.18
C LEU B 13 -1.23 -2.64 -1.32
N HIS B 14 -1.59 -3.29 -2.41
CA HIS B 14 -2.87 -3.98 -2.58
C HIS B 14 -2.92 -5.23 -1.69
N VAL B 15 -4.04 -5.41 -0.98
CA VAL B 15 -4.32 -6.57 -0.12
C VAL B 15 -5.63 -7.24 -0.56
N SER B 16 -5.67 -8.58 -0.58
CA SER B 16 -6.77 -9.36 -1.18
C SER B 16 -6.96 -10.71 -0.46
N ASN B 17 -8.07 -11.40 -0.75
CA ASN B 17 -8.50 -12.67 -0.12
C ASN B 17 -8.84 -12.54 1.38
N ILE B 18 -8.75 -11.32 1.91
CA ILE B 18 -9.03 -10.94 3.29
C ILE B 18 -10.51 -11.20 3.65
N PRO B 19 -10.84 -11.53 4.91
CA PRO B 19 -12.22 -11.81 5.30
C PRO B 19 -13.10 -10.56 5.19
N PHE B 20 -14.41 -10.78 5.04
CA PHE B 20 -15.44 -9.72 5.07
C PHE B 20 -15.32 -8.79 6.32
N ARG B 21 -14.80 -9.31 7.44
CA ARG B 21 -14.63 -8.60 8.72
C ARG B 21 -13.42 -7.67 8.82
N PHE B 22 -12.41 -7.79 7.97
CA PHE B 22 -11.25 -6.87 7.96
C PHE B 22 -11.69 -5.44 7.60
N ARG B 23 -11.26 -4.46 8.42
CA ARG B 23 -11.41 -3.02 8.25
C ARG B 23 -10.05 -2.33 8.40
N ASP B 24 -10.03 -0.99 8.35
CA ASP B 24 -8.80 -0.18 8.31
C ASP B 24 -7.76 -0.62 9.36
N PRO B 25 -8.08 -0.74 10.68
CA PRO B 25 -7.07 -1.16 11.66
C PRO B 25 -6.70 -2.65 11.55
N ASP B 26 -7.55 -3.51 10.98
CA ASP B 26 -7.24 -4.94 10.77
C ASP B 26 -6.21 -5.15 9.66
N LEU B 27 -6.21 -4.30 8.63
CA LEU B 27 -5.10 -4.25 7.68
C LEU B 27 -3.87 -3.58 8.33
N ARG B 28 -4.05 -2.46 9.02
CA ARG B 28 -2.96 -1.61 9.49
C ARG B 28 -2.10 -2.24 10.58
N GLN B 29 -2.72 -3.05 11.43
CA GLN B 29 -2.04 -3.85 12.45
C GLN B 29 -1.14 -4.95 11.83
N MET B 30 -1.42 -5.33 10.57
CA MET B 30 -0.75 -6.42 9.87
C MET B 30 0.52 -5.96 9.15
N PHE B 31 0.51 -4.74 8.60
CA PHE B 31 1.64 -4.16 7.89
C PHE B 31 2.51 -3.29 8.81
N GLY B 32 1.89 -2.53 9.71
CA GLY B 32 2.59 -1.53 10.54
C GLY B 32 3.56 -2.10 11.57
N GLN B 33 3.52 -3.42 11.81
CA GLN B 33 4.49 -4.13 12.63
C GLN B 33 5.95 -4.00 12.13
N PHE B 34 6.15 -3.79 10.82
CA PHE B 34 7.49 -3.66 10.22
C PHE B 34 8.04 -2.23 10.25
N GLY B 35 7.18 -1.20 10.20
CA GLY B 35 7.59 0.22 10.21
C GLY B 35 6.50 1.16 10.73
N LYS B 36 5.90 1.95 9.82
CA LYS B 36 4.80 2.90 10.10
C LYS B 36 3.87 3.04 8.90
N ILE B 37 2.58 3.22 9.18
CA ILE B 37 1.50 3.33 8.19
C ILE B 37 0.86 4.71 8.27
N LEU B 38 0.59 5.30 7.10
CA LEU B 38 0.03 6.64 6.94
C LEU B 38 -1.51 6.60 6.81
N ASP B 39 -1.99 5.76 5.90
CA ASP B 39 -3.38 5.68 5.47
C ASP B 39 -3.70 4.28 4.96
N VAL B 40 -4.94 3.81 5.10
CA VAL B 40 -5.33 2.42 4.78
C VAL B 40 -6.74 2.37 4.21
N GLU B 41 -6.92 1.58 3.16
CA GLU B 41 -8.16 1.49 2.37
C GLU B 41 -8.76 0.08 2.40
N ILE B 42 -10.07 0.02 2.55
CA ILE B 42 -10.85 -1.17 2.25
C ILE B 42 -11.91 -0.65 1.29
N ILE B 43 -11.99 -1.24 0.08
CA ILE B 43 -12.72 -0.64 -1.03
C ILE B 43 -14.22 -0.51 -0.72
N PHE B 44 -14.71 0.72 -0.69
CA PHE B 44 -16.09 1.02 -0.34
C PHE B 44 -17.04 0.67 -1.48
N ASN B 45 -18.20 0.13 -1.11
CA ASN B 45 -19.16 -0.49 -2.01
C ASN B 45 -20.61 -0.40 -1.49
N GLU B 46 -21.55 -0.90 -2.28
CA GLU B 46 -22.97 -0.95 -1.92
C GLU B 46 -23.30 -1.99 -0.81
N ARG B 47 -22.40 -2.94 -0.52
CA ARG B 47 -22.51 -3.87 0.64
C ARG B 47 -22.26 -3.18 1.99
N GLY B 48 -21.52 -2.07 2.00
CA GLY B 48 -21.02 -1.36 3.19
C GLY B 48 -19.56 -1.70 3.58
N SER B 49 -19.03 -2.84 3.11
CA SER B 49 -17.61 -3.22 3.17
C SER B 49 -17.27 -4.29 2.13
N LYS B 50 -16.04 -4.30 1.62
CA LYS B 50 -15.46 -5.34 0.76
C LYS B 50 -14.32 -6.12 1.44
N GLY B 51 -14.09 -7.36 1.01
CA GLY B 51 -12.96 -8.21 1.42
C GLY B 51 -11.73 -8.02 0.52
N PHE B 52 -11.27 -6.78 0.35
CA PHE B 52 -10.28 -6.29 -0.62
C PHE B 52 -9.83 -4.88 -0.20
N GLY B 53 -8.54 -4.56 -0.28
CA GLY B 53 -8.06 -3.26 0.20
C GLY B 53 -6.67 -2.84 -0.29
N PHE B 54 -6.15 -1.80 0.35
CA PHE B 54 -4.81 -1.24 0.14
C PHE B 54 -4.24 -0.69 1.45
N VAL B 55 -2.93 -0.57 1.56
CA VAL B 55 -2.21 0.03 2.70
C VAL B 55 -1.15 1.00 2.21
N THR B 56 -1.07 2.19 2.78
CA THR B 56 -0.07 3.22 2.46
C THR B 56 1.03 3.22 3.53
N PHE B 57 2.11 2.49 3.26
CA PHE B 57 3.32 2.52 4.10
C PHE B 57 4.00 3.91 4.07
N GLU B 58 4.64 4.32 5.16
CA GLU B 58 5.45 5.55 5.23
C GLU B 58 6.61 5.57 4.22
N ASN B 59 7.27 4.43 4.02
CA ASN B 59 8.43 4.27 3.14
C ASN B 59 8.45 2.89 2.47
N SER B 60 8.98 2.86 1.24
CA SER B 60 9.10 1.66 0.41
C SER B 60 9.99 0.59 1.05
N ALA B 61 10.87 1.01 1.97
CA ALA B 61 11.80 0.16 2.71
C ALA B 61 11.09 -0.99 3.46
N ASP B 62 10.01 -0.66 4.17
CA ASP B 62 9.22 -1.63 4.92
C ASP B 62 7.99 -2.10 4.13
N ALA B 63 7.50 -1.31 3.19
CA ALA B 63 6.41 -1.69 2.29
C ALA B 63 6.74 -2.97 1.52
N ASP B 64 7.98 -3.06 1.02
CA ASP B 64 8.42 -4.15 0.14
C ASP B 64 8.55 -5.47 0.92
N ARG B 65 9.38 -5.46 1.97
CA ARG B 65 9.52 -6.60 2.89
C ARG B 65 8.19 -6.99 3.52
N ALA B 66 7.39 -6.04 3.99
CA ALA B 66 6.10 -6.35 4.60
C ALA B 66 5.21 -7.14 3.63
N ARG B 67 4.94 -6.65 2.42
CA ARG B 67 4.22 -7.39 1.39
C ARG B 67 4.86 -8.76 1.15
N GLU B 68 6.19 -8.89 1.10
CA GLU B 68 6.85 -10.18 0.91
C GLU B 68 6.49 -11.19 2.02
N LYS B 69 6.53 -10.75 3.30
CA LYS B 69 6.24 -11.58 4.47
C LYS B 69 4.75 -11.89 4.62
N LEU B 70 3.88 -10.92 4.32
CA LEU B 70 2.43 -11.05 4.43
C LEU B 70 1.82 -11.86 3.28
N HIS B 71 2.33 -11.75 2.05
CA HIS B 71 1.98 -12.64 0.94
C HIS B 71 2.25 -14.10 1.31
N GLY B 72 1.25 -14.96 1.17
CA GLY B 72 1.28 -16.34 1.69
C GLY B 72 0.83 -16.51 3.15
N THR B 73 0.52 -15.44 3.89
CA THR B 73 -0.10 -15.52 5.23
C THR B 73 -1.53 -16.02 5.12
N VAL B 74 -1.97 -16.77 6.11
CA VAL B 74 -3.24 -17.54 6.12
C VAL B 74 -4.28 -16.80 6.95
N VAL B 75 -4.48 -15.52 6.59
CA VAL B 75 -5.54 -14.69 7.21
C VAL B 75 -6.91 -15.27 6.88
N GLU B 76 -7.72 -15.54 7.91
CA GLU B 76 -8.98 -16.32 7.83
C GLU B 76 -8.77 -17.77 7.30
N GLY B 77 -7.51 -18.22 7.22
CA GLY B 77 -7.05 -19.47 6.62
C GLY B 77 -6.81 -19.40 5.10
N ARG B 78 -6.88 -18.22 4.47
CA ARG B 78 -6.95 -18.06 3.01
C ARG B 78 -5.68 -17.83 2.19
N LYS B 79 -4.50 -18.01 2.78
CA LYS B 79 -3.18 -17.91 2.11
C LYS B 79 -3.14 -16.74 1.10
N ILE B 80 -3.23 -15.54 1.66
CA ILE B 80 -3.47 -14.24 1.03
C ILE B 80 -2.43 -13.85 -0.04
N GLU B 81 -2.78 -12.85 -0.85
CA GLU B 81 -1.85 -12.16 -1.74
C GLU B 81 -1.72 -10.68 -1.38
N VAL B 82 -0.51 -10.14 -1.58
CA VAL B 82 -0.20 -8.70 -1.48
C VAL B 82 0.69 -8.29 -2.66
N ASN B 83 0.37 -7.16 -3.30
CA ASN B 83 1.10 -6.62 -4.47
C ASN B 83 1.29 -5.10 -4.32
N ASN B 84 2.15 -4.46 -5.11
CA ASN B 84 2.17 -2.99 -5.17
C ASN B 84 0.90 -2.50 -5.92
N ALA B 85 0.23 -1.53 -5.31
CA ALA B 85 -1.12 -1.05 -5.60
C ALA B 85 -1.37 -0.14 -6.81
N THR B 86 -2.63 -0.22 -7.28
CA THR B 86 -3.40 0.67 -8.19
C THR B 86 -2.78 1.17 -9.52
N ALA B 87 -3.65 1.46 -10.49
CA ALA B 87 -3.34 2.13 -11.75
C ALA B 87 -2.99 3.65 -11.59
N ARG B 88 -3.11 4.21 -10.38
CA ARG B 88 -2.68 5.57 -10.02
C ARG B 88 -1.19 5.83 -10.31
N VAL B 89 -0.83 7.10 -10.50
CA VAL B 89 0.55 7.59 -10.65
C VAL B 89 0.67 8.97 -10.00
N MET B 90 1.82 9.28 -9.38
CA MET B 90 2.04 10.47 -8.52
C MET B 90 2.55 11.71 -9.27
N THR B 91 2.36 11.74 -10.60
CA THR B 91 2.72 12.89 -11.46
C THR B 91 1.58 13.91 -11.56
N ASN B 92 0.38 13.41 -11.87
CA ASN B 92 -0.92 14.11 -11.93
C ASN B 92 -0.93 15.39 -12.79
N LYS B 93 -0.46 16.52 -12.24
CA LYS B 93 -0.48 17.88 -12.84
C LYS B 93 0.89 18.58 -12.83
N LYS B 94 1.99 17.81 -12.72
CA LYS B 94 3.38 18.34 -12.64
C LYS B 94 3.75 19.22 -13.84
N THR B 95 4.64 20.19 -13.60
CA THR B 95 5.02 21.27 -14.53
C THR B 95 6.05 20.84 -15.59
N VAL B 96 5.73 19.77 -16.34
CA VAL B 96 6.53 19.32 -17.50
C VAL B 96 6.50 20.35 -18.64
N ASN B 97 7.64 20.56 -19.27
CA ASN B 97 7.91 21.58 -20.27
C ASN B 97 8.11 21.01 -21.69
N PRO B 98 7.57 21.66 -22.73
CA PRO B 98 7.79 21.27 -24.13
C PRO B 98 9.11 21.82 -24.70
N TYR B 99 9.56 22.99 -24.22
CA TYR B 99 10.80 23.65 -24.62
C TYR B 99 12.04 23.00 -23.98
N THR B 100 13.18 23.03 -24.68
CA THR B 100 14.49 22.57 -24.18
C THR B 100 15.65 23.20 -24.98
N ASN B 101 16.84 23.28 -24.39
CA ASN B 101 18.05 23.81 -25.02
C ASN B 101 18.77 22.78 -25.93
N GLY B 102 19.72 23.27 -26.76
CA GLY B 102 20.50 22.45 -27.71
C GLY B 102 19.71 21.97 -28.91
N HIS B 1 21.38 22.92 -2.14
CA HIS B 1 20.13 23.41 -2.74
C HIS B 1 19.81 22.66 -4.03
N MET B 2 19.36 21.41 -3.85
CA MET B 2 18.99 20.43 -4.88
C MET B 2 17.61 19.80 -4.57
N ASN B 3 17.25 18.69 -5.22
CA ASN B 3 15.96 18.01 -5.07
C ASN B 3 15.58 17.70 -3.60
N THR B 4 16.57 17.25 -2.81
CA THR B 4 16.56 17.03 -1.35
C THR B 4 15.43 16.12 -0.80
N GLU B 5 14.87 15.26 -1.65
CA GLU B 5 13.94 14.19 -1.26
C GLU B 5 14.66 12.92 -0.77
N ASN B 6 13.95 12.05 -0.06
CA ASN B 6 14.43 10.70 0.29
C ASN B 6 14.24 9.73 -0.90
N LYS B 7 14.86 8.54 -0.80
CA LYS B 7 14.94 7.54 -1.88
C LYS B 7 13.99 6.35 -1.70
N SER B 8 13.59 6.02 -0.47
CA SER B 8 12.76 4.85 -0.17
C SER B 8 11.32 5.06 -0.64
N GLN B 9 10.70 6.18 -0.21
CA GLN B 9 9.38 6.68 -0.60
C GLN B 9 8.18 5.74 -0.34
N PRO B 10 6.97 6.27 -0.16
CA PRO B 10 5.79 5.45 0.09
C PRO B 10 5.41 4.60 -1.12
N LYS B 11 5.04 3.34 -0.88
CA LYS B 11 4.42 2.45 -1.88
C LYS B 11 3.04 2.05 -1.41
N ARG B 12 2.16 1.80 -2.37
CA ARG B 12 0.90 1.12 -2.13
C ARG B 12 1.07 -0.39 -2.36
N LEU B 13 0.48 -1.21 -1.51
CA LEU B 13 0.42 -2.68 -1.61
C LEU B 13 -1.03 -3.10 -1.80
N HIS B 14 -1.39 -3.91 -2.79
CA HIS B 14 -2.71 -4.55 -2.84
C HIS B 14 -2.73 -5.70 -1.83
N VAL B 15 -3.90 -5.96 -1.24
CA VAL B 15 -4.11 -7.00 -0.23
C VAL B 15 -5.40 -7.74 -0.55
N SER B 16 -5.38 -9.08 -0.63
CA SER B 16 -6.52 -9.86 -1.12
C SER B 16 -6.82 -11.11 -0.30
N ASN B 17 -7.93 -11.77 -0.60
CA ASN B 17 -8.52 -12.93 0.09
C ASN B 17 -8.98 -12.67 1.54
N ILE B 18 -8.82 -11.43 2.01
CA ILE B 18 -9.05 -10.94 3.37
C ILE B 18 -10.47 -11.26 3.87
N PRO B 19 -10.66 -11.55 5.17
CA PRO B 19 -11.98 -11.86 5.72
C PRO B 19 -12.94 -10.66 5.60
N PHE B 20 -14.24 -10.93 5.58
CA PHE B 20 -15.27 -9.87 5.54
C PHE B 20 -15.17 -8.87 6.70
N ARG B 21 -14.60 -9.27 7.85
CA ARG B 21 -14.35 -8.38 9.01
C ARG B 21 -13.23 -7.35 8.80
N PHE B 22 -12.28 -7.59 7.89
CA PHE B 22 -11.05 -6.78 7.76
C PHE B 22 -11.35 -5.42 7.11
N ARG B 23 -11.31 -4.35 7.93
CA ARG B 23 -11.49 -2.95 7.55
C ARG B 23 -10.14 -2.20 7.50
N ASP B 24 -10.19 -0.89 7.25
CA ASP B 24 -9.07 0.06 7.25
C ASP B 24 -8.06 -0.18 8.43
N PRO B 25 -8.47 -0.09 9.72
CA PRO B 25 -7.58 -0.31 10.85
C PRO B 25 -7.10 -1.77 11.00
N ASP B 26 -7.81 -2.75 10.43
CA ASP B 26 -7.39 -4.17 10.42
C ASP B 26 -6.26 -4.43 9.40
N LEU B 27 -6.33 -3.82 8.20
CA LEU B 27 -5.21 -3.84 7.25
C LEU B 27 -4.00 -3.13 7.86
N ARG B 28 -4.19 -2.00 8.55
CA ARG B 28 -3.10 -1.29 9.23
C ARG B 28 -2.38 -2.13 10.28
N GLN B 29 -3.14 -2.90 11.02
CA GLN B 29 -2.65 -3.83 12.04
C GLN B 29 -1.81 -4.96 11.42
N MET B 30 -2.00 -5.24 10.12
CA MET B 30 -1.33 -6.33 9.42
C MET B 30 0.00 -5.92 8.80
N PHE B 31 0.11 -4.69 8.28
CA PHE B 31 1.32 -4.17 7.64
C PHE B 31 2.15 -3.30 8.59
N GLY B 32 1.52 -2.44 9.40
CA GLY B 32 2.18 -1.46 10.27
C GLY B 32 3.02 -2.06 11.40
N GLN B 33 2.90 -3.36 11.64
CA GLN B 33 3.77 -4.12 12.55
C GLN B 33 5.25 -4.10 12.13
N PHE B 34 5.56 -3.91 10.84
CA PHE B 34 6.95 -3.83 10.34
C PHE B 34 7.53 -2.41 10.32
N GLY B 35 6.69 -1.37 10.13
CA GLY B 35 7.12 0.04 10.11
C GLY B 35 6.02 1.04 10.47
N LYS B 36 5.50 1.77 9.47
CA LYS B 36 4.46 2.81 9.62
C LYS B 36 3.56 2.88 8.38
N ILE B 37 2.26 3.11 8.59
CA ILE B 37 1.24 3.25 7.55
C ILE B 37 0.73 4.70 7.54
N LEU B 38 0.53 5.22 6.33
CA LEU B 38 0.03 6.57 6.08
C LEU B 38 -1.48 6.59 5.83
N ASP B 39 -1.93 5.66 5.00
CA ASP B 39 -3.27 5.60 4.43
C ASP B 39 -3.57 4.16 4.01
N VAL B 40 -4.83 3.77 3.89
CA VAL B 40 -5.27 2.42 3.51
C VAL B 40 -6.60 2.54 2.76
N GLU B 41 -6.73 1.85 1.63
CA GLU B 41 -7.94 1.86 0.81
C GLU B 41 -8.50 0.45 0.60
N ILE B 42 -9.64 0.15 1.21
CA ILE B 42 -10.40 -1.05 0.91
C ILE B 42 -11.47 -0.72 -0.12
N ILE B 43 -11.68 -1.61 -1.09
CA ILE B 43 -12.53 -1.29 -2.23
C ILE B 43 -13.97 -1.11 -1.78
N PHE B 44 -14.53 0.05 -2.07
CA PHE B 44 -15.90 0.44 -1.77
C PHE B 44 -16.91 -0.38 -2.59
N ASN B 45 -18.08 -0.65 -2.02
CA ASN B 45 -19.22 -1.32 -2.66
C ASN B 45 -20.53 -1.07 -1.88
N GLU B 46 -21.62 -1.72 -2.30
CA GLU B 46 -22.94 -1.68 -1.65
C GLU B 46 -22.96 -2.30 -0.22
N ARG B 47 -22.08 -3.27 0.12
CA ARG B 47 -21.86 -3.71 1.53
C ARG B 47 -21.24 -2.61 2.41
N GLY B 48 -20.53 -1.68 1.78
CA GLY B 48 -19.65 -0.67 2.40
C GLY B 48 -18.18 -1.08 2.38
N SER B 49 -17.85 -2.34 2.04
CA SER B 49 -16.49 -2.87 1.93
C SER B 49 -16.42 -4.23 1.19
N LYS B 50 -15.41 -4.41 0.34
CA LYS B 50 -15.06 -5.66 -0.37
C LYS B 50 -14.00 -6.51 0.34
N GLY B 51 -13.89 -7.77 -0.10
CA GLY B 51 -12.92 -8.79 0.34
C GLY B 51 -11.49 -8.64 -0.22
N PHE B 52 -11.08 -7.41 -0.56
CA PHE B 52 -9.72 -6.98 -0.97
C PHE B 52 -9.58 -5.47 -0.83
N GLY B 53 -8.35 -5.00 -0.76
CA GLY B 53 -7.99 -3.60 -0.56
C GLY B 53 -6.54 -3.30 -0.91
N PHE B 54 -6.01 -2.26 -0.27
CA PHE B 54 -4.68 -1.72 -0.47
C PHE B 54 -4.19 -0.98 0.79
N VAL B 55 -2.88 -0.87 0.95
CA VAL B 55 -2.18 -0.23 2.07
C VAL B 55 -1.10 0.70 1.57
N THR B 56 -0.96 1.90 2.14
CA THR B 56 0.09 2.88 1.83
C THR B 56 1.13 2.91 2.94
N PHE B 57 2.23 2.19 2.78
CA PHE B 57 3.38 2.27 3.67
C PHE B 57 4.06 3.65 3.62
N GLU B 58 4.65 4.09 4.74
CA GLU B 58 5.50 5.30 4.83
C GLU B 58 6.73 5.23 3.90
N ASN B 59 7.37 4.07 3.80
CA ASN B 59 8.60 3.84 3.03
C ASN B 59 8.62 2.44 2.41
N SER B 60 9.24 2.33 1.25
CA SER B 60 9.36 1.08 0.48
C SER B 60 10.20 0.03 1.23
N ALA B 61 11.05 0.49 2.16
CA ALA B 61 11.90 -0.32 3.01
C ALA B 61 11.13 -1.41 3.75
N ASP B 62 10.00 -1.05 4.37
CA ASP B 62 9.12 -1.97 5.08
C ASP B 62 7.97 -2.48 4.23
N ALA B 63 7.54 -1.73 3.20
CA ALA B 63 6.52 -2.17 2.26
C ALA B 63 6.91 -3.47 1.55
N ASP B 64 8.19 -3.55 1.15
CA ASP B 64 8.72 -4.62 0.34
C ASP B 64 8.83 -5.94 1.13
N ARG B 65 9.52 -5.88 2.28
CA ARG B 65 9.60 -6.99 3.25
C ARG B 65 8.25 -7.37 3.80
N ALA B 66 7.40 -6.42 4.19
CA ALA B 66 6.08 -6.72 4.72
C ALA B 66 5.26 -7.53 3.71
N ARG B 67 5.15 -7.07 2.46
CA ARG B 67 4.49 -7.84 1.38
C ARG B 67 5.10 -9.23 1.20
N GLU B 68 6.42 -9.38 1.30
CA GLU B 68 7.09 -10.70 1.21
C GLU B 68 6.67 -11.64 2.36
N LYS B 69 6.59 -11.11 3.60
CA LYS B 69 6.19 -11.88 4.78
C LYS B 69 4.69 -12.21 4.78
N LEU B 70 3.85 -11.23 4.43
CA LEU B 70 2.38 -11.32 4.42
C LEU B 70 1.85 -12.18 3.25
N HIS B 71 2.40 -12.08 2.04
CA HIS B 71 2.02 -12.95 0.93
C HIS B 71 2.26 -14.43 1.29
N GLY B 72 1.23 -15.28 1.14
CA GLY B 72 1.24 -16.67 1.62
C GLY B 72 0.84 -16.87 3.09
N THR B 73 0.68 -15.80 3.88
CA THR B 73 0.03 -15.85 5.21
C THR B 73 -1.43 -16.21 5.02
N VAL B 74 -2.05 -16.77 6.04
CA VAL B 74 -3.37 -17.40 5.96
C VAL B 74 -4.27 -16.76 7.02
N VAL B 75 -4.51 -15.45 6.85
CA VAL B 75 -5.21 -14.63 7.86
C VAL B 75 -6.64 -15.16 8.07
N GLU B 76 -6.98 -15.60 9.29
CA GLU B 76 -8.23 -16.34 9.59
C GLU B 76 -8.50 -17.55 8.67
N GLY B 77 -7.41 -18.25 8.36
CA GLY B 77 -7.36 -19.42 7.47
C GLY B 77 -7.29 -19.08 5.96
N ARG B 78 -7.36 -17.80 5.56
CA ARG B 78 -7.44 -17.37 4.16
C ARG B 78 -6.05 -17.08 3.62
N LYS B 79 -5.43 -18.02 2.90
CA LYS B 79 -4.13 -17.81 2.22
C LYS B 79 -4.17 -16.59 1.30
N ILE B 80 -3.65 -15.45 1.78
CA ILE B 80 -3.68 -14.16 1.11
C ILE B 80 -2.63 -14.00 0.01
N GLU B 81 -2.88 -13.00 -0.83
CA GLU B 81 -1.93 -12.49 -1.82
C GLU B 81 -1.74 -10.98 -1.64
N VAL B 82 -0.48 -10.53 -1.74
CA VAL B 82 -0.05 -9.13 -1.55
C VAL B 82 1.03 -8.80 -2.59
N ASN B 83 0.92 -7.65 -3.25
CA ASN B 83 1.96 -7.13 -4.16
C ASN B 83 1.87 -5.60 -4.32
N ASN B 84 2.86 -4.96 -4.95
CA ASN B 84 2.82 -3.51 -5.21
C ASN B 84 1.66 -3.12 -6.15
N ALA B 85 0.89 -2.12 -5.71
CA ALA B 85 -0.39 -1.66 -6.23
C ALA B 85 -0.33 -0.66 -7.40
N THR B 86 -1.52 -0.37 -7.94
CA THR B 86 -1.79 0.75 -8.85
C THR B 86 -2.23 1.99 -8.04
N ALA B 87 -2.25 3.17 -8.65
CA ALA B 87 -2.84 4.39 -8.08
C ALA B 87 -3.16 5.45 -9.16
N ARG B 88 -3.82 6.54 -8.76
CA ARG B 88 -4.41 7.56 -9.65
C ARG B 88 -3.40 8.46 -10.40
N VAL B 89 -2.18 8.61 -9.86
CA VAL B 89 -1.12 9.55 -10.28
C VAL B 89 -1.55 11.02 -10.15
N MET B 90 -1.13 11.68 -9.07
CA MET B 90 -1.60 13.01 -8.65
C MET B 90 -0.86 14.21 -9.27
N THR B 91 -0.07 13.98 -10.32
CA THR B 91 0.72 15.02 -11.02
C THR B 91 -0.12 15.80 -12.04
N ASN B 92 -0.67 15.09 -13.03
CA ASN B 92 -1.58 15.56 -14.08
C ASN B 92 -1.12 16.87 -14.75
N LYS B 93 0.15 16.91 -15.20
CA LYS B 93 0.82 18.12 -15.73
C LYS B 93 0.16 18.64 -17.02
N LYS B 94 0.12 19.97 -17.15
CA LYS B 94 -0.46 20.72 -18.29
C LYS B 94 0.64 21.34 -19.19
N THR B 95 0.24 21.95 -20.30
CA THR B 95 1.13 22.76 -21.16
C THR B 95 1.63 24.03 -20.46
N VAL B 96 0.84 24.58 -19.53
CA VAL B 96 1.22 25.68 -18.62
C VAL B 96 1.92 25.16 -17.36
N ASN B 97 2.83 25.96 -16.80
CA ASN B 97 3.59 25.66 -15.58
C ASN B 97 3.41 26.76 -14.51
N PRO B 98 3.56 26.43 -13.21
CA PRO B 98 3.47 27.41 -12.12
C PRO B 98 4.63 28.41 -12.13
N TYR B 99 5.82 27.98 -12.56
CA TYR B 99 6.97 28.84 -12.85
C TYR B 99 6.87 29.48 -14.25
N THR B 100 7.29 30.74 -14.36
CA THR B 100 7.43 31.46 -15.64
C THR B 100 8.40 32.63 -15.48
N ASN B 101 9.47 32.67 -16.30
CA ASN B 101 10.55 33.67 -16.27
C ASN B 101 11.14 33.95 -17.66
N GLY B 102 11.40 32.88 -18.45
CA GLY B 102 11.96 32.93 -19.81
C GLY B 102 12.35 31.56 -20.34
N HIS B 1 6.96 25.90 -5.24
CA HIS B 1 7.47 25.29 -4.02
C HIS B 1 8.43 24.13 -4.33
N MET B 2 9.69 24.23 -3.89
CA MET B 2 10.70 23.19 -4.07
C MET B 2 10.32 21.87 -3.40
N ASN B 3 10.74 20.75 -4.00
CA ASN B 3 10.42 19.40 -3.52
C ASN B 3 11.35 18.95 -2.37
N THR B 4 12.67 18.92 -2.63
CA THR B 4 13.75 18.50 -1.69
C THR B 4 13.45 17.21 -0.91
N GLU B 5 12.73 16.29 -1.55
CA GLU B 5 12.15 15.08 -0.95
C GLU B 5 13.15 13.99 -0.54
N ASN B 6 12.63 13.07 0.27
CA ASN B 6 13.27 11.83 0.69
C ASN B 6 13.31 10.76 -0.42
N LYS B 7 14.11 9.71 -0.19
CA LYS B 7 14.47 8.68 -1.15
C LYS B 7 13.54 7.46 -1.16
N SER B 8 13.09 7.00 0.02
CA SER B 8 12.32 5.76 0.17
C SER B 8 10.88 5.88 -0.34
N GLN B 9 10.13 6.87 0.15
CA GLN B 9 8.80 7.33 -0.33
C GLN B 9 7.64 6.31 -0.20
N PRO B 10 6.38 6.75 -0.05
CA PRO B 10 5.23 5.86 0.18
C PRO B 10 4.87 4.99 -1.03
N LYS B 11 4.30 3.82 -0.76
CA LYS B 11 3.70 2.88 -1.74
C LYS B 11 2.31 2.44 -1.29
N ARG B 12 1.43 2.17 -2.26
CA ARG B 12 0.18 1.44 -2.01
C ARG B 12 0.43 -0.06 -2.22
N LEU B 13 0.05 -0.87 -1.25
CA LEU B 13 0.03 -2.34 -1.31
C LEU B 13 -1.42 -2.83 -1.40
N HIS B 14 -1.85 -3.41 -2.53
CA HIS B 14 -3.11 -4.16 -2.60
C HIS B 14 -2.99 -5.40 -1.71
N VAL B 15 -4.05 -5.74 -0.98
CA VAL B 15 -4.13 -6.89 -0.09
C VAL B 15 -5.43 -7.65 -0.28
N SER B 16 -5.34 -8.94 -0.61
CA SER B 16 -6.46 -9.78 -1.06
C SER B 16 -6.81 -10.92 -0.10
N ASN B 17 -7.96 -11.55 -0.35
CA ASN B 17 -8.53 -12.70 0.36
C ASN B 17 -8.81 -12.50 1.87
N ILE B 18 -8.58 -11.28 2.37
CA ILE B 18 -8.93 -10.84 3.72
C ILE B 18 -10.39 -11.15 4.05
N PRO B 19 -10.72 -11.44 5.31
CA PRO B 19 -12.10 -11.70 5.70
C PRO B 19 -12.96 -10.44 5.50
N PHE B 20 -14.25 -10.60 5.17
CA PHE B 20 -15.22 -9.48 5.02
C PHE B 20 -15.25 -8.54 6.25
N ARG B 21 -14.88 -9.05 7.44
CA ARG B 21 -14.81 -8.32 8.72
C ARG B 21 -13.61 -7.37 8.86
N PHE B 22 -12.54 -7.50 8.07
CA PHE B 22 -11.42 -6.53 8.05
C PHE B 22 -11.85 -5.17 7.48
N ARG B 23 -11.37 -4.09 8.11
CA ARG B 23 -11.46 -2.67 7.71
C ARG B 23 -10.09 -1.99 7.86
N ASP B 24 -10.07 -0.69 7.60
CA ASP B 24 -8.96 0.27 7.84
C ASP B 24 -8.04 -0.11 9.04
N PRO B 25 -8.53 -0.19 10.29
CA PRO B 25 -7.67 -0.51 11.45
C PRO B 25 -7.19 -1.97 11.48
N ASP B 26 -7.95 -2.92 10.95
CA ASP B 26 -7.57 -4.35 10.88
C ASP B 26 -6.41 -4.59 9.91
N LEU B 27 -6.37 -3.87 8.79
CA LEU B 27 -5.23 -3.91 7.87
C LEU B 27 -4.00 -3.19 8.44
N ARG B 28 -4.17 -2.07 9.17
CA ARG B 28 -3.04 -1.29 9.69
C ARG B 28 -2.16 -2.07 10.67
N GLN B 29 -2.78 -2.92 11.47
CA GLN B 29 -2.10 -3.81 12.41
C GLN B 29 -1.28 -4.91 11.70
N MET B 30 -1.63 -5.20 10.46
CA MET B 30 -1.03 -6.26 9.65
C MET B 30 0.26 -5.83 8.95
N PHE B 31 0.30 -4.60 8.44
CA PHE B 31 1.46 -4.02 7.73
C PHE B 31 2.33 -3.15 8.66
N GLY B 32 1.73 -2.37 9.55
CA GLY B 32 2.44 -1.41 10.40
C GLY B 32 3.35 -2.02 11.46
N GLN B 33 3.29 -3.33 11.67
CA GLN B 33 4.24 -4.09 12.49
C GLN B 33 5.70 -3.99 11.99
N PHE B 34 5.92 -3.75 10.69
CA PHE B 34 7.27 -3.61 10.10
C PHE B 34 7.81 -2.17 10.09
N GLY B 35 6.95 -1.16 10.01
CA GLY B 35 7.35 0.26 9.97
C GLY B 35 6.25 1.24 10.43
N LYS B 36 5.64 1.97 9.48
CA LYS B 36 4.63 3.03 9.71
C LYS B 36 3.64 3.10 8.54
N ILE B 37 2.36 3.36 8.84
CA ILE B 37 1.25 3.45 7.87
C ILE B 37 0.65 4.85 7.87
N LEU B 38 0.21 5.31 6.70
CA LEU B 38 -0.35 6.66 6.48
C LEU B 38 -1.88 6.65 6.31
N ASP B 39 -2.36 5.87 5.36
CA ASP B 39 -3.74 5.81 4.90
C ASP B 39 -4.07 4.39 4.40
N VAL B 40 -5.28 3.88 4.66
CA VAL B 40 -5.63 2.49 4.36
C VAL B 40 -7.07 2.41 3.85
N GLU B 41 -7.27 1.74 2.71
CA GLU B 41 -8.52 1.74 1.95
C GLU B 41 -9.00 0.31 1.63
N ILE B 42 -10.08 -0.14 2.26
CA ILE B 42 -10.79 -1.34 1.79
C ILE B 42 -11.92 -0.87 0.89
N ILE B 43 -12.07 -1.57 -0.23
CA ILE B 43 -12.91 -1.10 -1.33
C ILE B 43 -14.38 -0.99 -0.91
N PHE B 44 -14.96 0.17 -1.18
CA PHE B 44 -16.29 0.55 -0.74
C PHE B 44 -17.36 0.19 -1.79
N ASN B 45 -18.47 -0.38 -1.31
CA ASN B 45 -19.70 -0.65 -2.06
C ASN B 45 -20.93 -0.57 -1.13
N GLU B 46 -22.13 -0.69 -1.71
CA GLU B 46 -23.40 -0.76 -0.98
C GLU B 46 -23.46 -1.94 0.03
N ARG B 47 -22.76 -3.04 -0.25
CA ARG B 47 -22.52 -4.17 0.66
C ARG B 47 -21.67 -3.85 1.90
N GLY B 48 -20.96 -2.72 1.89
CA GLY B 48 -19.93 -2.35 2.86
C GLY B 48 -18.53 -2.73 2.39
N SER B 49 -17.64 -3.07 3.32
CA SER B 49 -16.24 -3.44 3.08
C SER B 49 -16.08 -4.73 2.24
N LYS B 50 -15.28 -4.64 1.16
CA LYS B 50 -14.97 -5.75 0.23
C LYS B 50 -13.85 -6.67 0.74
N GLY B 51 -13.75 -7.86 0.15
CA GLY B 51 -12.79 -8.93 0.49
C GLY B 51 -11.32 -8.69 0.12
N PHE B 52 -10.93 -7.43 -0.11
CA PHE B 52 -9.58 -6.94 -0.42
C PHE B 52 -9.50 -5.45 -0.12
N GLY B 53 -8.29 -4.94 0.04
CA GLY B 53 -8.06 -3.53 0.23
C GLY B 53 -6.69 -3.09 -0.26
N PHE B 54 -6.24 -2.00 0.35
CA PHE B 54 -4.97 -1.35 0.05
C PHE B 54 -4.43 -0.67 1.30
N VAL B 55 -3.12 -0.70 1.45
CA VAL B 55 -2.38 -0.05 2.53
C VAL B 55 -1.37 0.93 1.94
N THR B 56 -1.33 2.15 2.46
CA THR B 56 -0.32 3.15 2.12
C THR B 56 0.76 3.17 3.20
N PHE B 57 1.86 2.49 2.95
CA PHE B 57 3.05 2.54 3.79
C PHE B 57 3.72 3.93 3.76
N GLU B 58 4.32 4.37 4.87
CA GLU B 58 5.15 5.58 4.96
C GLU B 58 6.37 5.55 4.01
N ASN B 59 6.99 4.38 3.84
CA ASN B 59 8.19 4.19 3.03
C ASN B 59 8.22 2.84 2.30
N SER B 60 8.80 2.83 1.10
CA SER B 60 8.94 1.66 0.23
C SER B 60 9.80 0.56 0.89
N ALA B 61 10.69 0.97 1.81
CA ALA B 61 11.60 0.11 2.54
C ALA B 61 10.88 -1.03 3.28
N ASP B 62 9.83 -0.69 4.03
CA ASP B 62 9.03 -1.66 4.78
C ASP B 62 7.80 -2.13 3.99
N ALA B 63 7.32 -1.34 3.03
CA ALA B 63 6.24 -1.75 2.12
C ALA B 63 6.59 -3.02 1.34
N ASP B 64 7.83 -3.08 0.86
CA ASP B 64 8.29 -4.12 -0.06
C ASP B 64 8.52 -5.45 0.67
N ARG B 65 9.23 -5.42 1.80
CA ARG B 65 9.37 -6.58 2.71
C ARG B 65 8.04 -6.99 3.32
N ALA B 66 7.22 -6.05 3.79
CA ALA B 66 5.93 -6.38 4.41
C ALA B 66 5.07 -7.19 3.44
N ARG B 67 4.88 -6.72 2.20
CA ARG B 67 4.19 -7.49 1.15
C ARG B 67 4.78 -8.88 0.98
N GLU B 68 6.11 -9.01 1.01
CA GLU B 68 6.78 -10.31 0.86
C GLU B 68 6.48 -11.29 2.02
N LYS B 69 6.47 -10.78 3.26
CA LYS B 69 6.20 -11.58 4.46
C LYS B 69 4.71 -11.93 4.62
N LEU B 70 3.82 -11.00 4.27
CA LEU B 70 2.36 -11.16 4.32
C LEU B 70 1.81 -12.01 3.17
N HIS B 71 2.27 -11.84 1.93
CA HIS B 71 1.85 -12.66 0.78
C HIS B 71 2.15 -14.15 1.04
N GLY B 72 1.13 -15.01 0.86
CA GLY B 72 1.19 -16.43 1.21
C GLY B 72 0.80 -16.76 2.67
N THR B 73 0.55 -15.75 3.52
CA THR B 73 -0.10 -15.91 4.84
C THR B 73 -1.56 -16.34 4.60
N VAL B 74 -2.24 -16.88 5.62
CA VAL B 74 -3.55 -17.55 5.48
C VAL B 74 -4.49 -17.05 6.59
N VAL B 75 -4.70 -15.73 6.60
CA VAL B 75 -5.38 -15.02 7.70
C VAL B 75 -6.84 -15.50 7.84
N GLU B 76 -7.20 -15.99 9.03
CA GLU B 76 -8.50 -16.65 9.33
C GLU B 76 -8.80 -17.83 8.39
N GLY B 77 -7.70 -18.45 7.95
CA GLY B 77 -7.64 -19.59 7.04
C GLY B 77 -7.64 -19.24 5.54
N ARG B 78 -7.62 -17.95 5.17
CA ARG B 78 -7.72 -17.47 3.78
C ARG B 78 -6.34 -17.09 3.24
N LYS B 79 -5.69 -17.97 2.46
CA LYS B 79 -4.41 -17.65 1.79
C LYS B 79 -4.47 -16.33 1.02
N ILE B 80 -3.85 -15.28 1.57
CA ILE B 80 -3.83 -13.92 1.04
C ILE B 80 -2.79 -13.69 -0.06
N GLU B 81 -3.07 -12.67 -0.86
CA GLU B 81 -2.13 -12.10 -1.82
C GLU B 81 -1.83 -10.65 -1.42
N VAL B 82 -0.60 -10.18 -1.62
CA VAL B 82 -0.27 -8.74 -1.49
C VAL B 82 0.64 -8.32 -2.65
N ASN B 83 0.40 -7.14 -3.23
CA ASN B 83 1.19 -6.66 -4.38
C ASN B 83 1.20 -5.12 -4.46
N ASN B 84 2.23 -4.53 -5.06
CA ASN B 84 2.27 -3.08 -5.26
C ASN B 84 1.20 -2.62 -6.29
N ALA B 85 0.51 -1.54 -5.96
CA ALA B 85 -0.68 -1.04 -6.64
C ALA B 85 -0.43 -0.21 -7.92
N THR B 86 -1.53 0.16 -8.60
CA THR B 86 -1.56 0.78 -9.93
C THR B 86 -2.00 2.26 -9.96
N ALA B 87 -1.94 2.86 -11.16
CA ALA B 87 -2.48 4.15 -11.61
C ALA B 87 -2.05 5.42 -10.86
N ARG B 88 -2.32 5.52 -9.56
CA ARG B 88 -2.14 6.71 -8.71
C ARG B 88 -0.68 6.92 -8.24
N VAL B 89 0.29 6.39 -9.00
CA VAL B 89 1.72 6.37 -8.68
C VAL B 89 2.41 7.71 -8.98
N MET B 90 3.57 7.92 -8.37
CA MET B 90 4.51 8.99 -8.70
C MET B 90 5.33 8.56 -9.93
N THR B 91 4.64 8.40 -11.07
CA THR B 91 5.12 7.86 -12.37
C THR B 91 6.24 8.66 -13.07
N ASN B 92 6.90 9.55 -12.34
CA ASN B 92 8.05 10.34 -12.81
C ASN B 92 9.30 9.46 -13.09
N LYS B 93 10.17 9.93 -13.99
CA LYS B 93 11.41 9.25 -14.39
C LYS B 93 12.50 9.29 -13.30
N LYS B 94 13.40 8.30 -13.34
CA LYS B 94 14.66 8.23 -12.56
C LYS B 94 15.86 8.15 -13.50
N THR B 95 17.01 8.69 -13.08
CA THR B 95 18.22 8.89 -13.92
C THR B 95 17.85 9.47 -15.30
N VAL B 96 17.05 10.55 -15.27
CA VAL B 96 16.35 11.12 -16.42
C VAL B 96 17.29 11.55 -17.57
N ASN B 97 16.89 11.16 -18.77
CA ASN B 97 17.50 11.49 -20.06
C ASN B 97 16.39 11.74 -21.11
N PRO B 98 16.62 12.56 -22.14
CA PRO B 98 15.58 12.98 -23.09
C PRO B 98 15.14 11.84 -24.04
N TYR B 99 16.07 10.99 -24.46
CA TYR B 99 15.84 9.85 -25.36
C TYR B 99 15.87 8.49 -24.65
N THR B 100 15.49 7.43 -25.38
CA THR B 100 15.27 6.06 -24.90
C THR B 100 16.52 5.40 -24.29
N ASN B 101 16.28 4.57 -23.27
CA ASN B 101 17.31 3.81 -22.55
C ASN B 101 18.16 2.90 -23.46
N GLY B 102 19.43 2.69 -23.08
CA GLY B 102 20.40 1.84 -23.79
C GLY B 102 21.76 1.79 -23.10
N HIS B 1 18.48 16.92 -11.79
CA HIS B 1 18.70 15.46 -11.82
C HIS B 1 17.41 14.67 -12.13
N MET B 2 16.72 15.07 -13.20
CA MET B 2 15.52 14.43 -13.74
C MET B 2 14.49 14.12 -12.64
N ASN B 3 14.04 12.87 -12.60
CA ASN B 3 13.07 12.31 -11.64
C ASN B 3 13.40 12.61 -10.17
N THR B 4 14.68 12.68 -9.83
CA THR B 4 15.27 13.13 -8.55
C THR B 4 14.66 12.46 -7.29
N GLU B 5 14.23 11.21 -7.46
CA GLU B 5 13.60 10.37 -6.42
C GLU B 5 14.48 10.19 -5.18
N ASN B 6 13.84 9.99 -4.03
CA ASN B 6 14.47 9.54 -2.79
C ASN B 6 14.47 7.99 -2.73
N LYS B 7 15.21 7.44 -1.78
CA LYS B 7 15.47 5.98 -1.69
C LYS B 7 14.28 5.16 -1.20
N SER B 8 13.43 5.76 -0.36
CA SER B 8 12.32 5.11 0.31
C SER B 8 10.98 5.40 -0.36
N GLN B 9 10.32 6.49 0.05
CA GLN B 9 9.06 7.02 -0.48
C GLN B 9 7.84 6.07 -0.32
N PRO B 10 6.61 6.59 -0.13
CA PRO B 10 5.45 5.75 0.14
C PRO B 10 5.00 4.94 -1.08
N LYS B 11 4.55 3.71 -0.82
CA LYS B 11 3.92 2.82 -1.83
C LYS B 11 2.56 2.34 -1.35
N ARG B 12 1.62 2.21 -2.28
CA ARG B 12 0.36 1.49 -2.03
C ARG B 12 0.60 0.00 -2.31
N LEU B 13 0.13 -0.87 -1.42
CA LEU B 13 0.15 -2.33 -1.52
C LEU B 13 -1.28 -2.87 -1.52
N HIS B 14 -1.70 -3.54 -2.58
CA HIS B 14 -2.94 -4.32 -2.63
C HIS B 14 -2.91 -5.47 -1.62
N VAL B 15 -4.07 -5.79 -1.04
CA VAL B 15 -4.30 -6.91 -0.11
C VAL B 15 -5.55 -7.70 -0.52
N SER B 16 -5.49 -9.03 -0.51
CA SER B 16 -6.57 -9.92 -1.01
C SER B 16 -6.83 -11.12 -0.09
N ASN B 17 -7.98 -11.77 -0.26
CA ASN B 17 -8.49 -12.94 0.49
C ASN B 17 -8.82 -12.69 1.97
N ILE B 18 -8.40 -11.54 2.50
CA ILE B 18 -8.73 -10.99 3.82
C ILE B 18 -10.24 -11.15 4.11
N PRO B 19 -10.66 -11.34 5.36
CA PRO B 19 -12.07 -11.50 5.66
C PRO B 19 -12.87 -10.23 5.32
N PHE B 20 -14.16 -10.38 4.99
CA PHE B 20 -15.09 -9.25 4.77
C PHE B 20 -15.01 -8.18 5.89
N ARG B 21 -14.78 -8.63 7.14
CA ARG B 21 -14.69 -7.83 8.37
C ARG B 21 -13.40 -7.01 8.58
N PHE B 22 -12.31 -7.30 7.85
CA PHE B 22 -11.01 -6.65 8.04
C PHE B 22 -11.09 -5.21 7.54
N ARG B 23 -11.13 -4.24 8.47
CA ARG B 23 -11.25 -2.80 8.24
C ARG B 23 -9.88 -2.13 8.20
N ASP B 24 -9.84 -0.82 8.00
CA ASP B 24 -8.64 0.02 7.98
C ASP B 24 -7.62 -0.31 9.11
N PRO B 25 -8.00 -0.38 10.42
CA PRO B 25 -7.05 -0.73 11.48
C PRO B 25 -6.61 -2.19 11.42
N ASP B 26 -7.46 -3.11 10.94
CA ASP B 26 -7.15 -4.53 10.81
C ASP B 26 -6.05 -4.75 9.75
N LEU B 27 -6.11 -4.01 8.63
CA LEU B 27 -5.03 -3.96 7.63
C LEU B 27 -3.80 -3.23 8.18
N ARG B 28 -3.95 -2.12 8.91
CA ARG B 28 -2.79 -1.37 9.44
C ARG B 28 -1.92 -2.17 10.39
N GLN B 29 -2.55 -2.99 11.23
CA GLN B 29 -1.86 -3.90 12.17
C GLN B 29 -1.07 -4.99 11.45
N MET B 30 -1.46 -5.30 10.21
CA MET B 30 -0.86 -6.36 9.39
C MET B 30 0.46 -5.94 8.74
N PHE B 31 0.55 -4.70 8.24
CA PHE B 31 1.73 -4.17 7.55
C PHE B 31 2.60 -3.30 8.46
N GLY B 32 1.99 -2.53 9.37
CA GLY B 32 2.68 -1.57 10.24
C GLY B 32 3.60 -2.20 11.28
N GLN B 33 3.53 -3.53 11.46
CA GLN B 33 4.48 -4.29 12.27
C GLN B 33 5.95 -4.17 11.78
N PHE B 34 6.18 -3.91 10.48
CA PHE B 34 7.52 -3.76 9.91
C PHE B 34 8.03 -2.31 9.93
N GLY B 35 7.15 -1.31 9.79
CA GLY B 35 7.51 0.10 9.68
C GLY B 35 6.44 1.06 10.20
N LYS B 36 5.80 1.80 9.28
CA LYS B 36 4.80 2.84 9.56
C LYS B 36 3.79 2.96 8.41
N ILE B 37 2.53 3.26 8.71
CA ILE B 37 1.42 3.30 7.75
C ILE B 37 0.73 4.66 7.77
N LEU B 38 0.45 5.19 6.58
CA LEU B 38 -0.08 6.54 6.37
C LEU B 38 -1.61 6.57 6.21
N ASP B 39 -2.11 5.78 5.26
CA ASP B 39 -3.52 5.71 4.86
C ASP B 39 -3.85 4.31 4.33
N VAL B 40 -5.06 3.81 4.57
CA VAL B 40 -5.44 2.43 4.25
C VAL B 40 -6.90 2.36 3.79
N GLU B 41 -7.16 1.53 2.78
CA GLU B 41 -8.46 1.47 2.07
C GLU B 41 -8.94 0.04 1.86
N ILE B 42 -10.23 -0.20 2.13
CA ILE B 42 -10.96 -1.41 1.72
C ILE B 42 -11.95 -0.92 0.66
N ILE B 43 -12.04 -1.64 -0.46
CA ILE B 43 -12.62 -1.12 -1.72
C ILE B 43 -14.03 -0.54 -1.63
N PHE B 44 -14.92 -1.24 -0.94
CA PHE B 44 -16.33 -0.90 -0.71
C PHE B 44 -17.25 -0.75 -1.93
N ASN B 45 -18.40 -1.43 -1.88
CA ASN B 45 -19.45 -1.46 -2.91
C ASN B 45 -20.85 -1.35 -2.29
N GLU B 46 -21.91 -1.63 -3.05
CA GLU B 46 -23.30 -1.65 -2.55
C GLU B 46 -23.51 -2.62 -1.37
N ARG B 47 -22.76 -3.74 -1.37
CA ARG B 47 -22.68 -4.72 -0.27
C ARG B 47 -21.97 -4.24 1.00
N GLY B 48 -21.26 -3.12 0.90
CA GLY B 48 -20.30 -2.62 1.90
C GLY B 48 -18.89 -3.17 1.61
N SER B 49 -18.11 -3.39 2.67
CA SER B 49 -16.72 -3.87 2.59
C SER B 49 -16.58 -5.23 1.89
N LYS B 50 -15.63 -5.33 0.95
CA LYS B 50 -15.17 -6.58 0.33
C LYS B 50 -13.95 -7.08 1.10
N GLY B 51 -13.69 -8.37 1.03
CA GLY B 51 -12.45 -8.98 1.51
C GLY B 51 -11.24 -8.70 0.60
N PHE B 52 -10.99 -7.43 0.32
CA PHE B 52 -10.05 -6.90 -0.68
C PHE B 52 -9.75 -5.43 -0.36
N GLY B 53 -8.49 -5.02 -0.41
CA GLY B 53 -8.09 -3.67 -0.03
C GLY B 53 -6.70 -3.26 -0.48
N PHE B 54 -6.19 -2.19 0.12
CA PHE B 54 -4.87 -1.62 -0.13
C PHE B 54 -4.34 -0.88 1.11
N VAL B 55 -3.02 -0.79 1.24
CA VAL B 55 -2.29 -0.15 2.34
C VAL B 55 -1.23 0.82 1.82
N THR B 56 -1.15 2.03 2.38
CA THR B 56 -0.11 3.01 2.05
C THR B 56 0.98 2.99 3.11
N PHE B 57 2.07 2.30 2.81
CA PHE B 57 3.29 2.38 3.61
C PHE B 57 3.93 3.77 3.61
N GLU B 58 4.57 4.16 4.72
CA GLU B 58 5.42 5.35 4.81
C GLU B 58 6.60 5.27 3.83
N ASN B 59 7.18 4.08 3.66
CA ASN B 59 8.38 3.86 2.87
C ASN B 59 8.40 2.50 2.16
N SER B 60 8.94 2.48 0.93
CA SER B 60 9.10 1.27 0.09
C SER B 60 10.05 0.25 0.73
N ALA B 61 10.91 0.70 1.65
CA ALA B 61 11.87 -0.10 2.39
C ALA B 61 11.21 -1.25 3.17
N ASP B 62 10.04 -0.99 3.76
CA ASP B 62 9.26 -1.99 4.46
C ASP B 62 8.08 -2.51 3.62
N ALA B 63 7.63 -1.75 2.63
CA ALA B 63 6.54 -2.17 1.75
C ALA B 63 6.93 -3.37 0.87
N ASP B 64 8.20 -3.44 0.46
CA ASP B 64 8.72 -4.48 -0.43
C ASP B 64 8.83 -5.84 0.29
N ARG B 65 9.50 -5.83 1.45
CA ARG B 65 9.59 -6.98 2.37
C ARG B 65 8.24 -7.41 2.94
N ALA B 66 7.39 -6.47 3.37
CA ALA B 66 6.10 -6.80 3.96
C ALA B 66 5.25 -7.67 3.01
N ARG B 67 5.13 -7.27 1.73
CA ARG B 67 4.44 -8.06 0.69
C ARG B 67 5.05 -9.44 0.46
N GLU B 68 6.34 -9.67 0.72
CA GLU B 68 6.93 -11.01 0.73
C GLU B 68 6.53 -11.82 1.98
N LYS B 69 6.61 -11.22 3.17
CA LYS B 69 6.35 -11.89 4.45
C LYS B 69 4.86 -12.21 4.68
N LEU B 70 3.98 -11.28 4.31
CA LEU B 70 2.52 -11.37 4.47
C LEU B 70 1.86 -12.27 3.42
N HIS B 71 2.31 -12.27 2.16
CA HIS B 71 1.76 -13.17 1.14
C HIS B 71 1.96 -14.64 1.55
N GLY B 72 0.88 -15.44 1.54
CA GLY B 72 0.86 -16.79 2.09
C GLY B 72 0.52 -16.88 3.59
N THR B 73 0.38 -15.76 4.31
CA THR B 73 -0.24 -15.73 5.67
C THR B 73 -1.72 -16.09 5.50
N VAL B 74 -2.39 -16.57 6.54
CA VAL B 74 -3.73 -17.18 6.42
C VAL B 74 -4.72 -16.46 7.35
N VAL B 75 -4.77 -15.13 7.25
CA VAL B 75 -5.49 -14.28 8.22
C VAL B 75 -6.97 -14.66 8.37
N GLU B 76 -7.44 -14.79 9.62
CA GLU B 76 -8.76 -15.35 10.03
C GLU B 76 -9.05 -16.81 9.62
N GLY B 77 -8.23 -17.37 8.71
CA GLY B 77 -8.35 -18.69 8.08
C GLY B 77 -8.14 -18.65 6.55
N ARG B 78 -7.83 -17.49 5.97
CA ARG B 78 -7.80 -17.23 4.52
C ARG B 78 -6.39 -16.94 4.04
N LYS B 79 -5.73 -17.90 3.38
CA LYS B 79 -4.42 -17.69 2.72
C LYS B 79 -4.40 -16.48 1.76
N ILE B 80 -3.81 -15.37 2.20
CA ILE B 80 -3.81 -14.06 1.54
C ILE B 80 -2.79 -13.88 0.42
N GLU B 81 -3.08 -12.90 -0.43
CA GLU B 81 -2.16 -12.34 -1.43
C GLU B 81 -1.90 -10.87 -1.10
N VAL B 82 -0.70 -10.38 -1.46
CA VAL B 82 -0.33 -8.96 -1.43
C VAL B 82 0.41 -8.62 -2.73
N ASN B 83 0.28 -7.41 -3.26
CA ASN B 83 1.03 -6.95 -4.44
C ASN B 83 1.19 -5.42 -4.41
N ASN B 84 2.08 -4.83 -5.22
CA ASN B 84 2.10 -3.36 -5.38
C ASN B 84 0.89 -2.86 -6.20
N ALA B 85 0.38 -1.69 -5.83
CA ALA B 85 -0.87 -1.09 -6.30
C ALA B 85 -0.72 -0.29 -7.63
N THR B 86 -1.63 0.66 -7.87
CA THR B 86 -1.81 1.39 -9.15
C THR B 86 -2.16 2.88 -8.98
N ALA B 87 -1.80 3.69 -9.99
CA ALA B 87 -2.23 5.08 -10.23
C ALA B 87 -2.12 6.06 -9.03
N ARG B 88 -2.95 7.11 -9.04
CA ARG B 88 -3.21 8.09 -7.96
C ARG B 88 -1.99 8.91 -7.50
N VAL B 89 -1.10 9.25 -8.43
CA VAL B 89 -0.01 10.22 -8.21
C VAL B 89 -0.56 11.63 -7.98
N MET B 90 -0.06 12.30 -6.95
CA MET B 90 -0.48 13.62 -6.50
C MET B 90 0.69 14.46 -5.94
N THR B 91 1.90 14.26 -6.48
CA THR B 91 3.13 14.98 -6.06
C THR B 91 3.10 16.48 -6.38
N ASN B 92 2.23 16.90 -7.31
CA ASN B 92 1.85 18.28 -7.61
C ASN B 92 3.04 19.28 -7.68
N LYS B 93 3.91 19.10 -8.69
CA LYS B 93 5.20 19.81 -8.83
C LYS B 93 5.02 21.34 -8.86
N LYS B 94 5.86 22.05 -8.11
CA LYS B 94 5.92 23.54 -8.04
C LYS B 94 7.13 24.08 -8.81
N THR B 95 6.97 25.25 -9.43
CA THR B 95 8.05 25.96 -10.15
C THR B 95 8.88 26.83 -9.19
N VAL B 96 10.20 26.68 -9.23
CA VAL B 96 11.20 27.43 -8.44
C VAL B 96 12.56 27.43 -9.16
N ASN B 97 13.33 28.50 -8.93
CA ASN B 97 14.66 28.66 -9.51
C ASN B 97 15.72 27.94 -8.65
N PRO B 98 16.73 27.31 -9.27
CA PRO B 98 17.68 26.45 -8.58
C PRO B 98 18.73 27.24 -7.78
N TYR B 99 19.29 28.29 -8.37
CA TYR B 99 20.39 29.10 -7.84
C TYR B 99 19.95 30.20 -6.85
N THR B 100 19.23 29.82 -5.78
CA THR B 100 18.70 30.75 -4.77
C THR B 100 19.77 31.54 -4.00
N ASN B 101 20.96 30.94 -3.89
CA ASN B 101 22.26 31.42 -3.41
C ASN B 101 22.34 32.07 -2.00
N GLY B 102 21.51 33.07 -1.71
CA GLY B 102 21.52 33.87 -0.46
C GLY B 102 20.76 35.19 -0.59
N HIS B 1 20.71 22.80 -3.67
CA HIS B 1 19.31 23.19 -3.44
C HIS B 1 18.38 21.97 -3.36
N MET B 2 18.52 21.23 -2.26
CA MET B 2 17.85 19.95 -1.99
C MET B 2 16.86 20.01 -0.82
N ASN B 3 15.84 19.15 -0.89
CA ASN B 3 14.80 19.03 0.16
C ASN B 3 15.26 18.21 1.38
N THR B 4 15.99 17.12 1.14
CA THR B 4 16.52 16.15 2.13
C THR B 4 15.50 15.67 3.18
N GLU B 5 14.24 15.56 2.75
CA GLU B 5 13.07 15.18 3.57
C GLU B 5 13.16 13.75 4.14
N ASN B 6 13.48 12.90 3.21
CA ASN B 6 13.68 11.45 3.25
C ASN B 6 14.53 10.98 2.05
N LYS B 7 14.57 9.66 1.83
CA LYS B 7 15.20 8.99 0.67
C LYS B 7 14.48 7.71 0.24
N SER B 8 13.86 7.00 1.20
CA SER B 8 13.11 5.76 0.97
C SER B 8 11.69 6.06 0.47
N GLN B 9 10.98 6.94 1.20
CA GLN B 9 9.68 7.52 0.87
C GLN B 9 8.51 6.51 0.87
N PRO B 10 7.27 6.94 1.19
CA PRO B 10 6.12 6.04 1.28
C PRO B 10 5.82 5.31 -0.04
N LYS B 11 5.26 4.11 0.09
CA LYS B 11 4.76 3.27 -1.01
C LYS B 11 3.43 2.67 -0.62
N ARG B 12 2.55 2.49 -1.60
CA ARG B 12 1.33 1.70 -1.46
C ARG B 12 1.64 0.21 -1.68
N LEU B 13 0.96 -0.66 -0.95
CA LEU B 13 0.88 -2.11 -1.17
C LEU B 13 -0.58 -2.43 -1.46
N HIS B 14 -0.91 -3.28 -2.44
CA HIS B 14 -2.28 -3.80 -2.56
C HIS B 14 -2.40 -5.10 -1.78
N VAL B 15 -3.58 -5.33 -1.18
CA VAL B 15 -3.92 -6.49 -0.36
C VAL B 15 -5.20 -7.15 -0.87
N SER B 16 -5.27 -8.48 -0.87
CA SER B 16 -6.37 -9.24 -1.51
C SER B 16 -6.65 -10.55 -0.78
N ASN B 17 -7.77 -11.20 -1.11
CA ASN B 17 -8.30 -12.43 -0.48
C ASN B 17 -8.68 -12.32 1.02
N ILE B 18 -8.25 -11.26 1.69
CA ILE B 18 -8.60 -10.81 3.02
C ILE B 18 -10.10 -10.91 3.30
N PRO B 19 -10.51 -11.11 4.57
CA PRO B 19 -11.90 -11.37 4.89
C PRO B 19 -12.80 -10.16 4.60
N PHE B 20 -14.10 -10.40 4.37
CA PHE B 20 -15.14 -9.37 4.18
C PHE B 20 -15.16 -8.33 5.31
N ARG B 21 -14.80 -8.76 6.54
CA ARG B 21 -14.83 -7.94 7.77
C ARG B 21 -13.66 -7.00 7.97
N PHE B 22 -12.52 -7.18 7.29
CA PHE B 22 -11.36 -6.30 7.43
C PHE B 22 -11.72 -4.85 7.08
N ARG B 23 -11.44 -3.95 8.03
CA ARG B 23 -11.44 -2.49 7.92
C ARG B 23 -10.00 -1.99 7.93
N ASP B 24 -9.80 -0.70 7.68
CA ASP B 24 -8.47 -0.07 7.67
C ASP B 24 -7.58 -0.44 8.88
N PRO B 25 -8.04 -0.40 10.15
CA PRO B 25 -7.23 -0.84 11.29
C PRO B 25 -6.86 -2.34 11.25
N ASP B 26 -7.72 -3.22 10.71
CA ASP B 26 -7.41 -4.66 10.57
C ASP B 26 -6.24 -4.92 9.61
N LEU B 27 -6.11 -4.12 8.54
CA LEU B 27 -4.92 -4.14 7.69
C LEU B 27 -3.70 -3.52 8.39
N ARG B 28 -3.87 -2.41 9.12
CA ARG B 28 -2.73 -1.71 9.76
C ARG B 28 -2.03 -2.53 10.83
N GLN B 29 -2.78 -3.38 11.52
CA GLN B 29 -2.29 -4.39 12.47
C GLN B 29 -1.30 -5.37 11.81
N MET B 30 -1.50 -5.62 10.52
CA MET B 30 -0.84 -6.68 9.75
C MET B 30 0.47 -6.22 9.12
N PHE B 31 0.53 -4.97 8.63
CA PHE B 31 1.71 -4.38 8.00
C PHE B 31 2.53 -3.54 9.00
N GLY B 32 1.90 -2.76 9.87
CA GLY B 32 2.57 -1.81 10.75
C GLY B 32 3.42 -2.43 11.87
N GLN B 33 3.37 -3.76 12.02
CA GLN B 33 4.26 -4.52 12.90
C GLN B 33 5.76 -4.35 12.50
N PHE B 34 6.07 -4.09 11.23
CA PHE B 34 7.45 -3.95 10.74
C PHE B 34 8.00 -2.51 10.84
N GLY B 35 7.15 -1.48 10.71
CA GLY B 35 7.58 -0.07 10.75
C GLY B 35 6.47 0.86 11.24
N LYS B 36 5.96 1.74 10.36
CA LYS B 36 4.79 2.60 10.59
C LYS B 36 3.92 2.73 9.33
N ILE B 37 2.60 2.80 9.52
CA ILE B 37 1.61 3.06 8.48
C ILE B 37 1.11 4.50 8.58
N LEU B 38 0.82 5.10 7.43
CA LEU B 38 0.27 6.44 7.30
C LEU B 38 -1.25 6.39 7.09
N ASP B 39 -1.65 5.84 5.95
CA ASP B 39 -3.01 5.76 5.42
C ASP B 39 -3.25 4.36 4.83
N VAL B 40 -4.51 3.91 4.81
CA VAL B 40 -4.89 2.55 4.37
C VAL B 40 -6.27 2.64 3.71
N GLU B 41 -6.46 1.89 2.63
CA GLU B 41 -7.69 1.94 1.82
C GLU B 41 -8.24 0.56 1.54
N ILE B 42 -9.42 0.26 2.07
CA ILE B 42 -10.16 -0.95 1.73
C ILE B 42 -11.30 -0.60 0.79
N ILE B 43 -11.44 -1.40 -0.29
CA ILE B 43 -12.41 -1.12 -1.35
C ILE B 43 -13.83 -1.33 -0.80
N PHE B 44 -14.69 -0.33 -1.02
CA PHE B 44 -16.01 -0.28 -0.41
C PHE B 44 -17.08 0.32 -1.34
N ASN B 45 -18.27 -0.27 -1.28
CA ASN B 45 -19.51 0.23 -1.87
C ASN B 45 -20.69 -0.56 -1.28
N GLU B 46 -21.88 0.05 -1.19
CA GLU B 46 -23.19 -0.55 -0.88
C GLU B 46 -23.23 -1.55 0.32
N ARG B 47 -22.72 -2.76 0.13
CA ARG B 47 -22.50 -3.81 1.15
C ARG B 47 -21.46 -3.43 2.23
N GLY B 48 -20.58 -2.47 1.94
CA GLY B 48 -19.42 -2.10 2.76
C GLY B 48 -18.11 -2.63 2.16
N SER B 49 -17.16 -3.05 3.00
CA SER B 49 -15.89 -3.65 2.58
C SER B 49 -16.08 -4.88 1.69
N LYS B 50 -15.26 -5.00 0.63
CA LYS B 50 -15.23 -6.18 -0.27
C LYS B 50 -14.35 -7.34 0.21
N GLY B 51 -13.23 -7.05 0.85
CA GLY B 51 -12.19 -8.04 1.13
C GLY B 51 -11.06 -7.91 0.09
N PHE B 52 -10.69 -6.65 -0.19
CA PHE B 52 -9.77 -6.18 -1.20
C PHE B 52 -9.34 -4.78 -0.75
N GLY B 53 -8.05 -4.44 -0.77
CA GLY B 53 -7.61 -3.15 -0.26
C GLY B 53 -6.14 -2.81 -0.54
N PHE B 54 -5.60 -1.94 0.29
CA PHE B 54 -4.29 -1.33 0.15
C PHE B 54 -3.81 -0.78 1.47
N VAL B 55 -2.48 -0.67 1.61
CA VAL B 55 -1.79 -0.06 2.74
C VAL B 55 -0.75 0.92 2.22
N THR B 56 -0.59 2.08 2.87
CA THR B 56 0.46 3.06 2.55
C THR B 56 1.45 3.14 3.71
N PHE B 57 2.56 2.43 3.55
CA PHE B 57 3.67 2.42 4.50
C PHE B 57 4.36 3.80 4.56
N GLU B 58 4.91 4.17 5.71
CA GLU B 58 5.72 5.39 5.89
C GLU B 58 6.94 5.46 4.96
N ASN B 59 7.55 4.31 4.68
CA ASN B 59 8.76 4.19 3.88
C ASN B 59 8.82 2.86 3.12
N SER B 60 9.43 2.90 1.93
CA SER B 60 9.66 1.74 1.06
C SER B 60 10.48 0.64 1.75
N ALA B 61 11.28 1.02 2.74
CA ALA B 61 12.17 0.16 3.51
C ALA B 61 11.43 -1.02 4.17
N ASP B 62 10.30 -0.73 4.84
CA ASP B 62 9.47 -1.74 5.50
C ASP B 62 8.32 -2.19 4.61
N ALA B 63 7.88 -1.37 3.65
CA ALA B 63 6.86 -1.74 2.67
C ALA B 63 7.27 -2.99 1.88
N ASP B 64 8.53 -3.03 1.46
CA ASP B 64 9.07 -4.05 0.55
C ASP B 64 9.19 -5.41 1.26
N ARG B 65 9.86 -5.43 2.42
CA ARG B 65 9.95 -6.61 3.30
C ARG B 65 8.60 -7.08 3.82
N ALA B 66 7.75 -6.17 4.30
CA ALA B 66 6.45 -6.52 4.86
C ALA B 66 5.61 -7.34 3.87
N ARG B 67 5.43 -6.82 2.65
CA ARG B 67 4.74 -7.52 1.54
C ARG B 67 5.31 -8.93 1.29
N GLU B 68 6.63 -9.12 1.36
CA GLU B 68 7.27 -10.43 1.21
C GLU B 68 6.86 -11.40 2.35
N LYS B 69 6.81 -10.90 3.59
CA LYS B 69 6.42 -11.71 4.77
C LYS B 69 4.92 -12.04 4.78
N LEU B 70 4.07 -11.09 4.40
CA LEU B 70 2.60 -11.22 4.42
C LEU B 70 2.04 -12.01 3.22
N HIS B 71 2.62 -11.87 2.02
CA HIS B 71 2.25 -12.69 0.85
C HIS B 71 2.41 -14.19 1.16
N GLY B 72 1.38 -14.98 0.87
CA GLY B 72 1.32 -16.41 1.27
C GLY B 72 0.80 -16.69 2.68
N THR B 73 0.60 -15.65 3.52
CA THR B 73 -0.12 -15.77 4.81
C THR B 73 -1.59 -16.07 4.51
N VAL B 74 -2.33 -16.63 5.46
CA VAL B 74 -3.69 -17.18 5.26
C VAL B 74 -4.67 -16.52 6.23
N VAL B 75 -4.68 -15.18 6.23
CA VAL B 75 -5.40 -14.40 7.24
C VAL B 75 -6.89 -14.69 7.22
N GLU B 76 -7.45 -14.93 8.40
CA GLU B 76 -8.84 -15.41 8.57
C GLU B 76 -9.20 -16.68 7.76
N GLY B 77 -8.20 -17.54 7.58
CA GLY B 77 -8.25 -18.77 6.78
C GLY B 77 -8.12 -18.58 5.26
N ARG B 78 -7.77 -17.38 4.77
CA ARG B 78 -7.72 -17.04 3.34
C ARG B 78 -6.30 -16.73 2.90
N LYS B 79 -5.64 -17.64 2.17
CA LYS B 79 -4.33 -17.38 1.55
C LYS B 79 -4.33 -16.09 0.71
N ILE B 80 -3.67 -15.06 1.22
CA ILE B 80 -3.59 -13.72 0.62
C ILE B 80 -2.46 -13.57 -0.41
N GLU B 81 -2.61 -12.51 -1.20
CA GLU B 81 -1.60 -11.99 -2.12
C GLU B 81 -1.40 -10.50 -1.84
N VAL B 82 -0.13 -10.07 -1.83
CA VAL B 82 0.30 -8.68 -1.58
C VAL B 82 1.39 -8.31 -2.59
N ASN B 83 1.29 -7.12 -3.18
CA ASN B 83 2.38 -6.56 -3.99
C ASN B 83 2.41 -5.02 -3.87
N ASN B 84 3.40 -4.36 -4.51
CA ASN B 84 3.68 -2.92 -4.44
C ASN B 84 2.64 -1.97 -5.07
N ALA B 85 1.41 -2.43 -5.15
CA ALA B 85 0.23 -1.71 -5.64
C ALA B 85 0.21 -1.34 -7.13
N THR B 86 -0.92 -0.71 -7.46
CA THR B 86 -1.42 -0.25 -8.76
C THR B 86 -2.47 0.82 -8.41
N ALA B 87 -2.62 1.85 -9.23
CA ALA B 87 -3.41 3.04 -8.87
C ALA B 87 -4.01 3.75 -10.10
N ARG B 88 -4.75 4.84 -9.85
CA ARG B 88 -5.39 5.69 -10.86
C ARG B 88 -4.37 6.18 -11.90
N VAL B 89 -4.68 6.06 -13.18
CA VAL B 89 -3.71 6.29 -14.28
C VAL B 89 -3.23 7.74 -14.36
N MET B 90 -1.92 7.93 -14.54
CA MET B 90 -1.23 9.22 -14.65
C MET B 90 -0.59 9.44 -16.04
N THR B 91 -1.14 8.76 -17.05
CA THR B 91 -0.65 8.73 -18.45
C THR B 91 -0.83 10.05 -19.20
N ASN B 92 -1.69 10.95 -18.69
CA ASN B 92 -1.84 12.33 -19.16
C ASN B 92 -0.67 13.21 -18.67
N LYS B 93 0.55 12.89 -19.12
CA LYS B 93 1.85 13.41 -18.65
C LYS B 93 2.22 14.80 -19.23
N LYS B 94 3.51 15.17 -19.12
CA LYS B 94 4.07 16.50 -19.38
C LYS B 94 3.65 17.11 -20.73
N THR B 95 3.37 18.41 -20.73
CA THR B 95 2.96 19.22 -21.90
C THR B 95 4.13 19.48 -22.86
N VAL B 96 3.85 19.61 -24.16
CA VAL B 96 4.83 20.03 -25.21
C VAL B 96 5.34 21.47 -24.98
N ASN B 97 6.51 21.80 -25.54
CA ASN B 97 7.16 23.11 -25.39
C ASN B 97 7.27 23.87 -26.74
N PRO B 98 7.20 25.23 -26.71
CA PRO B 98 7.18 26.08 -27.91
C PRO B 98 8.58 26.41 -28.50
N TYR B 99 9.62 26.24 -27.70
CA TYR B 99 10.99 26.72 -27.93
C TYR B 99 11.65 26.52 -29.31
N THR B 100 12.41 27.55 -29.67
CA THR B 100 13.36 27.64 -30.79
C THR B 100 14.65 28.37 -30.36
N ASN B 101 15.65 28.40 -31.25
CA ASN B 101 16.95 29.06 -30.99
C ASN B 101 16.83 30.58 -30.74
N GLY B 102 17.75 31.13 -29.94
CA GLY B 102 17.84 32.55 -29.57
C GLY B 102 19.29 33.04 -29.44
N HIS B 1 19.41 26.21 3.15
CA HIS B 1 18.66 25.47 2.12
C HIS B 1 19.15 24.02 2.03
N MET B 2 18.24 23.08 2.26
CA MET B 2 18.46 21.62 2.21
C MET B 2 17.27 20.89 1.57
N ASN B 3 17.52 19.70 1.00
CA ASN B 3 16.49 18.84 0.39
C ASN B 3 15.44 18.34 1.41
N THR B 4 15.89 17.99 2.61
CA THR B 4 15.15 17.63 3.84
C THR B 4 14.11 16.50 3.67
N GLU B 5 14.37 15.60 2.71
CA GLU B 5 13.49 14.46 2.33
C GLU B 5 14.22 13.11 2.36
N ASN B 6 13.42 12.04 2.40
CA ASN B 6 13.86 10.65 2.41
C ASN B 6 14.04 10.06 0.99
N LYS B 7 14.81 8.97 0.89
CA LYS B 7 15.17 8.28 -0.36
C LYS B 7 14.27 7.07 -0.68
N SER B 8 13.84 6.31 0.32
CA SER B 8 13.09 5.05 0.13
C SER B 8 11.67 5.30 -0.36
N GLN B 9 10.99 6.29 0.25
CA GLN B 9 9.70 6.89 -0.16
C GLN B 9 8.49 5.93 -0.14
N PRO B 10 7.27 6.42 0.09
CA PRO B 10 6.08 5.59 0.27
C PRO B 10 5.74 4.76 -0.98
N LYS B 11 5.10 3.61 -0.74
CA LYS B 11 4.52 2.74 -1.78
C LYS B 11 3.14 2.30 -1.37
N ARG B 12 2.27 2.16 -2.38
CA ARG B 12 0.99 1.48 -2.24
C ARG B 12 1.20 -0.02 -2.51
N LEU B 13 0.57 -0.87 -1.69
CA LEU B 13 0.59 -2.33 -1.72
C LEU B 13 -0.85 -2.84 -1.87
N HIS B 14 -1.12 -3.70 -2.83
CA HIS B 14 -2.39 -4.44 -2.98
C HIS B 14 -2.47 -5.57 -1.95
N VAL B 15 -3.65 -5.87 -1.40
CA VAL B 15 -3.93 -6.99 -0.48
C VAL B 15 -5.22 -7.72 -0.89
N SER B 16 -5.23 -9.06 -0.87
CA SER B 16 -6.39 -9.91 -1.30
C SER B 16 -6.61 -11.10 -0.37
N ASN B 17 -7.80 -11.72 -0.46
CA ASN B 17 -8.28 -12.87 0.33
C ASN B 17 -8.44 -12.58 1.83
N ILE B 18 -8.22 -11.34 2.24
CA ILE B 18 -8.53 -10.77 3.56
C ILE B 18 -10.02 -10.97 3.88
N PRO B 19 -10.40 -11.05 5.16
CA PRO B 19 -11.79 -11.25 5.56
C PRO B 19 -12.66 -10.02 5.27
N PHE B 20 -13.94 -10.24 5.02
CA PHE B 20 -14.96 -9.19 4.90
C PHE B 20 -15.04 -8.26 6.13
N ARG B 21 -14.61 -8.74 7.30
CA ARG B 21 -14.58 -7.96 8.57
C ARG B 21 -13.49 -6.88 8.63
N PHE B 22 -12.41 -6.98 7.86
CA PHE B 22 -11.30 -6.01 7.92
C PHE B 22 -11.72 -4.63 7.41
N ARG B 23 -11.57 -3.63 8.29
CA ARG B 23 -11.67 -2.19 8.00
C ARG B 23 -10.26 -1.61 7.80
N ASP B 24 -10.15 -0.31 7.54
CA ASP B 24 -8.87 0.40 7.37
C ASP B 24 -7.85 0.07 8.48
N PRO B 25 -8.13 0.23 9.79
CA PRO B 25 -7.16 -0.08 10.86
C PRO B 25 -6.80 -1.57 10.93
N ASP B 26 -7.67 -2.49 10.50
CA ASP B 26 -7.36 -3.93 10.47
C ASP B 26 -6.29 -4.25 9.41
N LEU B 27 -6.29 -3.55 8.27
CA LEU B 27 -5.19 -3.62 7.31
C LEU B 27 -3.96 -2.86 7.84
N ARG B 28 -4.11 -1.73 8.56
CA ARG B 28 -2.96 -1.00 9.14
C ARG B 28 -2.17 -1.85 10.12
N GLN B 29 -2.88 -2.56 10.97
CA GLN B 29 -2.32 -3.48 11.99
C GLN B 29 -1.51 -4.61 11.35
N MET B 30 -1.86 -4.98 10.12
CA MET B 30 -1.26 -6.09 9.37
C MET B 30 0.10 -5.73 8.76
N PHE B 31 0.23 -4.52 8.21
CA PHE B 31 1.46 -4.03 7.57
C PHE B 31 2.32 -3.16 8.51
N GLY B 32 1.67 -2.31 9.32
CA GLY B 32 2.32 -1.33 10.22
C GLY B 32 3.13 -1.92 11.36
N GLN B 33 3.00 -3.24 11.60
CA GLN B 33 3.87 -3.99 12.51
C GLN B 33 5.37 -3.93 12.10
N PHE B 34 5.67 -3.71 10.81
CA PHE B 34 7.04 -3.64 10.30
C PHE B 34 7.64 -2.22 10.28
N GLY B 35 6.81 -1.18 10.12
CA GLY B 35 7.23 0.23 10.10
C GLY B 35 6.12 1.22 10.48
N LYS B 36 5.58 1.96 9.50
CA LYS B 36 4.54 2.99 9.65
C LYS B 36 3.60 3.04 8.44
N ILE B 37 2.32 3.31 8.68
CA ILE B 37 1.25 3.41 7.66
C ILE B 37 0.67 4.82 7.63
N LEU B 38 0.43 5.37 6.43
CA LEU B 38 -0.07 6.74 6.23
C LEU B 38 -1.57 6.74 5.94
N ASP B 39 -1.95 5.92 4.97
CA ASP B 39 -3.30 5.81 4.40
C ASP B 39 -3.56 4.39 3.88
N VAL B 40 -4.81 3.95 3.89
CA VAL B 40 -5.23 2.57 3.58
C VAL B 40 -6.62 2.57 2.94
N GLU B 41 -6.81 1.75 1.91
CA GLU B 41 -8.04 1.69 1.11
C GLU B 41 -8.53 0.27 0.85
N ILE B 42 -9.50 -0.20 1.64
CA ILE B 42 -10.32 -1.35 1.22
C ILE B 42 -11.17 -0.81 0.06
N ILE B 43 -11.55 -1.63 -0.93
CA ILE B 43 -12.12 -1.07 -2.18
C ILE B 43 -13.46 -0.33 -2.03
N PHE B 44 -14.28 -0.75 -1.07
CA PHE B 44 -15.66 -0.33 -0.83
C PHE B 44 -16.68 -0.67 -1.93
N ASN B 45 -17.89 -1.04 -1.47
CA ASN B 45 -19.07 -1.17 -2.32
C ASN B 45 -20.37 -0.92 -1.52
N GLU B 46 -21.55 -1.03 -2.16
CA GLU B 46 -22.88 -0.97 -1.54
C GLU B 46 -23.06 -1.96 -0.36
N ARG B 47 -22.40 -3.11 -0.43
CA ARG B 47 -22.30 -4.12 0.66
C ARG B 47 -21.57 -3.63 1.92
N GLY B 48 -20.81 -2.55 1.81
CA GLY B 48 -19.86 -2.04 2.81
C GLY B 48 -18.43 -2.46 2.45
N SER B 49 -17.75 -3.12 3.38
CA SER B 49 -16.40 -3.65 3.16
C SER B 49 -16.36 -4.81 2.16
N LYS B 50 -15.27 -4.91 1.40
CA LYS B 50 -14.90 -6.04 0.53
C LYS B 50 -13.66 -6.76 1.07
N GLY B 51 -13.54 -8.07 0.80
CA GLY B 51 -12.38 -8.89 1.14
C GLY B 51 -11.13 -8.65 0.27
N PHE B 52 -10.83 -7.39 -0.04
CA PHE B 52 -9.87 -6.91 -1.03
C PHE B 52 -9.49 -5.44 -0.75
N GLY B 53 -8.21 -5.09 -0.75
CA GLY B 53 -7.79 -3.74 -0.38
C GLY B 53 -6.41 -3.32 -0.85
N PHE B 54 -5.95 -2.20 -0.29
CA PHE B 54 -4.66 -1.59 -0.53
C PHE B 54 -4.16 -0.88 0.74
N VAL B 55 -2.85 -0.74 0.86
CA VAL B 55 -2.15 -0.09 1.97
C VAL B 55 -1.07 0.82 1.44
N THR B 56 -0.97 2.05 1.93
CA THR B 56 0.17 2.92 1.66
C THR B 56 1.11 2.86 2.85
N PHE B 57 2.30 2.31 2.63
CA PHE B 57 3.42 2.27 3.58
C PHE B 57 4.29 3.54 3.51
N GLU B 58 4.77 4.04 4.65
CA GLU B 58 5.58 5.27 4.79
C GLU B 58 6.84 5.25 3.92
N ASN B 59 7.46 4.08 3.80
CA ASN B 59 8.69 3.83 3.04
C ASN B 59 8.69 2.45 2.39
N SER B 60 9.30 2.39 1.21
CA SER B 60 9.47 1.13 0.43
C SER B 60 10.31 0.08 1.17
N ALA B 61 11.13 0.54 2.12
CA ALA B 61 11.98 -0.29 2.98
C ALA B 61 11.20 -1.40 3.70
N ASP B 62 10.10 -1.03 4.35
CA ASP B 62 9.23 -1.95 5.08
C ASP B 62 8.07 -2.44 4.22
N ALA B 63 7.70 -1.71 3.18
CA ALA B 63 6.65 -2.11 2.24
C ALA B 63 7.03 -3.42 1.50
N ASP B 64 8.32 -3.56 1.16
CA ASP B 64 8.86 -4.67 0.38
C ASP B 64 8.92 -5.96 1.21
N ARG B 65 9.58 -5.89 2.38
CA ARG B 65 9.59 -6.98 3.36
C ARG B 65 8.20 -7.34 3.87
N ALA B 66 7.34 -6.36 4.16
CA ALA B 66 5.99 -6.64 4.66
C ALA B 66 5.21 -7.50 3.68
N ARG B 67 5.14 -7.11 2.40
CA ARG B 67 4.57 -7.93 1.32
C ARG B 67 5.19 -9.33 1.30
N GLU B 68 6.52 -9.46 1.45
CA GLU B 68 7.19 -10.76 1.48
C GLU B 68 6.74 -11.65 2.65
N LYS B 69 6.61 -11.07 3.86
CA LYS B 69 6.20 -11.79 5.08
C LYS B 69 4.71 -12.13 5.07
N LEU B 70 3.87 -11.22 4.58
CA LEU B 70 2.42 -11.38 4.53
C LEU B 70 1.95 -12.31 3.38
N HIS B 71 2.54 -12.26 2.19
CA HIS B 71 2.20 -13.19 1.10
C HIS B 71 2.39 -14.65 1.53
N GLY B 72 1.38 -15.49 1.26
CA GLY B 72 1.34 -16.88 1.73
C GLY B 72 0.83 -17.07 3.17
N THR B 73 0.58 -15.99 3.92
CA THR B 73 -0.18 -16.04 5.19
C THR B 73 -1.61 -16.48 4.88
N VAL B 74 -2.31 -17.03 5.85
CA VAL B 74 -3.62 -17.70 5.64
C VAL B 74 -4.61 -17.16 6.68
N VAL B 75 -4.77 -15.85 6.67
CA VAL B 75 -5.54 -15.12 7.70
C VAL B 75 -7.01 -15.57 7.72
N GLU B 76 -7.51 -16.02 8.88
CA GLU B 76 -8.83 -16.68 9.04
C GLU B 76 -9.06 -17.86 8.07
N GLY B 77 -7.95 -18.54 7.81
CA GLY B 77 -7.80 -19.69 6.90
C GLY B 77 -7.66 -19.35 5.41
N ARG B 78 -7.64 -18.06 5.03
CA ARG B 78 -7.64 -17.60 3.64
C ARG B 78 -6.23 -17.26 3.19
N LYS B 79 -5.54 -18.16 2.46
CA LYS B 79 -4.23 -17.85 1.86
C LYS B 79 -4.24 -16.56 1.03
N ILE B 80 -3.67 -15.50 1.60
CA ILE B 80 -3.60 -14.16 1.04
C ILE B 80 -2.48 -14.00 0.01
N GLU B 81 -2.63 -12.96 -0.79
CA GLU B 81 -1.61 -12.44 -1.70
C GLU B 81 -1.51 -10.91 -1.60
N VAL B 82 -0.30 -10.40 -1.83
CA VAL B 82 0.08 -8.99 -1.68
C VAL B 82 1.22 -8.67 -2.67
N ASN B 83 1.14 -7.52 -3.33
CA ASN B 83 2.09 -7.02 -4.34
C ASN B 83 2.10 -5.48 -4.35
N ASN B 84 3.06 -4.83 -5.01
CA ASN B 84 3.00 -3.38 -5.25
C ASN B 84 1.82 -3.02 -6.19
N ALA B 85 1.15 -1.93 -5.84
CA ALA B 85 -0.13 -1.46 -6.36
C ALA B 85 -0.08 -0.64 -7.68
N THR B 86 -1.12 0.15 -7.95
CA THR B 86 -1.43 0.80 -9.24
C THR B 86 -2.16 2.16 -9.08
N ALA B 87 -2.79 2.63 -10.16
CA ALA B 87 -3.76 3.73 -10.24
C ALA B 87 -3.23 5.14 -9.87
N ARG B 88 -4.18 6.08 -9.66
CA ARG B 88 -4.04 7.54 -9.53
C ARG B 88 -2.69 8.05 -9.03
N VAL B 89 -2.06 8.92 -9.84
CA VAL B 89 -0.86 9.71 -9.49
C VAL B 89 -1.27 11.19 -9.50
N MET B 90 -1.30 11.82 -8.32
CA MET B 90 -1.89 13.15 -8.09
C MET B 90 -1.00 14.34 -8.51
N THR B 91 -0.19 14.17 -9.57
CA THR B 91 0.72 15.18 -10.17
C THR B 91 1.84 15.68 -9.23
N ASN B 92 1.93 15.12 -8.01
CA ASN B 92 2.74 15.56 -6.86
C ASN B 92 2.37 16.96 -6.31
N LYS B 93 2.51 17.13 -4.99
CA LYS B 93 2.30 18.41 -4.27
C LYS B 93 3.51 19.37 -4.31
N LYS B 94 4.55 19.03 -5.09
CA LYS B 94 5.83 19.74 -5.24
C LYS B 94 6.39 19.63 -6.66
N THR B 95 7.14 20.65 -7.08
CA THR B 95 7.83 20.88 -8.38
C THR B 95 6.97 20.80 -9.66
N VAL B 96 7.18 21.74 -10.57
CA VAL B 96 6.49 21.91 -11.86
C VAL B 96 7.34 22.71 -12.85
N ASN B 97 7.06 22.56 -14.15
CA ASN B 97 7.72 23.26 -15.25
C ASN B 97 6.70 23.99 -16.15
N PRO B 98 7.05 25.16 -16.72
CA PRO B 98 6.12 25.99 -17.50
C PRO B 98 5.82 25.41 -18.90
N TYR B 99 6.79 24.72 -19.53
CA TYR B 99 6.69 24.13 -20.85
C TYR B 99 6.97 22.61 -20.85
N THR B 100 6.49 21.92 -21.89
CA THR B 100 6.68 20.46 -22.11
C THR B 100 6.68 20.09 -23.62
N ASN B 101 6.95 21.06 -24.49
CA ASN B 101 6.89 20.91 -25.95
C ASN B 101 7.97 19.97 -26.52
N GLY B 102 7.71 19.35 -27.68
CA GLY B 102 8.61 18.45 -28.40
C GLY B 102 7.94 17.76 -29.59
N HIS B 1 29.55 15.86 3.66
CA HIS B 1 29.45 14.80 2.66
C HIS B 1 27.99 14.33 2.48
N MET B 2 27.16 15.19 1.89
CA MET B 2 25.72 14.94 1.64
C MET B 2 25.49 13.85 0.56
N ASN B 3 24.27 13.33 0.51
CA ASN B 3 23.83 12.26 -0.39
C ASN B 3 23.02 12.79 -1.57
N THR B 4 21.98 13.58 -1.28
CA THR B 4 21.11 14.29 -2.20
C THR B 4 20.46 13.40 -3.26
N GLU B 5 20.01 12.23 -2.80
CA GLU B 5 19.20 11.25 -3.54
C GLU B 5 18.06 10.68 -2.68
N ASN B 6 17.02 10.17 -3.33
CA ASN B 6 15.95 9.38 -2.75
C ASN B 6 16.46 8.01 -2.26
N LYS B 7 15.83 7.47 -1.21
CA LYS B 7 16.30 6.24 -0.52
C LYS B 7 15.36 5.04 -0.63
N SER B 8 14.11 5.24 -0.22
CA SER B 8 13.10 4.17 -0.09
C SER B 8 11.74 4.66 -0.56
N GLN B 9 11.18 5.62 0.20
CA GLN B 9 10.01 6.41 -0.12
C GLN B 9 8.69 5.59 -0.13
N PRO B 10 7.52 6.17 0.19
CA PRO B 10 6.30 5.38 0.39
C PRO B 10 5.85 4.60 -0.85
N LYS B 11 5.15 3.48 -0.61
CA LYS B 11 4.50 2.65 -1.63
C LYS B 11 3.12 2.20 -1.17
N ARG B 12 2.20 2.05 -2.12
CA ARG B 12 0.94 1.34 -1.88
C ARG B 12 1.16 -0.15 -2.11
N LEU B 13 0.54 -0.98 -1.28
CA LEU B 13 0.48 -2.44 -1.35
C LEU B 13 -0.98 -2.84 -1.50
N HIS B 14 -1.33 -3.57 -2.55
CA HIS B 14 -2.62 -4.24 -2.72
C HIS B 14 -2.74 -5.41 -1.74
N VAL B 15 -3.90 -5.63 -1.14
CA VAL B 15 -4.17 -6.74 -0.18
C VAL B 15 -5.46 -7.48 -0.54
N SER B 16 -5.47 -8.80 -0.49
CA SER B 16 -6.58 -9.67 -0.98
C SER B 16 -6.73 -10.98 -0.22
N ASN B 17 -7.90 -11.64 -0.35
CA ASN B 17 -8.35 -12.83 0.38
C ASN B 17 -8.55 -12.64 1.90
N ILE B 18 -8.23 -11.43 2.39
CA ILE B 18 -8.55 -10.92 3.72
C ILE B 18 -10.06 -11.03 4.00
N PRO B 19 -10.49 -11.20 5.25
CA PRO B 19 -11.91 -11.37 5.57
C PRO B 19 -12.72 -10.10 5.27
N PHE B 20 -14.01 -10.24 4.99
CA PHE B 20 -14.94 -9.11 4.79
C PHE B 20 -14.88 -8.08 5.95
N ARG B 21 -14.58 -8.55 7.18
CA ARG B 21 -14.51 -7.73 8.41
C ARG B 21 -13.28 -6.83 8.53
N PHE B 22 -12.21 -7.08 7.77
CA PHE B 22 -11.01 -6.21 7.80
C PHE B 22 -11.37 -4.78 7.40
N ARG B 23 -11.21 -3.85 8.35
CA ARG B 23 -11.28 -2.39 8.17
C ARG B 23 -9.87 -1.79 8.22
N ASP B 24 -9.78 -0.47 8.07
CA ASP B 24 -8.50 0.26 8.02
C ASP B 24 -7.54 -0.10 9.18
N PRO B 25 -7.94 -0.12 10.47
CA PRO B 25 -7.07 -0.55 11.56
C PRO B 25 -6.68 -2.04 11.49
N ASP B 26 -7.53 -2.91 10.96
CA ASP B 26 -7.23 -4.34 10.79
C ASP B 26 -6.17 -4.59 9.70
N LEU B 27 -6.10 -3.75 8.66
CA LEU B 27 -4.96 -3.76 7.71
C LEU B 27 -3.72 -3.07 8.31
N ARG B 28 -3.89 -1.96 9.04
CA ARG B 28 -2.76 -1.20 9.62
C ARG B 28 -1.98 -2.01 10.66
N GLN B 29 -2.69 -2.82 11.44
CA GLN B 29 -2.08 -3.72 12.42
C GLN B 29 -1.35 -4.92 11.77
N MET B 30 -1.65 -5.19 10.49
CA MET B 30 -1.08 -6.31 9.73
C MET B 30 0.25 -5.93 9.06
N PHE B 31 0.34 -4.72 8.52
CA PHE B 31 1.53 -4.20 7.84
C PHE B 31 2.40 -3.37 8.79
N GLY B 32 1.79 -2.50 9.61
CA GLY B 32 2.50 -1.54 10.46
C GLY B 32 3.33 -2.13 11.60
N GLN B 33 3.21 -3.45 11.84
CA GLN B 33 4.10 -4.20 12.74
C GLN B 33 5.59 -4.13 12.33
N PHE B 34 5.89 -3.94 11.03
CA PHE B 34 7.26 -3.85 10.51
C PHE B 34 7.85 -2.43 10.53
N GLY B 35 7.03 -1.39 10.36
CA GLY B 35 7.46 0.03 10.31
C GLY B 35 6.36 1.03 10.68
N LYS B 36 5.86 1.80 9.70
CA LYS B 36 4.84 2.86 9.86
C LYS B 36 3.89 2.93 8.66
N ILE B 37 2.61 3.17 8.92
CA ILE B 37 1.55 3.29 7.91
C ILE B 37 1.00 4.73 7.87
N LEU B 38 0.79 5.28 6.67
CA LEU B 38 0.30 6.66 6.48
C LEU B 38 -1.20 6.68 6.15
N ASP B 39 -1.59 5.83 5.19
CA ASP B 39 -2.91 5.83 4.54
C ASP B 39 -3.32 4.41 4.12
N VAL B 40 -4.58 4.01 4.33
CA VAL B 40 -5.08 2.65 4.09
C VAL B 40 -6.52 2.67 3.53
N GLU B 41 -6.82 1.78 2.59
CA GLU B 41 -8.12 1.64 1.93
C GLU B 41 -8.62 0.19 1.93
N ILE B 42 -9.94 0.00 2.05
CA ILE B 42 -10.63 -1.26 1.83
C ILE B 42 -11.76 -0.96 0.85
N ILE B 43 -11.85 -1.73 -0.22
CA ILE B 43 -12.68 -1.36 -1.38
C ILE B 43 -14.17 -1.41 -1.04
N PHE B 44 -14.81 -0.25 -1.17
CA PHE B 44 -16.22 -0.08 -0.88
C PHE B 44 -17.11 -0.54 -2.06
N ASN B 45 -18.25 -1.14 -1.72
CA ASN B 45 -19.18 -1.78 -2.64
C ASN B 45 -20.61 -1.71 -2.06
N GLU B 46 -21.59 -2.30 -2.76
CA GLU B 46 -23.00 -2.23 -2.38
C GLU B 46 -23.36 -2.96 -1.07
N ARG B 47 -22.50 -3.83 -0.53
CA ARG B 47 -22.61 -4.47 0.80
C ARG B 47 -21.91 -3.67 1.93
N GLY B 48 -21.06 -2.71 1.60
CA GLY B 48 -20.14 -2.03 2.53
C GLY B 48 -18.67 -2.23 2.16
N SER B 49 -17.83 -2.70 3.09
CA SER B 49 -16.44 -3.11 2.82
C SER B 49 -16.36 -4.51 2.18
N LYS B 50 -15.40 -4.71 1.26
CA LYS B 50 -15.01 -6.01 0.69
C LYS B 50 -13.83 -6.62 1.45
N GLY B 51 -13.60 -7.90 1.23
CA GLY B 51 -12.37 -8.61 1.66
C GLY B 51 -11.19 -8.33 0.72
N PHE B 52 -10.90 -7.06 0.46
CA PHE B 52 -10.00 -6.56 -0.57
C PHE B 52 -9.62 -5.11 -0.26
N GLY B 53 -8.35 -4.72 -0.39
CA GLY B 53 -7.89 -3.39 0.02
C GLY B 53 -6.49 -3.01 -0.45
N PHE B 54 -5.96 -1.97 0.18
CA PHE B 54 -4.63 -1.42 -0.02
C PHE B 54 -4.07 -0.81 1.26
N VAL B 55 -2.74 -0.79 1.38
CA VAL B 55 -1.99 -0.14 2.46
C VAL B 55 -0.90 0.74 1.88
N THR B 56 -0.72 1.94 2.42
CA THR B 56 0.41 2.81 2.08
C THR B 56 1.42 2.76 3.23
N PHE B 57 2.57 2.15 2.97
CA PHE B 57 3.72 2.16 3.88
C PHE B 57 4.58 3.42 3.75
N GLU B 58 5.11 3.93 4.88
CA GLU B 58 5.92 5.16 5.00
C GLU B 58 7.17 5.13 4.09
N ASN B 59 7.74 3.94 3.90
CA ASN B 59 8.95 3.68 3.12
C ASN B 59 8.87 2.30 2.46
N SER B 60 9.46 2.19 1.28
CA SER B 60 9.54 0.94 0.52
C SER B 60 10.34 -0.14 1.26
N ALA B 61 11.21 0.28 2.18
CA ALA B 61 12.04 -0.58 3.05
C ALA B 61 11.22 -1.64 3.77
N ASP B 62 10.15 -1.23 4.44
CA ASP B 62 9.24 -2.12 5.15
C ASP B 62 8.07 -2.57 4.30
N ALA B 63 7.66 -1.79 3.30
CA ALA B 63 6.62 -2.18 2.35
C ALA B 63 6.96 -3.51 1.64
N ASP B 64 8.22 -3.64 1.24
CA ASP B 64 8.70 -4.74 0.40
C ASP B 64 8.80 -6.05 1.21
N ARG B 65 9.54 -6.01 2.32
CA ARG B 65 9.58 -7.12 3.30
C ARG B 65 8.20 -7.46 3.84
N ALA B 66 7.39 -6.47 4.23
CA ALA B 66 6.06 -6.74 4.74
C ALA B 66 5.22 -7.50 3.71
N ARG B 67 5.13 -7.03 2.46
CA ARG B 67 4.50 -7.77 1.37
C ARG B 67 5.06 -9.19 1.23
N GLU B 68 6.38 -9.37 1.31
CA GLU B 68 7.01 -10.71 1.25
C GLU B 68 6.57 -11.63 2.39
N LYS B 69 6.53 -11.12 3.64
CA LYS B 69 6.14 -11.90 4.82
C LYS B 69 4.63 -12.20 4.84
N LEU B 70 3.80 -11.20 4.50
CA LEU B 70 2.34 -11.30 4.49
C LEU B 70 1.78 -12.09 3.30
N HIS B 71 2.35 -11.96 2.09
CA HIS B 71 1.96 -12.79 0.94
C HIS B 71 2.23 -14.28 1.25
N GLY B 72 1.20 -15.11 1.17
CA GLY B 72 1.27 -16.52 1.62
C GLY B 72 0.83 -16.77 3.06
N THR B 73 0.62 -15.74 3.88
CA THR B 73 -0.08 -15.86 5.20
C THR B 73 -1.53 -16.26 4.91
N VAL B 74 -2.22 -16.86 5.88
CA VAL B 74 -3.55 -17.48 5.70
C VAL B 74 -4.57 -16.85 6.65
N VAL B 75 -4.63 -15.52 6.59
CA VAL B 75 -5.42 -14.68 7.50
C VAL B 75 -6.90 -15.04 7.43
N GLU B 76 -7.50 -15.20 8.60
CA GLU B 76 -8.88 -15.67 8.78
C GLU B 76 -9.20 -16.99 8.03
N GLY B 77 -8.17 -17.84 7.93
CA GLY B 77 -8.15 -19.15 7.27
C GLY B 77 -7.87 -19.15 5.76
N ARG B 78 -7.68 -17.99 5.10
CA ARG B 78 -7.54 -17.86 3.65
C ARG B 78 -6.16 -17.36 3.26
N LYS B 79 -5.38 -18.18 2.54
CA LYS B 79 -4.10 -17.77 1.95
C LYS B 79 -4.21 -16.47 1.13
N ILE B 80 -3.71 -15.38 1.71
CA ILE B 80 -3.69 -14.02 1.16
C ILE B 80 -2.60 -13.80 0.12
N GLU B 81 -2.81 -12.78 -0.68
CA GLU B 81 -1.85 -12.27 -1.67
C GLU B 81 -1.70 -10.75 -1.52
N VAL B 82 -0.46 -10.27 -1.65
CA VAL B 82 -0.08 -8.86 -1.50
C VAL B 82 0.92 -8.49 -2.59
N ASN B 83 0.78 -7.33 -3.23
CA ASN B 83 1.63 -6.86 -4.33
C ASN B 83 1.80 -5.33 -4.28
N ASN B 84 2.85 -4.76 -4.87
CA ASN B 84 2.93 -3.30 -5.06
C ASN B 84 1.83 -2.83 -6.04
N ALA B 85 1.13 -1.76 -5.64
CA ALA B 85 -0.13 -1.29 -6.20
C ALA B 85 -0.09 -0.10 -7.19
N THR B 86 -1.24 0.12 -7.84
CA THR B 86 -1.58 1.31 -8.63
C THR B 86 -2.14 2.43 -7.74
N ALA B 87 -2.24 3.64 -8.28
CA ALA B 87 -2.96 4.78 -7.70
C ALA B 87 -3.28 5.84 -8.77
N ARG B 88 -3.95 6.93 -8.37
CA ARG B 88 -4.55 7.94 -9.27
C ARG B 88 -3.47 8.78 -9.99
N VAL B 89 -3.20 8.47 -11.26
CA VAL B 89 -2.18 9.11 -12.11
C VAL B 89 -2.71 9.23 -13.55
N MET B 90 -2.59 10.44 -14.13
CA MET B 90 -3.09 10.80 -15.47
C MET B 90 -1.96 11.04 -16.50
N THR B 91 -0.90 10.22 -16.43
CA THR B 91 0.28 10.24 -17.33
C THR B 91 1.05 11.58 -17.30
N ASN B 92 0.97 12.32 -16.19
CA ASN B 92 1.66 13.60 -16.01
C ASN B 92 3.19 13.41 -15.82
N LYS B 93 3.98 14.39 -16.27
CA LYS B 93 5.45 14.53 -16.16
C LYS B 93 6.28 13.25 -16.42
N LYS B 94 5.84 12.38 -17.35
CA LYS B 94 6.61 11.23 -17.85
C LYS B 94 7.86 11.69 -18.60
N THR B 95 8.97 10.96 -18.45
CA THR B 95 10.29 11.38 -18.98
C THR B 95 10.39 11.26 -20.51
N VAL B 96 10.75 12.36 -21.17
CA VAL B 96 11.11 12.47 -22.59
C VAL B 96 12.00 13.69 -22.82
N ASN B 97 12.91 13.60 -23.79
CA ASN B 97 13.98 14.56 -24.01
C ASN B 97 14.17 14.99 -25.50
N PRO B 98 14.51 16.26 -25.76
CA PRO B 98 14.86 16.77 -27.09
C PRO B 98 16.35 16.59 -27.46
N TYR B 99 17.23 16.58 -26.45
CA TYR B 99 18.69 16.57 -26.60
C TYR B 99 19.27 15.21 -27.05
N THR B 100 20.52 15.22 -27.53
CA THR B 100 21.23 14.05 -28.06
C THR B 100 21.61 13.02 -26.98
N ASN B 101 21.62 11.75 -27.40
CA ASN B 101 22.06 10.56 -26.68
C ASN B 101 21.39 10.28 -25.30
N GLY B 102 21.66 9.08 -24.75
CA GLY B 102 21.16 8.58 -23.46
C GLY B 102 22.12 8.83 -22.31
N HIS B 1 19.50 16.88 16.99
CA HIS B 1 19.59 17.89 15.93
C HIS B 1 20.49 17.51 14.73
N MET B 2 19.88 16.82 13.78
CA MET B 2 20.49 16.39 12.51
C MET B 2 19.47 16.49 11.35
N ASN B 3 19.93 16.34 10.11
CA ASN B 3 19.12 16.51 8.89
C ASN B 3 17.95 15.50 8.81
N THR B 4 18.23 14.21 9.02
CA THR B 4 17.30 13.07 9.17
C THR B 4 16.16 12.96 8.12
N GLU B 5 16.39 13.50 6.91
CA GLU B 5 15.43 13.45 5.79
C GLU B 5 15.18 12.02 5.25
N ASN B 6 14.08 11.83 4.51
CA ASN B 6 13.77 10.55 3.85
C ASN B 6 14.70 10.26 2.65
N LYS B 7 14.58 9.04 2.15
CA LYS B 7 15.36 8.43 1.06
C LYS B 7 14.60 7.32 0.32
N SER B 8 13.58 6.73 0.98
CA SER B 8 12.87 5.53 0.54
C SER B 8 11.48 5.82 -0.02
N GLN B 9 10.75 6.76 0.58
CA GLN B 9 9.43 7.29 0.16
C GLN B 9 8.24 6.29 0.23
N PRO B 10 7.01 6.77 0.47
CA PRO B 10 5.83 5.90 0.67
C PRO B 10 5.43 5.11 -0.58
N LYS B 11 4.88 3.89 -0.38
CA LYS B 11 4.22 3.07 -1.42
C LYS B 11 2.85 2.60 -0.94
N ARG B 12 1.93 2.43 -1.90
CA ARG B 12 0.67 1.71 -1.69
C ARG B 12 0.88 0.22 -2.00
N LEU B 13 0.40 -0.64 -1.11
CA LEU B 13 0.41 -2.10 -1.23
C LEU B 13 -1.03 -2.60 -1.27
N HIS B 14 -1.44 -3.37 -2.28
CA HIS B 14 -2.72 -4.08 -2.28
C HIS B 14 -2.69 -5.24 -1.29
N VAL B 15 -3.83 -5.53 -0.65
CA VAL B 15 -4.04 -6.64 0.28
C VAL B 15 -5.34 -7.38 -0.05
N SER B 16 -5.27 -8.67 -0.33
CA SER B 16 -6.41 -9.46 -0.82
C SER B 16 -6.73 -10.70 0.02
N ASN B 17 -7.88 -11.33 -0.25
CA ASN B 17 -8.49 -12.45 0.47
C ASN B 17 -8.74 -12.20 1.97
N ILE B 18 -8.62 -10.94 2.38
CA ILE B 18 -8.87 -10.43 3.75
C ILE B 18 -10.33 -10.69 4.15
N PRO B 19 -10.62 -10.90 5.44
CA PRO B 19 -11.98 -11.19 5.89
C PRO B 19 -12.91 -9.97 5.70
N PHE B 20 -14.23 -10.22 5.57
CA PHE B 20 -15.25 -9.14 5.45
C PHE B 20 -15.16 -8.10 6.57
N ARG B 21 -14.75 -8.52 7.78
CA ARG B 21 -14.55 -7.68 8.98
C ARG B 21 -13.35 -6.70 8.92
N PHE B 22 -12.30 -6.98 8.14
CA PHE B 22 -11.08 -6.16 8.13
C PHE B 22 -11.33 -4.77 7.54
N ARG B 23 -10.92 -3.73 8.29
CA ARG B 23 -10.93 -2.32 7.94
C ARG B 23 -9.57 -1.65 8.20
N ASP B 24 -9.52 -0.31 8.16
CA ASP B 24 -8.32 0.52 8.34
C ASP B 24 -7.38 -0.03 9.44
N PRO B 25 -7.77 -0.09 10.73
CA PRO B 25 -6.87 -0.52 11.80
C PRO B 25 -6.51 -2.01 11.72
N ASP B 26 -7.40 -2.87 11.19
CA ASP B 26 -7.15 -4.31 11.06
C ASP B 26 -6.08 -4.60 10.00
N LEU B 27 -6.09 -3.86 8.88
CA LEU B 27 -4.98 -3.88 7.91
C LEU B 27 -3.72 -3.23 8.50
N ARG B 28 -3.87 -2.13 9.25
CA ARG B 28 -2.75 -1.37 9.79
C ARG B 28 -1.88 -2.12 10.80
N GLN B 29 -2.52 -2.96 11.61
CA GLN B 29 -1.83 -3.86 12.55
C GLN B 29 -1.02 -4.95 11.84
N MET B 30 -1.38 -5.24 10.60
CA MET B 30 -0.80 -6.32 9.79
C MET B 30 0.51 -5.90 9.13
N PHE B 31 0.60 -4.65 8.65
CA PHE B 31 1.79 -4.09 7.98
C PHE B 31 2.63 -3.21 8.92
N GLY B 32 1.99 -2.41 9.79
CA GLY B 32 2.65 -1.44 10.67
C GLY B 32 3.52 -2.05 11.76
N GLN B 33 3.44 -3.37 11.95
CA GLN B 33 4.38 -4.14 12.80
C GLN B 33 5.85 -4.03 12.33
N PHE B 34 6.10 -3.78 11.04
CA PHE B 34 7.45 -3.66 10.47
C PHE B 34 7.99 -2.22 10.46
N GLY B 35 7.12 -1.21 10.30
CA GLY B 35 7.51 0.20 10.17
C GLY B 35 6.45 1.17 10.70
N LYS B 36 5.84 1.96 9.80
CA LYS B 36 4.81 2.97 10.08
C LYS B 36 3.85 3.10 8.90
N ILE B 37 2.59 3.41 9.16
CA ILE B 37 1.50 3.47 8.16
C ILE B 37 0.80 4.83 8.19
N LEU B 38 0.66 5.43 7.00
CA LEU B 38 0.13 6.77 6.80
C LEU B 38 -1.38 6.79 6.52
N ASP B 39 -1.81 5.88 5.65
CA ASP B 39 -3.15 5.82 5.09
C ASP B 39 -3.50 4.38 4.69
N VAL B 40 -4.75 3.95 4.81
CA VAL B 40 -5.17 2.56 4.55
C VAL B 40 -6.61 2.59 4.02
N GLU B 41 -6.85 1.95 2.88
CA GLU B 41 -8.11 2.01 2.12
C GLU B 41 -8.65 0.62 1.83
N ILE B 42 -9.75 0.24 2.48
CA ILE B 42 -10.51 -0.94 2.09
C ILE B 42 -11.61 -0.46 1.14
N ILE B 43 -11.91 -1.27 0.12
CA ILE B 43 -12.80 -0.86 -0.97
C ILE B 43 -14.26 -1.06 -0.57
N PHE B 44 -15.08 -0.02 -0.75
CA PHE B 44 -16.47 0.03 -0.31
C PHE B 44 -17.44 0.14 -1.48
N ASN B 45 -18.57 -0.56 -1.36
CA ASN B 45 -19.71 -0.52 -2.28
C ASN B 45 -20.98 -1.04 -1.55
N GLU B 46 -22.01 -1.49 -2.27
CA GLU B 46 -23.37 -1.82 -1.76
C GLU B 46 -23.43 -2.66 -0.45
N ARG B 47 -22.61 -3.70 -0.33
CA ARG B 47 -22.53 -4.61 0.85
C ARG B 47 -21.63 -4.11 2.00
N GLY B 48 -20.90 -3.02 1.78
CA GLY B 48 -19.82 -2.51 2.65
C GLY B 48 -18.44 -2.89 2.11
N SER B 49 -17.52 -3.22 3.03
CA SER B 49 -16.13 -3.62 2.72
C SER B 49 -16.07 -4.86 1.81
N LYS B 50 -15.26 -4.80 0.73
CA LYS B 50 -15.28 -5.80 -0.36
C LYS B 50 -14.49 -7.10 -0.17
N GLY B 51 -13.60 -7.19 0.82
CA GLY B 51 -12.73 -8.37 1.01
C GLY B 51 -11.34 -8.23 0.37
N PHE B 52 -10.96 -7.02 -0.04
CA PHE B 52 -9.64 -6.57 -0.47
C PHE B 52 -9.46 -5.09 -0.16
N GLY B 53 -8.23 -4.63 -0.10
CA GLY B 53 -7.85 -3.31 0.37
C GLY B 53 -6.46 -2.89 -0.10
N PHE B 54 -5.99 -1.80 0.46
CA PHE B 54 -4.64 -1.27 0.29
C PHE B 54 -4.13 -0.61 1.57
N VAL B 55 -2.81 -0.51 1.67
CA VAL B 55 -2.05 0.10 2.78
C VAL B 55 -0.98 1.02 2.22
N THR B 56 -0.80 2.18 2.83
CA THR B 56 0.23 3.17 2.48
C THR B 56 1.29 3.21 3.57
N PHE B 57 2.40 2.49 3.36
CA PHE B 57 3.58 2.59 4.21
C PHE B 57 4.20 3.99 4.20
N GLU B 58 4.82 4.38 5.32
CA GLU B 58 5.67 5.58 5.45
C GLU B 58 6.86 5.53 4.45
N ASN B 59 7.43 4.33 4.24
CA ASN B 59 8.61 4.10 3.42
C ASN B 59 8.58 2.75 2.69
N SER B 60 9.13 2.73 1.47
CA SER B 60 9.24 1.54 0.62
C SER B 60 10.14 0.45 1.23
N ALA B 61 11.02 0.84 2.16
CA ALA B 61 11.92 -0.05 2.89
C ALA B 61 11.19 -1.19 3.61
N ASP B 62 10.14 -0.84 4.35
CA ASP B 62 9.30 -1.79 5.07
C ASP B 62 8.15 -2.29 4.21
N ALA B 63 7.71 -1.52 3.22
CA ALA B 63 6.65 -1.93 2.30
C ALA B 63 7.05 -3.17 1.48
N ASP B 64 8.32 -3.24 1.10
CA ASP B 64 8.85 -4.33 0.26
C ASP B 64 8.97 -5.65 1.05
N ARG B 65 9.65 -5.61 2.19
CA ARG B 65 9.79 -6.75 3.12
C ARG B 65 8.46 -7.20 3.71
N ALA B 66 7.59 -6.28 4.13
CA ALA B 66 6.31 -6.61 4.75
C ALA B 66 5.46 -7.49 3.82
N ARG B 67 5.27 -7.07 2.58
CA ARG B 67 4.57 -7.84 1.55
C ARG B 67 5.17 -9.24 1.35
N GLU B 68 6.50 -9.40 1.41
CA GLU B 68 7.13 -10.72 1.34
C GLU B 68 6.73 -11.62 2.53
N LYS B 69 6.68 -11.04 3.75
CA LYS B 69 6.32 -11.78 4.97
C LYS B 69 4.83 -12.14 5.04
N LEU B 70 3.95 -11.21 4.63
CA LEU B 70 2.49 -11.36 4.66
C LEU B 70 1.95 -12.21 3.48
N HIS B 71 2.50 -12.07 2.26
CA HIS B 71 2.10 -12.92 1.12
C HIS B 71 2.34 -14.41 1.44
N GLY B 72 1.33 -15.25 1.23
CA GLY B 72 1.32 -16.65 1.66
C GLY B 72 0.74 -16.90 3.06
N THR B 73 0.44 -15.86 3.85
CA THR B 73 -0.37 -15.97 5.08
C THR B 73 -1.78 -16.38 4.69
N VAL B 74 -2.55 -17.00 5.59
CA VAL B 74 -3.83 -17.66 5.27
C VAL B 74 -4.91 -17.16 6.24
N VAL B 75 -5.13 -15.85 6.20
CA VAL B 75 -6.05 -15.15 7.12
C VAL B 75 -7.47 -15.72 7.02
N GLU B 76 -8.08 -16.09 8.15
CA GLU B 76 -9.38 -16.78 8.23
C GLU B 76 -9.47 -18.01 7.29
N GLY B 77 -8.32 -18.67 7.16
CA GLY B 77 -8.07 -19.85 6.34
C GLY B 77 -7.83 -19.59 4.84
N ARG B 78 -7.84 -18.34 4.35
CA ARG B 78 -7.70 -17.99 2.93
C ARG B 78 -6.33 -17.40 2.63
N LYS B 79 -5.47 -18.14 1.92
CA LYS B 79 -4.16 -17.69 1.46
C LYS B 79 -4.21 -16.32 0.75
N ILE B 80 -3.77 -15.28 1.45
CA ILE B 80 -3.74 -13.89 0.98
C ILE B 80 -2.66 -13.66 -0.07
N GLU B 81 -2.86 -12.59 -0.83
CA GLU B 81 -1.87 -12.04 -1.76
C GLU B 81 -1.72 -10.53 -1.52
N VAL B 82 -0.48 -10.06 -1.63
CA VAL B 82 -0.06 -8.66 -1.38
C VAL B 82 0.97 -8.28 -2.44
N ASN B 83 0.85 -7.08 -3.03
CA ASN B 83 1.87 -6.51 -3.93
C ASN B 83 1.72 -4.98 -4.06
N ASN B 84 2.62 -4.27 -4.75
CA ASN B 84 2.48 -2.85 -5.01
C ASN B 84 1.22 -2.52 -5.85
N ALA B 85 0.51 -1.46 -5.44
CA ALA B 85 -0.82 -1.04 -5.87
C ALA B 85 -0.92 -0.46 -7.31
N THR B 86 -2.16 -0.09 -7.69
CA THR B 86 -2.59 0.25 -9.06
C THR B 86 -2.62 1.75 -9.44
N ALA B 87 -2.45 1.98 -10.75
CA ALA B 87 -2.72 3.21 -11.50
C ALA B 87 -2.44 4.57 -10.78
N ARG B 88 -3.45 5.46 -10.78
CA ARG B 88 -3.44 6.90 -10.42
C ARG B 88 -2.53 7.77 -11.30
N VAL B 89 -2.73 9.08 -11.23
CA VAL B 89 -2.08 10.09 -12.09
C VAL B 89 -0.58 10.21 -11.85
N MET B 90 0.15 10.65 -12.89
CA MET B 90 1.58 10.99 -12.88
C MET B 90 1.84 12.37 -12.22
N THR B 91 1.36 12.51 -10.97
CA THR B 91 1.43 13.73 -10.13
C THR B 91 0.67 14.92 -10.74
N ASN B 92 -0.40 14.63 -11.50
CA ASN B 92 -1.34 15.55 -12.14
C ASN B 92 -0.73 16.50 -13.20
N LYS B 93 0.07 17.48 -12.78
CA LYS B 93 0.66 18.52 -13.65
C LYS B 93 1.73 17.99 -14.61
N LYS B 94 1.91 18.69 -15.74
CA LYS B 94 2.94 18.40 -16.77
C LYS B 94 4.32 18.89 -16.32
N THR B 95 5.38 18.40 -16.96
CA THR B 95 6.74 18.95 -16.82
C THR B 95 6.85 20.22 -17.67
N VAL B 96 6.60 21.38 -17.04
CA VAL B 96 6.46 22.69 -17.71
C VAL B 96 6.93 23.84 -16.80
N ASN B 97 7.33 24.96 -17.41
CA ASN B 97 7.84 26.16 -16.75
C ASN B 97 7.21 27.43 -17.36
N PRO B 98 7.15 28.56 -16.62
CA PRO B 98 6.63 29.83 -17.15
C PRO B 98 7.55 30.43 -18.24
N TYR B 99 8.86 30.21 -18.13
CA TYR B 99 9.84 30.51 -19.17
C TYR B 99 9.88 29.41 -20.25
N THR B 100 10.15 29.80 -21.51
CA THR B 100 10.21 28.89 -22.68
C THR B 100 11.64 28.67 -23.21
N ASN B 101 12.62 29.34 -22.61
CA ASN B 101 14.05 29.21 -22.92
C ASN B 101 14.68 27.92 -22.34
N GLY B 102 15.85 27.54 -22.87
CA GLY B 102 16.62 26.35 -22.46
C GLY B 102 17.83 26.07 -23.36
N HIS B 1 26.84 18.27 -1.31
CA HIS B 1 25.62 19.04 -1.06
C HIS B 1 24.52 18.24 -0.32
N MET B 2 24.82 17.82 0.91
CA MET B 2 23.91 17.22 1.90
C MET B 2 23.24 15.91 1.41
N ASN B 3 22.17 15.50 2.10
CA ASN B 3 21.39 14.28 1.88
C ASN B 3 20.64 14.23 0.55
N THR B 4 20.26 15.41 0.05
CA THR B 4 19.45 15.67 -1.16
C THR B 4 18.16 14.84 -1.20
N GLU B 5 17.56 14.80 -0.01
CA GLU B 5 16.24 14.28 0.39
C GLU B 5 16.03 12.76 0.25
N ASN B 6 14.86 12.29 0.72
CA ASN B 6 14.57 10.87 0.95
C ASN B 6 14.66 9.98 -0.30
N LYS B 7 15.16 8.78 -0.03
CA LYS B 7 15.54 7.72 -0.97
C LYS B 7 14.50 6.61 -1.13
N SER B 8 13.69 6.36 -0.10
CA SER B 8 12.73 5.26 -0.02
C SER B 8 11.33 5.73 -0.41
N GLN B 9 10.81 6.73 0.31
CA GLN B 9 9.48 7.35 0.14
C GLN B 9 8.29 6.39 0.34
N PRO B 10 7.09 6.88 0.73
CA PRO B 10 5.93 6.04 0.97
C PRO B 10 5.49 5.28 -0.29
N LYS B 11 4.88 4.11 -0.08
CA LYS B 11 4.25 3.30 -1.13
C LYS B 11 2.89 2.81 -0.65
N ARG B 12 1.94 2.73 -1.58
CA ARG B 12 0.67 2.04 -1.35
C ARG B 12 0.87 0.58 -1.78
N LEU B 13 0.59 -0.37 -0.90
CA LEU B 13 0.63 -1.82 -1.16
C LEU B 13 -0.77 -2.30 -1.51
N HIS B 14 -0.86 -3.26 -2.43
CA HIS B 14 -2.06 -4.03 -2.75
C HIS B 14 -2.15 -5.26 -1.87
N VAL B 15 -3.31 -5.52 -1.26
CA VAL B 15 -3.60 -6.75 -0.49
C VAL B 15 -4.94 -7.39 -0.87
N SER B 16 -4.95 -8.70 -1.11
CA SER B 16 -6.09 -9.45 -1.68
C SER B 16 -6.35 -10.79 -0.97
N ASN B 17 -7.56 -11.34 -1.15
CA ASN B 17 -8.12 -12.51 -0.46
C ASN B 17 -8.42 -12.27 1.04
N ILE B 18 -8.50 -11.01 1.46
CA ILE B 18 -8.89 -10.64 2.83
C ILE B 18 -10.35 -11.02 3.12
N PRO B 19 -10.72 -11.31 4.38
CA PRO B 19 -12.09 -11.59 4.76
C PRO B 19 -13.00 -10.36 4.58
N PHE B 20 -14.31 -10.58 4.39
CA PHE B 20 -15.32 -9.50 4.36
C PHE B 20 -15.31 -8.61 5.62
N ARG B 21 -14.88 -9.15 6.78
CA ARG B 21 -14.82 -8.43 8.07
C ARG B 21 -13.74 -7.34 8.15
N PHE B 22 -12.63 -7.44 7.40
CA PHE B 22 -11.47 -6.53 7.51
C PHE B 22 -11.84 -5.08 7.21
N ARG B 23 -11.62 -4.23 8.22
CA ARG B 23 -11.66 -2.76 8.18
C ARG B 23 -10.25 -2.16 8.13
N ASP B 24 -10.14 -0.84 8.01
CA ASP B 24 -8.86 -0.11 7.95
C ASP B 24 -7.83 -0.53 9.03
N PRO B 25 -8.16 -0.59 10.35
CA PRO B 25 -7.21 -1.07 11.35
C PRO B 25 -6.85 -2.56 11.20
N ASP B 26 -7.75 -3.40 10.70
CA ASP B 26 -7.50 -4.85 10.52
C ASP B 26 -6.39 -5.12 9.50
N LEU B 27 -6.32 -4.32 8.43
CA LEU B 27 -5.17 -4.33 7.51
C LEU B 27 -3.94 -3.72 8.18
N ARG B 28 -4.08 -2.56 8.81
CA ARG B 28 -2.99 -1.74 9.33
C ARG B 28 -2.17 -2.36 10.45
N GLN B 29 -2.81 -3.17 11.29
CA GLN B 29 -2.14 -4.01 12.31
C GLN B 29 -1.23 -5.07 11.67
N MET B 30 -1.55 -5.49 10.46
CA MET B 30 -0.88 -6.58 9.74
C MET B 30 0.43 -6.15 9.09
N PHE B 31 0.49 -4.91 8.58
CA PHE B 31 1.67 -4.31 7.96
C PHE B 31 2.48 -3.49 8.97
N GLY B 32 1.83 -2.76 9.87
CA GLY B 32 2.47 -1.78 10.76
C GLY B 32 3.38 -2.38 11.83
N GLN B 33 3.33 -3.70 12.02
CA GLN B 33 4.28 -4.44 12.84
C GLN B 33 5.76 -4.26 12.40
N PHE B 34 6.01 -3.99 11.12
CA PHE B 34 7.37 -3.84 10.57
C PHE B 34 7.92 -2.40 10.64
N GLY B 35 7.06 -1.38 10.61
CA GLY B 35 7.49 0.04 10.64
C GLY B 35 6.39 0.99 11.11
N LYS B 36 5.89 1.86 10.22
CA LYS B 36 4.80 2.84 10.48
C LYS B 36 3.88 3.01 9.26
N ILE B 37 2.58 2.98 9.53
CA ILE B 37 1.52 3.11 8.52
C ILE B 37 0.88 4.52 8.57
N LEU B 38 0.64 5.07 7.39
CA LEU B 38 0.10 6.41 7.15
C LEU B 38 -1.41 6.42 7.00
N ASP B 39 -1.87 5.79 5.92
CA ASP B 39 -3.26 5.71 5.47
C ASP B 39 -3.57 4.34 4.86
N VAL B 40 -4.79 3.83 5.02
CA VAL B 40 -5.17 2.45 4.66
C VAL B 40 -6.62 2.43 4.24
N GLU B 41 -6.95 1.84 3.07
CA GLU B 41 -8.35 1.63 2.69
C GLU B 41 -8.66 0.27 2.03
N ILE B 42 -9.76 -0.35 2.47
CA ILE B 42 -10.40 -1.50 1.83
C ILE B 42 -11.38 -0.93 0.81
N ILE B 43 -11.46 -1.49 -0.40
CA ILE B 43 -12.30 -0.91 -1.45
C ILE B 43 -13.77 -0.98 -1.02
N PHE B 44 -14.42 0.17 -1.10
CA PHE B 44 -15.71 0.46 -0.49
C PHE B 44 -16.87 0.52 -1.48
N ASN B 45 -18.03 0.05 -1.00
CA ASN B 45 -19.30 -0.03 -1.74
C ASN B 45 -20.50 -0.14 -0.78
N GLU B 46 -21.71 -0.26 -1.32
CA GLU B 46 -22.99 -0.32 -0.56
C GLU B 46 -23.06 -1.48 0.46
N ARG B 47 -22.45 -2.64 0.15
CA ARG B 47 -22.34 -3.81 1.05
C ARG B 47 -21.38 -3.59 2.24
N GLY B 48 -20.54 -2.55 2.19
CA GLY B 48 -19.67 -2.08 3.28
C GLY B 48 -18.19 -2.48 3.19
N SER B 49 -17.87 -3.66 2.64
CA SER B 49 -16.48 -4.15 2.48
C SER B 49 -16.36 -5.21 1.37
N LYS B 50 -15.40 -5.04 0.45
CA LYS B 50 -15.26 -5.85 -0.77
C LYS B 50 -14.53 -7.20 -0.61
N GLY B 51 -13.26 -7.23 -0.21
CA GLY B 51 -12.42 -8.44 -0.23
C GLY B 51 -10.96 -8.23 -0.67
N PHE B 52 -10.54 -6.99 -0.84
CA PHE B 52 -9.17 -6.51 -1.11
C PHE B 52 -9.02 -5.07 -0.60
N GLY B 53 -7.81 -4.67 -0.27
CA GLY B 53 -7.54 -3.31 0.15
C GLY B 53 -6.13 -2.89 -0.21
N PHE B 54 -5.73 -1.78 0.37
CA PHE B 54 -4.40 -1.23 0.20
C PHE B 54 -3.92 -0.45 1.41
N VAL B 55 -2.60 -0.39 1.55
CA VAL B 55 -1.90 0.12 2.74
C VAL B 55 -0.78 1.06 2.35
N THR B 56 -0.76 2.26 2.92
CA THR B 56 0.25 3.27 2.66
C THR B 56 1.30 3.24 3.79
N PHE B 57 2.41 2.58 3.53
CA PHE B 57 3.58 2.64 4.42
C PHE B 57 4.38 3.94 4.30
N GLU B 58 4.93 4.40 5.42
CA GLU B 58 5.78 5.61 5.53
C GLU B 58 6.97 5.61 4.55
N ASN B 59 7.56 4.44 4.32
CA ASN B 59 8.75 4.25 3.50
C ASN B 59 8.71 2.90 2.78
N SER B 60 9.28 2.88 1.58
CA SER B 60 9.40 1.66 0.76
C SER B 60 10.24 0.58 1.45
N ALA B 61 11.10 0.98 2.40
CA ALA B 61 11.95 0.14 3.24
C ALA B 61 11.18 -1.01 3.92
N ASP B 62 10.10 -0.69 4.64
CA ASP B 62 9.26 -1.67 5.33
C ASP B 62 8.10 -2.12 4.46
N ALA B 63 7.66 -1.31 3.49
CA ALA B 63 6.61 -1.67 2.55
C ALA B 63 7.00 -2.92 1.73
N ASP B 64 8.26 -2.98 1.31
CA ASP B 64 8.80 -4.01 0.43
C ASP B 64 8.91 -5.37 1.15
N ARG B 65 9.65 -5.39 2.27
CA ARG B 65 9.76 -6.55 3.16
C ARG B 65 8.41 -7.00 3.70
N ALA B 66 7.56 -6.08 4.16
CA ALA B 66 6.26 -6.44 4.70
C ALA B 66 5.42 -7.20 3.66
N ARG B 67 5.27 -6.66 2.44
CA ARG B 67 4.56 -7.33 1.35
C ARG B 67 5.16 -8.71 1.03
N GLU B 68 6.48 -8.88 1.06
CA GLU B 68 7.11 -10.20 0.94
C GLU B 68 6.68 -11.16 2.06
N LYS B 69 6.76 -10.74 3.33
CA LYS B 69 6.50 -11.62 4.48
C LYS B 69 5.00 -11.97 4.61
N LEU B 70 4.13 -11.02 4.33
CA LEU B 70 2.66 -11.15 4.41
C LEU B 70 2.07 -11.95 3.22
N HIS B 71 2.60 -11.82 2.01
CA HIS B 71 2.21 -12.68 0.87
C HIS B 71 2.41 -14.17 1.22
N GLY B 72 1.38 -15.00 1.01
CA GLY B 72 1.35 -16.39 1.46
C GLY B 72 0.86 -16.63 2.91
N THR B 73 0.62 -15.57 3.70
CA THR B 73 -0.10 -15.66 5.00
C THR B 73 -1.56 -16.04 4.72
N VAL B 74 -2.29 -16.55 5.71
CA VAL B 74 -3.62 -17.15 5.52
C VAL B 74 -4.62 -16.51 6.50
N VAL B 75 -4.81 -15.20 6.33
CA VAL B 75 -5.55 -14.37 7.30
C VAL B 75 -7.03 -14.79 7.37
N GLU B 76 -7.54 -15.09 8.56
CA GLU B 76 -8.86 -15.72 8.80
C GLU B 76 -9.10 -16.98 7.94
N GLY B 77 -8.00 -17.71 7.76
CA GLY B 77 -7.86 -18.93 6.97
C GLY B 77 -7.76 -18.74 5.45
N ARG B 78 -7.67 -17.51 4.94
CA ARG B 78 -7.64 -17.18 3.51
C ARG B 78 -6.22 -16.88 3.06
N LYS B 79 -5.55 -17.80 2.36
CA LYS B 79 -4.23 -17.52 1.75
C LYS B 79 -4.23 -16.25 0.89
N ILE B 80 -3.60 -15.20 1.41
CA ILE B 80 -3.53 -13.86 0.81
C ILE B 80 -2.40 -13.71 -0.19
N GLU B 81 -2.57 -12.69 -1.03
CA GLU B 81 -1.55 -12.18 -1.92
C GLU B 81 -1.36 -10.68 -1.65
N VAL B 82 -0.11 -10.22 -1.67
CA VAL B 82 0.24 -8.80 -1.48
C VAL B 82 1.26 -8.38 -2.55
N ASN B 83 1.07 -7.20 -3.11
CA ASN B 83 1.91 -6.58 -4.14
C ASN B 83 1.93 -5.05 -3.92
N ASN B 84 2.39 -4.24 -4.87
CA ASN B 84 2.23 -2.77 -4.84
C ASN B 84 0.90 -2.35 -5.51
N ALA B 85 0.35 -1.20 -5.11
CA ALA B 85 -0.88 -0.59 -5.63
C ALA B 85 -0.84 -0.27 -7.14
N THR B 86 -1.99 0.14 -7.68
CA THR B 86 -2.27 0.17 -9.12
C THR B 86 -3.28 1.24 -9.55
N ALA B 87 -3.27 1.59 -10.85
CA ALA B 87 -4.17 2.50 -11.56
C ALA B 87 -4.27 3.97 -11.10
N ARG B 88 -3.45 4.42 -10.13
CA ARG B 88 -3.36 5.84 -9.67
C ARG B 88 -2.54 6.70 -10.64
N VAL B 89 -3.01 6.76 -11.89
CA VAL B 89 -2.37 7.32 -13.11
C VAL B 89 -1.09 6.55 -13.50
N MET B 90 -1.12 5.88 -14.67
CA MET B 90 -0.04 5.02 -15.18
C MET B 90 0.73 5.63 -16.38
N THR B 91 0.53 6.93 -16.60
CA THR B 91 1.02 7.75 -17.73
C THR B 91 1.43 9.14 -17.25
N ASN B 92 2.13 9.19 -16.11
CA ASN B 92 2.42 10.40 -15.31
C ASN B 92 3.16 11.53 -16.06
N LYS B 93 3.87 11.21 -17.16
CA LYS B 93 4.50 12.19 -18.07
C LYS B 93 3.47 13.09 -18.78
N LYS B 94 2.29 12.54 -19.11
CA LYS B 94 1.08 13.23 -19.60
C LYS B 94 1.34 14.33 -20.64
N THR B 95 1.29 15.58 -20.22
CA THR B 95 1.32 16.82 -21.04
C THR B 95 2.71 17.13 -21.63
N VAL B 96 3.79 16.54 -21.11
CA VAL B 96 5.19 16.90 -21.48
C VAL B 96 5.50 16.68 -22.96
N ASN B 97 6.37 17.53 -23.50
CA ASN B 97 6.86 17.51 -24.88
C ASN B 97 8.08 16.58 -25.03
N PRO B 98 8.32 16.01 -26.22
CA PRO B 98 9.43 15.07 -26.44
C PRO B 98 10.79 15.76 -26.51
N TYR B 99 10.85 17.01 -26.99
CA TYR B 99 12.05 17.85 -27.00
C TYR B 99 12.40 18.38 -25.58
N THR B 100 13.70 18.64 -25.36
CA THR B 100 14.27 19.08 -24.07
C THR B 100 15.30 20.20 -24.29
N ASN B 101 15.38 21.16 -23.37
CA ASN B 101 16.32 22.29 -23.42
C ASN B 101 17.80 21.86 -23.32
N GLY B 102 18.71 22.70 -23.84
CA GLY B 102 20.17 22.48 -23.85
C GLY B 102 20.97 23.73 -24.24
N HIS B 1 18.53 25.99 3.75
CA HIS B 1 18.04 25.90 2.37
C HIS B 1 18.50 24.64 1.61
N MET B 2 17.52 23.81 1.22
CA MET B 2 17.64 22.46 0.63
C MET B 2 18.41 21.42 1.44
N ASN B 3 17.89 20.19 1.35
CA ASN B 3 18.29 19.02 2.11
C ASN B 3 18.41 17.74 1.26
N THR B 4 17.41 17.45 0.40
CA THR B 4 17.29 16.27 -0.48
C THR B 4 17.58 14.92 0.19
N GLU B 5 17.27 14.81 1.49
CA GLU B 5 17.37 13.58 2.28
C GLU B 5 16.34 12.52 1.85
N ASN B 6 16.62 11.26 2.23
CA ASN B 6 15.87 10.03 1.92
C ASN B 6 15.66 9.78 0.40
N LYS B 7 15.13 8.59 0.08
CA LYS B 7 14.95 8.05 -1.28
C LYS B 7 13.84 7.01 -1.39
N SER B 8 13.48 6.34 -0.29
CA SER B 8 12.60 5.17 -0.27
C SER B 8 11.16 5.49 -0.66
N GLN B 9 10.56 6.52 -0.03
CA GLN B 9 9.24 7.10 -0.31
C GLN B 9 8.04 6.15 -0.09
N PRO B 10 6.84 6.67 0.20
CA PRO B 10 5.66 5.84 0.44
C PRO B 10 5.22 5.07 -0.80
N LYS B 11 4.86 3.80 -0.61
CA LYS B 11 4.24 2.95 -1.63
C LYS B 11 2.94 2.35 -1.12
N ARG B 12 2.00 2.16 -2.04
CA ARG B 12 0.78 1.40 -1.80
C ARG B 12 1.00 -0.09 -2.10
N LEU B 13 0.47 -0.93 -1.21
CA LEU B 13 0.40 -2.39 -1.35
C LEU B 13 -1.07 -2.80 -1.46
N HIS B 14 -1.49 -3.49 -2.52
CA HIS B 14 -2.81 -4.14 -2.55
C HIS B 14 -2.80 -5.37 -1.64
N VAL B 15 -3.97 -5.73 -1.09
CA VAL B 15 -4.18 -6.92 -0.27
C VAL B 15 -5.52 -7.58 -0.58
N SER B 16 -5.61 -8.91 -0.48
CA SER B 16 -6.76 -9.71 -0.93
C SER B 16 -7.00 -10.94 -0.06
N ASN B 17 -8.15 -11.60 -0.23
CA ASN B 17 -8.60 -12.78 0.52
C ASN B 17 -8.81 -12.57 2.04
N ILE B 18 -8.57 -11.36 2.52
CA ILE B 18 -8.81 -10.87 3.88
C ILE B 18 -10.29 -11.05 4.29
N PRO B 19 -10.60 -11.20 5.58
CA PRO B 19 -11.98 -11.36 6.04
C PRO B 19 -12.79 -10.09 5.80
N PHE B 20 -14.11 -10.22 5.57
CA PHE B 20 -15.02 -9.08 5.40
C PHE B 20 -14.97 -8.07 6.58
N ARG B 21 -14.64 -8.57 7.79
CA ARG B 21 -14.57 -7.77 9.03
C ARG B 21 -13.40 -6.80 9.09
N PHE B 22 -12.33 -7.02 8.32
CA PHE B 22 -11.18 -6.09 8.29
C PHE B 22 -11.61 -4.69 7.84
N ARG B 23 -11.38 -3.71 8.71
CA ARG B 23 -11.45 -2.25 8.46
C ARG B 23 -10.05 -1.67 8.38
N ASP B 24 -9.92 -0.37 8.15
CA ASP B 24 -8.63 0.33 8.06
C ASP B 24 -7.66 -0.01 9.21
N PRO B 25 -8.04 0.05 10.50
CA PRO B 25 -7.15 -0.32 11.60
C PRO B 25 -6.75 -1.81 11.62
N ASP B 26 -7.59 -2.72 11.11
CA ASP B 26 -7.27 -4.15 11.03
C ASP B 26 -6.24 -4.45 9.93
N LEU B 27 -6.22 -3.67 8.84
CA LEU B 27 -5.13 -3.72 7.85
C LEU B 27 -3.86 -3.05 8.41
N ARG B 28 -3.99 -1.90 9.09
CA ARG B 28 -2.85 -1.18 9.68
C ARG B 28 -2.10 -1.99 10.73
N GLN B 29 -2.83 -2.83 11.45
CA GLN B 29 -2.33 -3.78 12.43
C GLN B 29 -1.45 -4.87 11.78
N MET B 30 -1.70 -5.18 10.50
CA MET B 30 -1.09 -6.29 9.78
C MET B 30 0.24 -5.92 9.12
N PHE B 31 0.34 -4.70 8.60
CA PHE B 31 1.54 -4.18 7.93
C PHE B 31 2.37 -3.25 8.84
N GLY B 32 1.72 -2.43 9.69
CA GLY B 32 2.38 -1.45 10.55
C GLY B 32 3.25 -2.05 11.67
N GLN B 33 3.17 -3.36 11.88
CA GLN B 33 4.09 -4.11 12.75
C GLN B 33 5.55 -4.03 12.28
N PHE B 34 5.80 -3.81 10.98
CA PHE B 34 7.15 -3.74 10.40
C PHE B 34 7.72 -2.31 10.37
N GLY B 35 6.87 -1.29 10.18
CA GLY B 35 7.29 0.10 10.01
C GLY B 35 6.25 1.11 10.52
N LYS B 36 5.69 1.91 9.61
CA LYS B 36 4.64 2.91 9.89
C LYS B 36 3.73 3.05 8.67
N ILE B 37 2.44 3.31 8.92
CA ILE B 37 1.37 3.41 7.92
C ILE B 37 0.75 4.80 7.93
N LEU B 38 0.50 5.33 6.74
CA LEU B 38 -0.05 6.67 6.50
C LEU B 38 -1.57 6.67 6.28
N ASP B 39 -2.01 5.88 5.30
CA ASP B 39 -3.37 5.84 4.75
C ASP B 39 -3.70 4.43 4.27
N VAL B 40 -4.95 3.99 4.42
CA VAL B 40 -5.36 2.59 4.14
C VAL B 40 -6.78 2.55 3.59
N GLU B 41 -7.02 1.75 2.53
CA GLU B 41 -8.27 1.74 1.76
C GLU B 41 -8.80 0.32 1.52
N ILE B 42 -9.86 -0.10 2.23
CA ILE B 42 -10.61 -1.31 1.86
C ILE B 42 -11.49 -0.92 0.67
N ILE B 43 -11.53 -1.71 -0.41
CA ILE B 43 -12.21 -1.32 -1.67
C ILE B 43 -13.71 -1.30 -1.42
N PHE B 44 -14.29 -0.11 -1.34
CA PHE B 44 -15.67 0.12 -0.93
C PHE B 44 -16.66 -0.44 -1.97
N ASN B 45 -17.83 -0.86 -1.49
CA ASN B 45 -18.87 -1.54 -2.27
C ASN B 45 -20.30 -1.16 -1.81
N GLU B 46 -21.32 -1.69 -2.52
CA GLU B 46 -22.73 -1.52 -2.17
C GLU B 46 -23.16 -2.27 -0.89
N ARG B 47 -22.42 -3.30 -0.47
CA ARG B 47 -22.64 -4.11 0.75
C ARG B 47 -22.40 -3.31 2.04
N GLY B 48 -21.31 -2.55 2.06
CA GLY B 48 -20.83 -1.74 3.19
C GLY B 48 -19.46 -2.16 3.72
N SER B 49 -18.94 -3.31 3.27
CA SER B 49 -17.56 -3.77 3.47
C SER B 49 -17.20 -4.87 2.46
N LYS B 50 -15.94 -4.86 2.03
CA LYS B 50 -15.32 -5.84 1.12
C LYS B 50 -14.12 -6.56 1.78
N GLY B 51 -13.88 -7.81 1.37
CA GLY B 51 -12.69 -8.61 1.72
C GLY B 51 -11.46 -8.36 0.84
N PHE B 52 -11.08 -7.11 0.62
CA PHE B 52 -10.08 -6.65 -0.37
C PHE B 52 -9.60 -5.23 0.00
N GLY B 53 -8.29 -4.92 -0.04
CA GLY B 53 -7.82 -3.59 0.35
C GLY B 53 -6.52 -3.10 -0.28
N PHE B 54 -6.04 -1.99 0.26
CA PHE B 54 -4.75 -1.36 -0.02
C PHE B 54 -4.20 -0.69 1.24
N VAL B 55 -2.88 -0.61 1.33
CA VAL B 55 -2.14 -0.02 2.47
C VAL B 55 -1.02 0.88 1.97
N THR B 56 -0.92 2.10 2.50
CA THR B 56 0.10 3.10 2.18
C THR B 56 1.15 3.14 3.30
N PHE B 57 2.25 2.41 3.12
CA PHE B 57 3.43 2.53 3.98
C PHE B 57 4.03 3.93 3.94
N GLU B 58 4.66 4.36 5.04
CA GLU B 58 5.49 5.57 5.09
C GLU B 58 6.69 5.50 4.11
N ASN B 59 7.29 4.32 3.95
CA ASN B 59 8.46 4.08 3.12
C ASN B 59 8.47 2.70 2.46
N SER B 60 9.04 2.61 1.25
CA SER B 60 9.20 1.38 0.47
C SER B 60 10.04 0.32 1.19
N ALA B 61 10.91 0.77 2.12
CA ALA B 61 11.80 -0.06 2.92
C ALA B 61 11.06 -1.17 3.68
N ASP B 62 9.96 -0.81 4.35
CA ASP B 62 9.10 -1.76 5.05
C ASP B 62 7.99 -2.31 4.16
N ALA B 63 7.56 -1.57 3.14
CA ALA B 63 6.55 -2.03 2.20
C ALA B 63 7.00 -3.29 1.42
N ASP B 64 8.29 -3.37 1.09
CA ASP B 64 8.89 -4.48 0.34
C ASP B 64 8.94 -5.76 1.17
N ARG B 65 9.59 -5.70 2.34
CA ARG B 65 9.64 -6.81 3.31
C ARG B 65 8.26 -7.21 3.80
N ALA B 66 7.39 -6.26 4.15
CA ALA B 66 6.06 -6.57 4.66
C ALA B 66 5.25 -7.43 3.68
N ARG B 67 5.20 -7.04 2.39
CA ARG B 67 4.56 -7.83 1.33
C ARG B 67 5.20 -9.21 1.19
N GLU B 68 6.52 -9.35 1.32
CA GLU B 68 7.20 -10.66 1.31
C GLU B 68 6.75 -11.55 2.47
N LYS B 69 6.64 -10.99 3.69
CA LYS B 69 6.20 -11.73 4.88
C LYS B 69 4.71 -12.10 4.83
N LEU B 70 3.86 -11.17 4.36
CA LEU B 70 2.39 -11.33 4.36
C LEU B 70 1.86 -12.13 3.16
N HIS B 71 2.36 -11.94 1.94
CA HIS B 71 1.93 -12.73 0.77
C HIS B 71 2.19 -14.22 1.00
N GLY B 72 1.16 -15.06 0.79
CA GLY B 72 1.21 -16.48 1.13
C GLY B 72 0.77 -16.81 2.57
N THR B 73 0.54 -15.82 3.43
CA THR B 73 -0.14 -15.99 4.74
C THR B 73 -1.59 -16.41 4.45
N VAL B 74 -2.26 -17.04 5.41
CA VAL B 74 -3.57 -17.69 5.22
C VAL B 74 -4.51 -17.22 6.33
N VAL B 75 -4.69 -15.90 6.39
CA VAL B 75 -5.46 -15.24 7.47
C VAL B 75 -6.91 -15.74 7.47
N GLU B 76 -7.41 -16.14 8.64
CA GLU B 76 -8.74 -16.79 8.83
C GLU B 76 -8.92 -18.07 7.97
N GLY B 77 -7.78 -18.65 7.63
CA GLY B 77 -7.59 -19.85 6.81
C GLY B 77 -7.48 -19.59 5.29
N ARG B 78 -7.52 -18.33 4.83
CA ARG B 78 -7.62 -17.94 3.41
C ARG B 78 -6.32 -17.33 2.91
N LYS B 79 -5.58 -18.09 2.10
CA LYS B 79 -4.32 -17.64 1.50
C LYS B 79 -4.44 -16.28 0.79
N ILE B 80 -3.88 -15.25 1.42
CA ILE B 80 -3.82 -13.88 0.93
C ILE B 80 -2.72 -13.70 -0.10
N GLU B 81 -2.88 -12.63 -0.89
CA GLU B 81 -1.88 -12.09 -1.80
C GLU B 81 -1.68 -10.61 -1.50
N VAL B 82 -0.46 -10.12 -1.68
CA VAL B 82 -0.07 -8.71 -1.55
C VAL B 82 0.90 -8.37 -2.67
N ASN B 83 0.76 -7.21 -3.29
CA ASN B 83 1.71 -6.68 -4.28
C ASN B 83 1.67 -5.15 -4.34
N ASN B 84 2.69 -4.50 -4.90
CA ASN B 84 2.67 -3.04 -5.09
C ASN B 84 1.54 -2.62 -6.05
N ALA B 85 0.83 -1.55 -5.66
CA ALA B 85 -0.37 -1.02 -6.28
C ALA B 85 -0.19 -0.37 -7.68
N THR B 86 -1.31 0.12 -8.22
CA THR B 86 -1.46 0.75 -9.54
C THR B 86 -2.11 2.14 -9.44
N ALA B 87 -2.36 2.79 -10.59
CA ALA B 87 -3.17 4.00 -10.78
C ALA B 87 -2.69 5.27 -10.01
N ARG B 88 -3.41 6.38 -10.23
CA ARG B 88 -3.20 7.73 -9.62
C ARG B 88 -1.81 8.35 -9.84
N VAL B 89 -0.99 7.79 -10.72
CA VAL B 89 0.28 8.37 -11.18
C VAL B 89 0.01 9.40 -12.29
N MET B 90 -0.39 10.60 -11.87
CA MET B 90 -0.77 11.72 -12.74
C MET B 90 0.38 12.74 -12.93
N THR B 91 1.62 12.28 -12.76
CA THR B 91 2.87 13.08 -12.69
C THR B 91 3.97 12.55 -13.64
N ASN B 92 3.56 11.98 -14.77
CA ASN B 92 4.43 11.30 -15.75
C ASN B 92 5.43 12.23 -16.49
N LYS B 93 5.36 13.55 -16.28
CA LYS B 93 6.33 14.56 -16.76
C LYS B 93 7.67 14.48 -15.99
N LYS B 94 8.40 13.38 -16.20
CA LYS B 94 9.70 13.05 -15.57
C LYS B 94 10.82 14.05 -15.91
N THR B 95 11.89 14.00 -15.12
CA THR B 95 13.14 14.74 -15.39
C THR B 95 13.79 14.28 -16.73
N VAL B 96 14.48 15.20 -17.40
CA VAL B 96 15.10 14.98 -18.73
C VAL B 96 16.45 14.26 -18.61
N ASN B 97 16.73 13.40 -19.60
CA ASN B 97 18.02 12.74 -19.81
C ASN B 97 18.45 12.87 -21.29
N PRO B 98 19.76 12.93 -21.59
CA PRO B 98 20.26 13.17 -22.95
C PRO B 98 20.13 11.94 -23.88
N TYR B 99 20.22 10.73 -23.33
CA TYR B 99 20.15 9.47 -24.06
C TYR B 99 18.70 9.03 -24.37
N THR B 100 18.51 8.36 -25.50
CA THR B 100 17.25 7.73 -25.94
C THR B 100 17.50 6.67 -27.03
N ASN B 101 16.58 5.72 -27.23
CA ASN B 101 16.65 4.72 -28.29
C ASN B 101 16.33 5.31 -29.69
N GLY B 102 16.92 4.73 -30.74
CA GLY B 102 16.73 5.13 -32.15
C GLY B 102 17.95 4.79 -33.02
N HIS B 1 25.94 18.08 -12.68
CA HIS B 1 25.49 16.70 -12.90
C HIS B 1 25.32 15.93 -11.56
N MET B 2 24.08 15.86 -11.08
CA MET B 2 23.67 15.19 -9.84
C MET B 2 22.29 14.53 -10.01
N ASN B 3 22.07 13.39 -9.35
CA ASN B 3 20.80 12.67 -9.37
C ASN B 3 19.81 13.20 -8.32
N THR B 4 20.27 13.34 -7.07
CA THR B 4 19.59 13.95 -5.90
C THR B 4 18.14 13.48 -5.64
N GLU B 5 17.79 12.27 -6.07
CA GLU B 5 16.44 11.66 -5.89
C GLU B 5 16.18 11.22 -4.45
N ASN B 6 14.90 11.10 -4.08
CA ASN B 6 14.42 10.54 -2.83
C ASN B 6 14.67 9.02 -2.77
N LYS B 7 15.01 8.52 -1.58
CA LYS B 7 15.50 7.16 -1.38
C LYS B 7 14.44 6.06 -1.16
N SER B 8 13.53 6.26 -0.20
CA SER B 8 12.63 5.19 0.27
C SER B 8 11.20 5.40 -0.19
N GLN B 9 10.54 6.46 0.30
CA GLN B 9 9.23 6.98 -0.14
C GLN B 9 8.02 6.04 0.04
N PRO B 10 6.80 6.58 0.27
CA PRO B 10 5.61 5.75 0.49
C PRO B 10 5.16 5.03 -0.78
N LYS B 11 4.64 3.81 -0.61
CA LYS B 11 4.04 2.97 -1.66
C LYS B 11 2.74 2.35 -1.19
N ARG B 12 1.70 2.35 -2.03
CA ARG B 12 0.51 1.53 -1.77
C ARG B 12 0.78 0.07 -2.19
N LEU B 13 0.31 -0.86 -1.38
CA LEU B 13 0.32 -2.30 -1.57
C LEU B 13 -1.14 -2.77 -1.70
N HIS B 14 -1.45 -3.63 -2.68
CA HIS B 14 -2.72 -4.34 -2.78
C HIS B 14 -2.75 -5.50 -1.78
N VAL B 15 -3.93 -5.80 -1.22
CA VAL B 15 -4.19 -6.96 -0.34
C VAL B 15 -5.52 -7.65 -0.68
N SER B 16 -5.57 -8.97 -0.52
CA SER B 16 -6.69 -9.82 -0.95
C SER B 16 -6.83 -11.10 -0.11
N ASN B 17 -7.98 -11.78 -0.24
CA ASN B 17 -8.41 -12.96 0.54
C ASN B 17 -8.64 -12.70 2.04
N ILE B 18 -8.41 -11.46 2.47
CA ILE B 18 -8.77 -10.94 3.80
C ILE B 18 -10.25 -11.17 4.06
N PRO B 19 -10.66 -11.37 5.33
CA PRO B 19 -12.07 -11.56 5.66
C PRO B 19 -12.90 -10.32 5.32
N PHE B 20 -14.16 -10.47 4.94
CA PHE B 20 -15.09 -9.35 4.69
C PHE B 20 -15.11 -8.32 5.84
N ARG B 21 -14.92 -8.77 7.10
CA ARG B 21 -14.96 -7.95 8.32
C ARG B 21 -13.78 -7.00 8.53
N PHE B 22 -12.62 -7.23 7.88
CA PHE B 22 -11.45 -6.34 8.00
C PHE B 22 -11.78 -4.91 7.56
N ARG B 23 -11.67 -3.98 8.52
CA ARG B 23 -11.70 -2.52 8.32
C ARG B 23 -10.28 -1.96 8.18
N ASP B 24 -10.18 -0.66 7.96
CA ASP B 24 -8.90 0.07 7.82
C ASP B 24 -7.88 -0.20 8.96
N PRO B 25 -8.22 -0.08 10.26
CA PRO B 25 -7.33 -0.50 11.35
C PRO B 25 -6.96 -1.99 11.30
N ASP B 26 -7.86 -2.89 10.86
CA ASP B 26 -7.56 -4.32 10.75
C ASP B 26 -6.50 -4.63 9.69
N LEU B 27 -6.46 -3.86 8.59
CA LEU B 27 -5.35 -3.89 7.62
C LEU B 27 -4.07 -3.29 8.22
N ARG B 28 -4.16 -2.16 8.94
CA ARG B 28 -2.98 -1.47 9.49
C ARG B 28 -2.21 -2.31 10.51
N GLN B 29 -2.92 -3.15 11.24
CA GLN B 29 -2.36 -4.15 12.17
C GLN B 29 -1.47 -5.18 11.46
N MET B 30 -1.76 -5.45 10.18
CA MET B 30 -1.13 -6.51 9.40
C MET B 30 0.21 -6.09 8.80
N PHE B 31 0.32 -4.85 8.33
CA PHE B 31 1.52 -4.32 7.66
C PHE B 31 2.36 -3.46 8.62
N GLY B 32 1.73 -2.67 9.49
CA GLY B 32 2.40 -1.72 10.39
C GLY B 32 3.28 -2.36 11.47
N GLN B 33 3.20 -3.68 11.63
CA GLN B 33 4.13 -4.46 12.45
C GLN B 33 5.60 -4.36 11.98
N PHE B 34 5.84 -4.10 10.69
CA PHE B 34 7.19 -3.97 10.11
C PHE B 34 7.76 -2.54 10.18
N GLY B 35 6.90 -1.51 10.08
CA GLY B 35 7.31 -0.10 9.98
C GLY B 35 6.24 0.88 10.49
N LYS B 36 5.64 1.64 9.56
CA LYS B 36 4.62 2.67 9.81
C LYS B 36 3.67 2.79 8.62
N ILE B 37 2.40 3.03 8.89
CA ILE B 37 1.34 3.17 7.88
C ILE B 37 0.73 4.57 7.92
N LEU B 38 0.53 5.15 6.74
CA LEU B 38 0.03 6.51 6.54
C LEU B 38 -1.47 6.55 6.23
N ASP B 39 -1.88 5.66 5.31
CA ASP B 39 -3.20 5.62 4.67
C ASP B 39 -3.49 4.18 4.25
N VAL B 40 -4.75 3.76 4.21
CA VAL B 40 -5.17 2.42 3.76
C VAL B 40 -6.55 2.53 3.11
N GLU B 41 -6.88 1.62 2.20
CA GLU B 41 -8.13 1.64 1.44
C GLU B 41 -8.71 0.25 1.16
N ILE B 42 -9.70 -0.18 1.95
CA ILE B 42 -10.57 -1.29 1.55
C ILE B 42 -11.42 -0.74 0.40
N ILE B 43 -11.77 -1.54 -0.62
CA ILE B 43 -12.35 -0.95 -1.84
C ILE B 43 -13.76 -0.36 -1.68
N PHE B 44 -14.56 -1.00 -0.84
CA PHE B 44 -16.00 -0.77 -0.67
C PHE B 44 -16.89 -1.16 -1.87
N ASN B 45 -18.12 -1.54 -1.53
CA ASN B 45 -19.24 -1.82 -2.43
C ASN B 45 -20.58 -1.49 -1.74
N GLU B 46 -21.70 -1.61 -2.44
CA GLU B 46 -23.08 -1.55 -1.89
C GLU B 46 -23.31 -2.56 -0.74
N ARG B 47 -22.61 -3.71 -0.80
CA ARG B 47 -22.51 -4.72 0.28
C ARG B 47 -21.89 -4.21 1.59
N GLY B 48 -21.23 -3.04 1.56
CA GLY B 48 -20.42 -2.50 2.65
C GLY B 48 -18.95 -2.86 2.49
N SER B 49 -18.30 -3.29 3.58
CA SER B 49 -16.90 -3.76 3.57
C SER B 49 -16.70 -4.98 2.65
N LYS B 50 -15.57 -4.97 1.91
CA LYS B 50 -15.16 -5.97 0.94
C LYS B 50 -13.87 -6.67 1.41
N GLY B 51 -13.73 -7.95 1.08
CA GLY B 51 -12.56 -8.78 1.39
C GLY B 51 -11.33 -8.50 0.50
N PHE B 52 -11.05 -7.24 0.22
CA PHE B 52 -10.09 -6.75 -0.79
C PHE B 52 -9.69 -5.31 -0.46
N GLY B 53 -8.39 -4.95 -0.46
CA GLY B 53 -7.99 -3.58 -0.16
C GLY B 53 -6.60 -3.18 -0.61
N PHE B 54 -6.11 -2.11 0.02
CA PHE B 54 -4.78 -1.55 -0.18
C PHE B 54 -4.25 -0.90 1.12
N VAL B 55 -2.93 -0.73 1.20
CA VAL B 55 -2.19 -0.19 2.36
C VAL B 55 -1.04 0.68 1.92
N THR B 56 -0.84 1.86 2.52
CA THR B 56 0.25 2.77 2.18
C THR B 56 1.23 2.91 3.33
N PHE B 57 2.36 2.22 3.19
CA PHE B 57 3.51 2.39 4.06
C PHE B 57 4.10 3.80 4.02
N GLU B 58 4.76 4.21 5.11
CA GLU B 58 5.61 5.41 5.20
C GLU B 58 6.79 5.36 4.21
N ASN B 59 7.36 4.18 3.97
CA ASN B 59 8.55 3.95 3.16
C ASN B 59 8.53 2.58 2.46
N SER B 60 9.09 2.52 1.26
CA SER B 60 9.19 1.31 0.43
C SER B 60 10.06 0.23 1.10
N ALA B 61 10.95 0.66 2.00
CA ALA B 61 11.84 -0.18 2.80
C ALA B 61 11.11 -1.32 3.52
N ASP B 62 9.99 -1.00 4.17
CA ASP B 62 9.13 -1.99 4.84
C ASP B 62 8.01 -2.48 3.94
N ALA B 63 7.57 -1.69 2.95
CA ALA B 63 6.54 -2.08 2.00
C ALA B 63 6.96 -3.30 1.15
N ASP B 64 8.25 -3.37 0.80
CA ASP B 64 8.82 -4.43 -0.05
C ASP B 64 8.93 -5.77 0.70
N ARG B 65 9.61 -5.77 1.86
CA ARG B 65 9.69 -6.92 2.77
C ARG B 65 8.32 -7.38 3.27
N ALA B 66 7.47 -6.46 3.72
CA ALA B 66 6.18 -6.81 4.29
C ALA B 66 5.32 -7.62 3.30
N ARG B 67 5.15 -7.15 2.07
CA ARG B 67 4.41 -7.86 1.01
C ARG B 67 4.96 -9.27 0.74
N GLU B 68 6.27 -9.50 0.80
CA GLU B 68 6.85 -10.85 0.72
C GLU B 68 6.47 -11.72 1.92
N LYS B 69 6.55 -11.18 3.15
CA LYS B 69 6.23 -11.93 4.37
C LYS B 69 4.73 -12.23 4.50
N LEU B 70 3.88 -11.27 4.16
CA LEU B 70 2.42 -11.32 4.26
C LEU B 70 1.79 -12.19 3.17
N HIS B 71 2.26 -12.13 1.93
CA HIS B 71 1.80 -13.03 0.86
C HIS B 71 2.06 -14.50 1.26
N GLY B 72 1.01 -15.33 1.28
CA GLY B 72 1.06 -16.69 1.81
C GLY B 72 0.70 -16.82 3.31
N THR B 73 0.53 -15.73 4.06
CA THR B 73 -0.08 -15.74 5.41
C THR B 73 -1.54 -16.12 5.28
N VAL B 74 -2.15 -16.66 6.33
CA VAL B 74 -3.52 -17.22 6.30
C VAL B 74 -4.39 -16.47 7.30
N VAL B 75 -4.46 -15.15 7.09
CA VAL B 75 -5.22 -14.19 7.90
C VAL B 75 -6.69 -14.64 7.98
N GLU B 76 -7.19 -14.74 9.21
CA GLU B 76 -8.54 -15.27 9.50
C GLU B 76 -8.84 -16.65 8.86
N GLY B 77 -7.80 -17.48 8.80
CA GLY B 77 -7.76 -18.82 8.19
C GLY B 77 -7.63 -18.84 6.66
N ARG B 78 -7.55 -17.68 5.99
CA ARG B 78 -7.60 -17.56 4.52
C ARG B 78 -6.27 -17.13 3.94
N LYS B 79 -5.57 -18.02 3.25
CA LYS B 79 -4.31 -17.72 2.55
C LYS B 79 -4.38 -16.51 1.61
N ILE B 80 -3.81 -15.39 2.06
CA ILE B 80 -3.77 -14.08 1.39
C ILE B 80 -2.70 -13.95 0.30
N GLU B 81 -2.91 -12.95 -0.54
CA GLU B 81 -1.98 -12.48 -1.57
C GLU B 81 -1.85 -10.94 -1.50
N VAL B 82 -0.63 -10.44 -1.73
CA VAL B 82 -0.27 -9.02 -1.61
C VAL B 82 0.70 -8.66 -2.74
N ASN B 83 0.55 -7.47 -3.34
CA ASN B 83 1.36 -6.94 -4.44
C ASN B 83 1.46 -5.40 -4.35
N ASN B 84 2.15 -4.72 -5.28
CA ASN B 84 2.15 -3.24 -5.38
C ASN B 84 0.94 -2.70 -6.17
N ALA B 85 0.49 -1.49 -5.79
CA ALA B 85 -0.74 -0.81 -6.24
C ALA B 85 -0.61 0.00 -7.55
N THR B 86 -1.51 0.97 -7.76
CA THR B 86 -1.69 1.70 -9.04
C THR B 86 -2.19 3.15 -8.88
N ALA B 87 -2.31 3.85 -10.03
CA ALA B 87 -2.98 5.14 -10.25
C ALA B 87 -2.43 6.37 -9.48
N ARG B 88 -3.14 7.51 -9.66
CA ARG B 88 -2.95 8.83 -9.02
C ARG B 88 -1.66 9.60 -9.35
N VAL B 89 -0.80 9.05 -10.22
CA VAL B 89 0.34 9.79 -10.83
C VAL B 89 -0.13 10.56 -12.07
N MET B 90 0.58 11.65 -12.37
CA MET B 90 0.22 12.59 -13.45
C MET B 90 1.40 13.05 -14.31
N THR B 91 2.51 12.29 -14.27
CA THR B 91 3.83 12.56 -14.89
C THR B 91 4.54 13.86 -14.41
N ASN B 92 3.82 14.74 -13.72
CA ASN B 92 4.23 16.11 -13.36
C ASN B 92 4.74 16.91 -14.57
N LYS B 93 6.06 17.18 -14.66
CA LYS B 93 6.75 18.02 -15.65
C LYS B 93 6.07 19.39 -15.90
N LYS B 94 5.44 19.96 -14.87
CA LYS B 94 4.89 21.33 -14.82
C LYS B 94 6.00 22.36 -14.54
N THR B 95 5.63 23.61 -14.27
CA THR B 95 6.53 24.71 -13.85
C THR B 95 7.42 24.28 -12.67
N VAL B 96 8.72 24.65 -12.73
CA VAL B 96 9.76 24.23 -11.78
C VAL B 96 10.52 25.43 -11.20
N ASN B 97 10.97 25.31 -9.95
CA ASN B 97 11.67 26.34 -9.19
C ASN B 97 13.19 26.29 -9.46
N PRO B 98 13.92 27.41 -9.26
CA PRO B 98 15.32 27.52 -9.64
C PRO B 98 16.32 27.01 -8.57
N TYR B 99 16.32 27.61 -7.37
CA TYR B 99 17.23 27.41 -6.22
C TYR B 99 18.73 27.18 -6.56
N THR B 100 19.18 27.72 -7.68
CA THR B 100 20.49 27.49 -8.33
C THR B 100 20.96 28.78 -9.02
N ASN B 101 22.25 28.90 -9.35
CA ASN B 101 22.78 30.01 -10.14
C ASN B 101 22.07 30.19 -11.50
N GLY B 102 22.03 31.42 -12.01
CA GLY B 102 21.39 31.79 -13.29
C GLY B 102 22.04 31.16 -14.53
N HIS B 1 25.27 19.27 -0.47
CA HIS B 1 23.94 18.63 -0.30
C HIS B 1 23.38 18.83 1.12
N MET B 2 23.26 20.09 1.52
CA MET B 2 22.83 20.51 2.87
C MET B 2 21.37 20.19 3.22
N ASN B 3 20.65 19.74 2.22
CA ASN B 3 19.29 19.21 2.24
C ASN B 3 19.23 17.82 2.90
N THR B 4 20.23 16.95 2.65
CA THR B 4 20.43 15.61 3.25
C THR B 4 19.19 14.69 3.23
N GLU B 5 18.38 14.84 2.16
CA GLU B 5 17.04 14.26 2.00
C GLU B 5 16.94 12.72 2.07
N ASN B 6 15.74 12.23 2.40
CA ASN B 6 15.33 10.83 2.37
C ASN B 6 15.16 10.31 0.92
N LYS B 7 15.07 8.97 0.77
CA LYS B 7 15.11 8.28 -0.53
C LYS B 7 14.15 7.07 -0.65
N SER B 8 13.83 6.38 0.45
CA SER B 8 13.05 5.12 0.45
C SER B 8 11.59 5.31 0.00
N GLN B 9 10.93 6.35 0.53
CA GLN B 9 9.62 6.90 0.13
C GLN B 9 8.41 5.94 0.27
N PRO B 10 7.18 6.46 0.52
CA PRO B 10 6.00 5.63 0.76
C PRO B 10 5.56 4.82 -0.47
N LYS B 11 5.01 3.62 -0.23
CA LYS B 11 4.30 2.79 -1.23
C LYS B 11 2.91 2.41 -0.75
N ARG B 12 2.01 2.21 -1.72
CA ARG B 12 0.72 1.56 -1.51
C ARG B 12 0.87 0.08 -1.87
N LEU B 13 0.60 -0.79 -0.90
CA LEU B 13 0.52 -2.25 -1.04
C LEU B 13 -0.95 -2.66 -1.17
N HIS B 14 -1.35 -3.39 -2.21
CA HIS B 14 -2.66 -4.04 -2.27
C HIS B 14 -2.68 -5.19 -1.26
N VAL B 15 -3.84 -5.47 -0.67
CA VAL B 15 -4.12 -6.58 0.24
C VAL B 15 -5.43 -7.27 -0.15
N SER B 16 -5.51 -8.61 -0.08
CA SER B 16 -6.63 -9.38 -0.66
C SER B 16 -6.89 -10.71 0.06
N ASN B 17 -8.04 -11.36 -0.18
CA ASN B 17 -8.54 -12.55 0.53
C ASN B 17 -8.75 -12.37 2.04
N ILE B 18 -8.40 -11.20 2.56
CA ILE B 18 -8.69 -10.70 3.90
C ILE B 18 -10.20 -10.83 4.18
N PRO B 19 -10.60 -11.08 5.42
CA PRO B 19 -12.02 -11.26 5.74
C PRO B 19 -12.84 -9.99 5.48
N PHE B 20 -14.14 -10.13 5.20
CA PHE B 20 -15.09 -9.00 5.08
C PHE B 20 -14.98 -8.02 6.28
N ARG B 21 -14.68 -8.56 7.47
CA ARG B 21 -14.60 -7.82 8.75
C ARG B 21 -13.38 -6.92 8.95
N PHE B 22 -12.30 -7.08 8.17
CA PHE B 22 -11.11 -6.24 8.27
C PHE B 22 -11.43 -4.77 7.90
N ARG B 23 -11.23 -3.87 8.87
CA ARG B 23 -11.24 -2.40 8.73
C ARG B 23 -9.80 -1.87 8.67
N ASP B 24 -9.66 -0.55 8.53
CA ASP B 24 -8.33 0.12 8.47
C ASP B 24 -7.38 -0.28 9.63
N PRO B 25 -7.79 -0.32 10.92
CA PRO B 25 -6.94 -0.81 12.00
C PRO B 25 -6.58 -2.29 11.90
N ASP B 26 -7.42 -3.13 11.27
CA ASP B 26 -7.14 -4.57 11.08
C ASP B 26 -6.07 -4.80 9.99
N LEU B 27 -6.01 -3.91 8.98
CA LEU B 27 -4.88 -3.89 8.04
C LEU B 27 -3.64 -3.26 8.69
N ARG B 28 -3.79 -2.14 9.40
CA ARG B 28 -2.64 -1.42 9.99
C ARG B 28 -1.88 -2.25 11.01
N GLN B 29 -2.59 -3.07 11.80
CA GLN B 29 -1.99 -3.96 12.80
C GLN B 29 -1.22 -5.13 12.15
N MET B 30 -1.47 -5.39 10.87
CA MET B 30 -0.86 -6.48 10.10
C MET B 30 0.48 -6.06 9.47
N PHE B 31 0.56 -4.84 8.95
CA PHE B 31 1.76 -4.30 8.28
C PHE B 31 2.59 -3.38 9.20
N GLY B 32 1.95 -2.56 10.03
CA GLY B 32 2.61 -1.58 10.90
C GLY B 32 3.49 -2.19 12.00
N GLN B 33 3.42 -3.51 12.21
CA GLN B 33 4.36 -4.24 13.07
C GLN B 33 5.83 -4.13 12.61
N PHE B 34 6.08 -3.87 11.30
CA PHE B 34 7.43 -3.75 10.74
C PHE B 34 7.96 -2.30 10.71
N GLY B 35 7.08 -1.31 10.50
CA GLY B 35 7.48 0.10 10.33
C GLY B 35 6.41 1.09 10.81
N LYS B 36 5.83 1.87 9.88
CA LYS B 36 4.78 2.87 10.12
C LYS B 36 3.80 2.94 8.94
N ILE B 37 2.52 3.14 9.26
CA ILE B 37 1.41 3.22 8.29
C ILE B 37 0.80 4.63 8.31
N LEU B 38 0.69 5.27 7.15
CA LEU B 38 0.18 6.65 7.03
C LEU B 38 -1.33 6.66 6.75
N ASP B 39 -1.68 5.94 5.69
CA ASP B 39 -3.02 5.78 5.13
C ASP B 39 -3.28 4.30 4.75
N VAL B 40 -4.54 3.94 4.56
CA VAL B 40 -5.01 2.56 4.34
C VAL B 40 -6.41 2.60 3.72
N GLU B 41 -6.74 1.58 2.91
CA GLU B 41 -7.98 1.48 2.14
C GLU B 41 -8.61 0.09 2.32
N ILE B 42 -9.93 0.03 2.29
CA ILE B 42 -10.70 -1.21 2.12
C ILE B 42 -11.79 -0.87 1.11
N ILE B 43 -11.84 -1.63 0.01
CA ILE B 43 -12.68 -1.27 -1.15
C ILE B 43 -14.16 -1.40 -0.77
N PHE B 44 -14.95 -0.41 -1.15
CA PHE B 44 -16.34 -0.26 -0.74
C PHE B 44 -17.34 -0.39 -1.90
N ASN B 45 -18.55 -0.89 -1.58
CA ASN B 45 -19.72 -0.92 -2.48
C ASN B 45 -21.04 -0.99 -1.67
N GLU B 46 -22.16 -1.30 -2.31
CA GLU B 46 -23.48 -1.48 -1.68
C GLU B 46 -23.49 -2.46 -0.48
N ARG B 47 -22.69 -3.53 -0.54
CA ARG B 47 -22.47 -4.50 0.56
C ARG B 47 -21.72 -3.95 1.77
N GLY B 48 -20.99 -2.85 1.60
CA GLY B 48 -20.01 -2.32 2.55
C GLY B 48 -18.58 -2.75 2.15
N SER B 49 -17.79 -3.25 3.09
CA SER B 49 -16.40 -3.67 2.86
C SER B 49 -16.30 -4.96 2.02
N LYS B 50 -15.40 -4.94 1.01
CA LYS B 50 -15.18 -6.03 0.06
C LYS B 50 -14.48 -7.30 0.58
N GLY B 51 -13.57 -7.16 1.55
CA GLY B 51 -12.61 -8.23 1.90
C GLY B 51 -11.37 -8.10 1.00
N PHE B 52 -10.98 -6.86 0.72
CA PHE B 52 -10.01 -6.42 -0.27
C PHE B 52 -9.61 -4.98 0.08
N GLY B 53 -8.33 -4.60 -0.05
CA GLY B 53 -7.89 -3.29 0.40
C GLY B 53 -6.48 -2.91 -0.02
N PHE B 54 -5.95 -1.88 0.64
CA PHE B 54 -4.59 -1.36 0.45
C PHE B 54 -4.02 -0.80 1.75
N VAL B 55 -2.70 -0.64 1.80
CA VAL B 55 -1.96 -0.03 2.91
C VAL B 55 -0.88 0.87 2.35
N THR B 56 -0.80 2.10 2.86
CA THR B 56 0.27 3.04 2.54
C THR B 56 1.31 2.95 3.66
N PHE B 57 2.47 2.35 3.36
CA PHE B 57 3.66 2.36 4.22
C PHE B 57 4.46 3.66 4.14
N GLU B 58 5.00 4.11 5.28
CA GLU B 58 5.84 5.32 5.41
C GLU B 58 7.05 5.30 4.47
N ASN B 59 7.63 4.10 4.29
CA ASN B 59 8.80 3.85 3.45
C ASN B 59 8.75 2.50 2.76
N SER B 60 9.31 2.43 1.54
CA SER B 60 9.39 1.19 0.75
C SER B 60 10.28 0.13 1.41
N ALA B 61 11.15 0.55 2.33
CA ALA B 61 12.02 -0.30 3.13
C ALA B 61 11.26 -1.41 3.88
N ASP B 62 10.17 -1.03 4.58
CA ASP B 62 9.32 -1.97 5.31
C ASP B 62 8.18 -2.48 4.45
N ALA B 63 7.75 -1.72 3.43
CA ALA B 63 6.70 -2.15 2.51
C ALA B 63 7.11 -3.41 1.73
N ASP B 64 8.39 -3.50 1.35
CA ASP B 64 8.96 -4.60 0.57
C ASP B 64 9.03 -5.89 1.38
N ARG B 65 9.71 -5.85 2.54
CA ARG B 65 9.78 -6.96 3.49
C ARG B 65 8.41 -7.36 4.01
N ALA B 66 7.56 -6.42 4.40
CA ALA B 66 6.25 -6.72 4.96
C ALA B 66 5.40 -7.54 3.95
N ARG B 67 5.30 -7.09 2.69
CA ARG B 67 4.65 -7.84 1.61
C ARG B 67 5.29 -9.21 1.41
N GLU B 68 6.62 -9.35 1.48
CA GLU B 68 7.29 -10.67 1.41
C GLU B 68 6.83 -11.60 2.55
N LYS B 69 6.75 -11.09 3.79
CA LYS B 69 6.33 -11.88 4.95
C LYS B 69 4.84 -12.24 4.92
N LEU B 70 3.98 -11.29 4.52
CA LEU B 70 2.52 -11.45 4.53
C LEU B 70 1.94 -12.18 3.30
N HIS B 71 2.46 -11.96 2.08
CA HIS B 71 2.01 -12.65 0.87
C HIS B 71 2.13 -14.18 1.02
N GLY B 72 1.06 -14.91 0.71
CA GLY B 72 0.97 -16.36 0.96
C GLY B 72 0.58 -16.75 2.40
N THR B 73 0.40 -15.80 3.33
CA THR B 73 -0.22 -16.05 4.64
C THR B 73 -1.71 -16.34 4.45
N VAL B 74 -2.32 -17.10 5.35
CA VAL B 74 -3.70 -17.58 5.23
C VAL B 74 -4.58 -16.90 6.29
N VAL B 75 -4.58 -15.56 6.23
CA VAL B 75 -5.33 -14.70 7.16
C VAL B 75 -6.82 -15.04 7.11
N GLU B 76 -7.40 -15.20 8.30
CA GLU B 76 -8.77 -15.67 8.51
C GLU B 76 -9.11 -16.99 7.75
N GLY B 77 -8.09 -17.84 7.65
CA GLY B 77 -8.11 -19.13 6.95
C GLY B 77 -7.93 -19.09 5.43
N ARG B 78 -7.75 -17.90 4.80
CA ARG B 78 -7.75 -17.74 3.34
C ARG B 78 -6.45 -17.13 2.83
N LYS B 79 -5.67 -17.91 2.07
CA LYS B 79 -4.40 -17.48 1.44
C LYS B 79 -4.51 -16.12 0.73
N ILE B 80 -3.89 -15.10 1.31
CA ILE B 80 -3.86 -13.72 0.84
C ILE B 80 -2.82 -13.48 -0.24
N GLU B 81 -2.98 -12.36 -0.93
CA GLU B 81 -2.01 -11.81 -1.87
C GLU B 81 -1.70 -10.35 -1.46
N VAL B 82 -0.42 -9.95 -1.54
CA VAL B 82 0.01 -8.57 -1.31
C VAL B 82 1.02 -8.17 -2.39
N ASN B 83 0.86 -6.99 -2.99
CA ASN B 83 1.74 -6.47 -4.07
C ASN B 83 1.80 -4.93 -4.07
N ASN B 84 2.87 -4.32 -4.60
CA ASN B 84 2.92 -2.87 -4.79
C ASN B 84 1.89 -2.44 -5.89
N ALA B 85 1.02 -1.50 -5.52
CA ALA B 85 -0.17 -1.05 -6.23
C ALA B 85 0.07 -0.20 -7.51
N THR B 86 -1.04 0.25 -8.13
CA THR B 86 -1.10 0.84 -9.48
C THR B 86 -2.05 2.04 -9.61
N ALA B 87 -2.43 2.41 -10.85
CA ALA B 87 -3.44 3.40 -11.24
C ALA B 87 -3.10 4.87 -10.86
N ARG B 88 -4.12 5.75 -10.86
CA ARG B 88 -4.06 7.23 -10.71
C ARG B 88 -3.32 7.92 -11.88
N VAL B 89 -3.02 9.22 -11.71
CA VAL B 89 -2.55 10.14 -12.75
C VAL B 89 -1.29 9.69 -13.50
N MET B 90 -1.24 10.01 -14.80
CA MET B 90 -0.26 9.54 -15.77
C MET B 90 0.84 10.55 -16.11
N THR B 91 1.13 11.49 -15.19
CA THR B 91 2.10 12.60 -15.34
C THR B 91 1.81 13.45 -16.61
N ASN B 92 0.57 13.95 -16.68
CA ASN B 92 0.08 14.76 -17.81
C ASN B 92 0.68 16.18 -17.84
N LYS B 93 0.53 16.88 -18.99
CA LYS B 93 0.81 18.31 -19.23
C LYS B 93 2.11 18.85 -18.60
N LYS B 94 3.23 18.16 -18.87
CA LYS B 94 4.57 18.54 -18.39
C LYS B 94 5.00 19.94 -18.86
N THR B 95 5.85 20.61 -18.07
CA THR B 95 6.51 21.87 -18.42
C THR B 95 7.95 21.88 -17.86
N VAL B 96 8.95 21.87 -18.75
CA VAL B 96 10.37 21.66 -18.43
C VAL B 96 11.30 22.22 -19.51
N ASN B 97 12.49 22.66 -19.08
CA ASN B 97 13.61 23.15 -19.89
C ASN B 97 14.95 22.76 -19.21
N PRO B 98 16.07 22.67 -19.95
CA PRO B 98 17.38 22.38 -19.35
C PRO B 98 17.87 23.53 -18.44
N TYR B 99 17.58 24.78 -18.81
CA TYR B 99 17.72 25.98 -17.98
C TYR B 99 16.52 26.17 -17.05
N THR B 100 16.74 26.68 -15.84
CA THR B 100 15.69 26.86 -14.80
C THR B 100 15.00 28.24 -14.82
N ASN B 101 15.52 29.16 -15.63
CA ASN B 101 14.99 30.51 -15.84
C ASN B 101 13.79 30.55 -16.81
N GLY B 102 13.07 31.68 -16.83
CA GLY B 102 11.90 31.95 -17.69
C GLY B 102 11.23 33.29 -17.40
N HIS B 1 16.93 20.33 -7.67
CA HIS B 1 15.74 20.46 -6.81
C HIS B 1 15.82 19.51 -5.59
N MET B 2 16.00 20.08 -4.40
CA MET B 2 16.12 19.36 -3.13
C MET B 2 14.81 18.65 -2.72
N ASN B 3 14.93 17.50 -2.07
CA ASN B 3 13.80 16.73 -1.54
C ASN B 3 13.24 17.32 -0.22
N THR B 4 14.13 17.75 0.67
CA THR B 4 13.93 18.19 2.08
C THR B 4 13.12 17.20 2.95
N GLU B 5 13.10 15.93 2.52
CA GLU B 5 12.33 14.80 3.07
C GLU B 5 13.11 13.48 2.89
N ASN B 6 12.60 12.38 3.43
CA ASN B 6 13.18 11.05 3.35
C ASN B 6 13.31 10.53 1.89
N LYS B 7 14.24 9.59 1.68
CA LYS B 7 14.60 9.02 0.37
C LYS B 7 13.82 7.75 0.01
N SER B 8 13.49 6.92 1.00
CA SER B 8 12.80 5.63 0.82
C SER B 8 11.33 5.82 0.39
N GLN B 9 10.66 6.80 1.01
CA GLN B 9 9.33 7.35 0.66
C GLN B 9 8.15 6.37 0.76
N PRO B 10 6.91 6.83 1.02
CA PRO B 10 5.77 5.96 1.21
C PRO B 10 5.35 5.23 -0.07
N LYS B 11 4.90 3.98 0.07
CA LYS B 11 4.25 3.18 -0.99
C LYS B 11 2.93 2.61 -0.52
N ARG B 12 2.02 2.44 -1.48
CA ARG B 12 0.77 1.69 -1.30
C ARG B 12 0.94 0.23 -1.69
N LEU B 13 0.34 -0.66 -0.88
CA LEU B 13 0.42 -2.11 -0.98
C LEU B 13 -1.00 -2.68 -1.04
N HIS B 14 -1.42 -3.26 -2.17
CA HIS B 14 -2.70 -3.98 -2.26
C HIS B 14 -2.65 -5.23 -1.40
N VAL B 15 -3.76 -5.57 -0.77
CA VAL B 15 -3.96 -6.80 0.01
C VAL B 15 -5.28 -7.47 -0.30
N SER B 16 -5.27 -8.79 -0.48
CA SER B 16 -6.41 -9.58 -1.00
C SER B 16 -6.69 -10.84 -0.20
N ASN B 17 -7.79 -11.53 -0.51
CA ASN B 17 -8.30 -12.76 0.13
C ASN B 17 -8.61 -12.63 1.64
N ILE B 18 -8.47 -11.43 2.20
CA ILE B 18 -8.79 -11.05 3.57
C ILE B 18 -10.28 -11.27 3.86
N PRO B 19 -10.65 -11.55 5.12
CA PRO B 19 -12.05 -11.74 5.49
C PRO B 19 -12.89 -10.47 5.27
N PHE B 20 -14.19 -10.60 5.02
CA PHE B 20 -15.14 -9.46 4.94
C PHE B 20 -15.05 -8.52 6.15
N ARG B 21 -14.69 -9.06 7.34
CA ARG B 21 -14.58 -8.31 8.61
C ARG B 21 -13.37 -7.38 8.70
N PHE B 22 -12.30 -7.60 7.93
CA PHE B 22 -11.11 -6.74 7.96
C PHE B 22 -11.43 -5.32 7.51
N ARG B 23 -11.08 -4.36 8.37
CA ARG B 23 -11.20 -2.91 8.20
C ARG B 23 -9.85 -2.22 8.39
N ASP B 24 -9.89 -0.89 8.34
CA ASP B 24 -8.75 0.03 8.50
C ASP B 24 -7.70 -0.42 9.57
N PRO B 25 -8.07 -0.60 10.85
CA PRO B 25 -7.11 -1.05 11.88
C PRO B 25 -6.70 -2.53 11.73
N ASP B 26 -7.57 -3.42 11.25
CA ASP B 26 -7.24 -4.85 11.04
C ASP B 26 -6.12 -5.05 10.02
N LEU B 27 -6.09 -4.21 8.97
CA LEU B 27 -4.96 -4.17 8.04
C LEU B 27 -3.71 -3.56 8.68
N ARG B 28 -3.84 -2.48 9.45
CA ARG B 28 -2.66 -1.82 10.05
C ARG B 28 -1.90 -2.68 11.05
N GLN B 29 -2.61 -3.50 11.81
CA GLN B 29 -2.03 -4.48 12.75
C GLN B 29 -1.17 -5.54 12.02
N MET B 30 -1.44 -5.74 10.73
CA MET B 30 -0.80 -6.74 9.88
C MET B 30 0.50 -6.26 9.23
N PHE B 31 0.54 -5.00 8.76
CA PHE B 31 1.70 -4.41 8.09
C PHE B 31 2.56 -3.59 9.06
N GLY B 32 1.96 -2.83 9.97
CA GLY B 32 2.65 -1.89 10.87
C GLY B 32 3.54 -2.54 11.92
N GLN B 33 3.48 -3.87 12.07
CA GLN B 33 4.42 -4.64 12.89
C GLN B 33 5.89 -4.48 12.45
N PHE B 34 6.16 -4.13 11.19
CA PHE B 34 7.53 -3.96 10.65
C PHE B 34 8.05 -2.51 10.74
N GLY B 35 7.18 -1.50 10.61
CA GLY B 35 7.57 -0.08 10.61
C GLY B 35 6.45 0.85 11.10
N LYS B 36 5.91 1.69 10.21
CA LYS B 36 4.81 2.66 10.48
C LYS B 36 3.83 2.75 9.32
N ILE B 37 2.54 2.85 9.65
CA ILE B 37 1.43 3.01 8.70
C ILE B 37 0.86 4.43 8.83
N LEU B 38 0.60 5.10 7.69
CA LEU B 38 0.07 6.47 7.66
C LEU B 38 -1.46 6.45 7.53
N ASP B 39 -1.92 5.83 6.44
CA ASP B 39 -3.33 5.62 6.14
C ASP B 39 -3.59 4.36 5.29
N VAL B 40 -4.82 3.86 5.34
CA VAL B 40 -5.22 2.56 4.80
C VAL B 40 -6.67 2.63 4.29
N GLU B 41 -6.97 1.97 3.17
CA GLU B 41 -8.33 1.90 2.64
C GLU B 41 -8.71 0.51 2.12
N ILE B 42 -9.86 0.02 2.60
CA ILE B 42 -10.56 -1.16 2.10
C ILE B 42 -11.61 -0.63 1.12
N ILE B 43 -11.64 -1.15 -0.11
CA ILE B 43 -12.41 -0.52 -1.20
C ILE B 43 -13.92 -0.66 -0.96
N PHE B 44 -14.57 0.50 -1.01
CA PHE B 44 -15.94 0.78 -0.65
C PHE B 44 -16.90 0.51 -1.82
N ASN B 45 -18.03 -0.13 -1.51
CA ASN B 45 -19.11 -0.48 -2.46
C ASN B 45 -20.47 -0.23 -1.82
N GLU B 46 -21.57 -0.43 -2.58
CA GLU B 46 -22.95 -0.30 -2.08
C GLU B 46 -23.29 -1.29 -0.95
N ARG B 47 -22.67 -2.48 -0.94
CA ARG B 47 -22.69 -3.46 0.18
C ARG B 47 -21.90 -3.02 1.43
N GLY B 48 -21.09 -1.97 1.30
CA GLY B 48 -20.06 -1.55 2.25
C GLY B 48 -18.70 -2.10 1.84
N SER B 49 -17.77 -2.20 2.79
CA SER B 49 -16.39 -2.68 2.58
C SER B 49 -16.32 -4.15 2.13
N LYS B 50 -15.40 -4.45 1.21
CA LYS B 50 -15.14 -5.79 0.64
C LYS B 50 -13.84 -6.37 1.20
N GLY B 51 -13.67 -7.69 1.14
CA GLY B 51 -12.46 -8.42 1.49
C GLY B 51 -11.24 -8.24 0.55
N PHE B 52 -10.82 -6.99 0.31
CA PHE B 52 -9.56 -6.54 -0.33
C PHE B 52 -9.29 -5.05 -0.01
N GLY B 53 -8.03 -4.65 0.16
CA GLY B 53 -7.68 -3.28 0.52
C GLY B 53 -6.32 -2.81 0.04
N PHE B 54 -5.85 -1.71 0.62
CA PHE B 54 -4.55 -1.11 0.38
C PHE B 54 -4.05 -0.44 1.66
N VAL B 55 -2.82 -0.75 2.01
CA VAL B 55 -2.08 -0.09 3.09
C VAL B 55 -1.09 0.90 2.50
N THR B 56 -0.98 2.10 3.08
CA THR B 56 0.09 3.05 2.78
C THR B 56 1.15 2.92 3.88
N PHE B 57 2.31 2.37 3.57
CA PHE B 57 3.48 2.35 4.46
C PHE B 57 4.29 3.65 4.43
N GLU B 58 4.84 4.07 5.58
CA GLU B 58 5.63 5.31 5.75
C GLU B 58 6.85 5.34 4.79
N ASN B 59 7.46 4.18 4.57
CA ASN B 59 8.66 4.00 3.76
C ASN B 59 8.65 2.69 2.97
N SER B 60 9.24 2.74 1.77
CA SER B 60 9.40 1.56 0.90
C SER B 60 10.27 0.47 1.54
N ALA B 61 11.12 0.86 2.48
CA ALA B 61 12.01 -0.02 3.24
C ALA B 61 11.27 -1.18 3.92
N ASP B 62 10.21 -0.87 4.66
CA ASP B 62 9.36 -1.85 5.33
C ASP B 62 8.21 -2.31 4.46
N ALA B 63 7.77 -1.50 3.49
CA ALA B 63 6.71 -1.89 2.56
C ALA B 63 7.10 -3.11 1.72
N ASP B 64 8.38 -3.17 1.32
CA ASP B 64 8.94 -4.21 0.47
C ASP B 64 9.03 -5.56 1.21
N ARG B 65 9.74 -5.57 2.35
CA ARG B 65 9.81 -6.73 3.25
C ARG B 65 8.45 -7.17 3.76
N ALA B 66 7.61 -6.23 4.18
CA ALA B 66 6.29 -6.58 4.72
C ALA B 66 5.47 -7.36 3.68
N ARG B 67 5.36 -6.88 2.44
CA ARG B 67 4.70 -7.59 1.34
C ARG B 67 5.30 -8.98 1.12
N GLU B 68 6.62 -9.16 1.19
CA GLU B 68 7.25 -10.49 1.12
C GLU B 68 6.77 -11.40 2.24
N LYS B 69 6.78 -10.92 3.49
CA LYS B 69 6.44 -11.75 4.65
C LYS B 69 4.94 -12.10 4.71
N LEU B 70 4.08 -11.13 4.36
CA LEU B 70 2.62 -11.26 4.41
C LEU B 70 2.05 -12.05 3.22
N HIS B 71 2.55 -11.89 1.99
CA HIS B 71 2.12 -12.67 0.83
C HIS B 71 2.34 -14.17 1.08
N GLY B 72 1.30 -15.00 0.92
CA GLY B 72 1.30 -16.42 1.29
C GLY B 72 0.87 -16.72 2.73
N THR B 73 0.67 -15.70 3.59
CA THR B 73 0.02 -15.84 4.91
C THR B 73 -1.44 -16.22 4.69
N VAL B 74 -2.11 -16.80 5.68
CA VAL B 74 -3.47 -17.38 5.55
C VAL B 74 -4.38 -16.77 6.62
N VAL B 75 -4.62 -15.46 6.51
CA VAL B 75 -5.30 -14.68 7.55
C VAL B 75 -6.75 -15.13 7.73
N GLU B 76 -7.13 -15.45 8.98
CA GLU B 76 -8.41 -16.12 9.30
C GLU B 76 -8.65 -17.41 8.49
N GLY B 77 -7.54 -18.07 8.17
CA GLY B 77 -7.44 -19.31 7.39
C GLY B 77 -7.42 -19.14 5.86
N ARG B 78 -7.31 -17.92 5.33
CA ARG B 78 -7.53 -17.59 3.92
C ARG B 78 -6.26 -17.06 3.27
N LYS B 79 -5.56 -17.89 2.49
CA LYS B 79 -4.30 -17.53 1.83
C LYS B 79 -4.36 -16.22 1.03
N ILE B 80 -3.69 -15.19 1.55
CA ILE B 80 -3.61 -13.83 1.01
C ILE B 80 -2.51 -13.64 -0.03
N GLU B 81 -2.68 -12.60 -0.82
CA GLU B 81 -1.65 -12.03 -1.70
C GLU B 81 -1.50 -10.54 -1.39
N VAL B 82 -0.28 -10.01 -1.57
CA VAL B 82 0.05 -8.59 -1.43
C VAL B 82 1.04 -8.20 -2.53
N ASN B 83 0.86 -7.05 -3.17
CA ASN B 83 1.83 -6.45 -4.11
C ASN B 83 1.73 -4.91 -4.03
N ASN B 84 2.65 -4.18 -4.65
CA ASN B 84 2.54 -2.72 -4.75
C ASN B 84 1.30 -2.28 -5.56
N ALA B 85 0.71 -1.15 -5.19
CA ALA B 85 -0.58 -0.63 -5.70
C ALA B 85 -0.60 -0.21 -7.17
N THR B 86 -1.80 0.20 -7.57
CA THR B 86 -2.28 0.24 -8.96
C THR B 86 -2.83 1.59 -9.47
N ALA B 87 -3.16 1.61 -10.78
CA ALA B 87 -3.95 2.63 -11.49
C ALA B 87 -3.54 4.11 -11.24
N ARG B 88 -4.54 5.01 -11.25
CA ARG B 88 -4.48 6.50 -11.22
C ARG B 88 -3.82 7.10 -12.47
N VAL B 89 -4.57 7.97 -13.17
CA VAL B 89 -4.12 8.63 -14.43
C VAL B 89 -3.12 9.76 -14.15
N MET B 90 -2.11 9.88 -15.02
CA MET B 90 -0.93 10.77 -14.83
C MET B 90 -0.93 12.03 -15.71
N THR B 91 -2.10 12.43 -16.21
CA THR B 91 -2.29 13.53 -17.19
C THR B 91 -2.36 14.93 -16.56
N ASN B 92 -2.45 15.05 -15.23
CA ASN B 92 -2.52 16.33 -14.53
C ASN B 92 -1.20 17.12 -14.63
N LYS B 93 -1.27 18.31 -15.24
CA LYS B 93 -0.15 19.22 -15.50
C LYS B 93 -0.40 20.69 -15.09
N LYS B 94 -1.54 20.98 -14.44
CA LYS B 94 -1.96 22.32 -14.00
C LYS B 94 -1.45 22.67 -12.59
N THR B 95 -1.38 23.96 -12.28
CA THR B 95 -0.83 24.52 -11.03
C THR B 95 -1.58 25.78 -10.59
N VAL B 96 -1.72 26.01 -9.28
CA VAL B 96 -2.31 27.23 -8.69
C VAL B 96 -1.50 28.49 -9.04
N ASN B 97 -2.18 29.64 -9.08
CA ASN B 97 -1.63 30.90 -9.53
C ASN B 97 -0.61 31.48 -8.53
N PRO B 98 0.56 31.95 -8.99
CA PRO B 98 1.64 32.34 -8.10
C PRO B 98 1.55 33.80 -7.61
N TYR B 99 0.94 34.68 -8.40
CA TYR B 99 0.89 36.13 -8.19
C TYR B 99 -0.02 36.57 -7.01
N THR B 100 0.06 37.86 -6.66
CA THR B 100 -0.75 38.52 -5.62
C THR B 100 -1.35 39.84 -6.14
N ASN B 101 -2.38 40.34 -5.48
CA ASN B 101 -3.15 41.52 -5.89
C ASN B 101 -2.36 42.85 -5.78
N GLY B 102 -2.78 43.85 -6.55
CA GLY B 102 -2.20 45.21 -6.60
C GLY B 102 -3.03 46.20 -7.40
N HIS B 1 24.16 17.69 7.00
CA HIS B 1 24.35 16.63 8.01
C HIS B 1 23.09 16.27 8.84
N MET B 2 22.73 14.97 8.78
CA MET B 2 21.72 14.29 9.63
C MET B 2 20.28 14.79 9.57
N ASN B 3 20.04 15.50 8.48
CA ASN B 3 18.78 16.15 8.05
C ASN B 3 17.55 15.22 8.10
N THR B 4 17.75 13.94 7.78
CA THR B 4 16.80 12.82 7.86
C THR B 4 15.43 13.06 7.17
N GLU B 5 15.44 13.89 6.12
CA GLU B 5 14.33 14.10 5.18
C GLU B 5 14.00 12.84 4.34
N ASN B 6 13.01 12.93 3.46
CA ASN B 6 12.53 11.86 2.61
C ASN B 6 13.62 11.21 1.72
N LYS B 7 13.46 9.90 1.49
CA LYS B 7 14.42 9.04 0.77
C LYS B 7 13.76 7.83 0.09
N SER B 8 13.23 6.91 0.88
CA SER B 8 12.68 5.62 0.45
C SER B 8 11.28 5.74 -0.16
N GLN B 9 10.49 6.68 0.37
CA GLN B 9 9.19 7.18 -0.13
C GLN B 9 8.02 6.17 -0.06
N PRO B 10 6.76 6.63 0.13
CA PRO B 10 5.60 5.77 0.33
C PRO B 10 5.19 5.00 -0.95
N LYS B 11 4.74 3.75 -0.78
CA LYS B 11 4.08 2.93 -1.82
C LYS B 11 2.75 2.40 -1.30
N ARG B 12 1.78 2.27 -2.21
CA ARG B 12 0.54 1.52 -1.96
C ARG B 12 0.79 0.04 -2.28
N LEU B 13 0.33 -0.86 -1.41
CA LEU B 13 0.27 -2.31 -1.61
C LEU B 13 -1.18 -2.73 -1.84
N HIS B 14 -1.41 -3.71 -2.70
CA HIS B 14 -2.66 -4.44 -2.92
C HIS B 14 -2.67 -5.68 -2.02
N VAL B 15 -3.76 -5.95 -1.30
CA VAL B 15 -3.92 -7.15 -0.43
C VAL B 15 -5.27 -7.83 -0.62
N SER B 16 -5.25 -9.16 -0.73
CA SER B 16 -6.41 -9.98 -1.15
C SER B 16 -6.75 -11.13 -0.21
N ASN B 17 -7.88 -11.80 -0.51
CA ASN B 17 -8.43 -12.95 0.24
C ASN B 17 -8.76 -12.64 1.72
N ILE B 18 -8.77 -11.37 2.10
CA ILE B 18 -9.01 -10.87 3.45
C ILE B 18 -10.44 -11.19 3.92
N PRO B 19 -10.68 -11.39 5.22
CA PRO B 19 -12.01 -11.65 5.73
C PRO B 19 -12.94 -10.43 5.54
N PHE B 20 -14.25 -10.69 5.41
CA PHE B 20 -15.28 -9.64 5.30
C PHE B 20 -15.23 -8.60 6.44
N ARG B 21 -14.78 -9.00 7.64
CA ARG B 21 -14.67 -8.16 8.84
C ARG B 21 -13.57 -7.09 8.80
N PHE B 22 -12.49 -7.30 8.03
CA PHE B 22 -11.38 -6.33 7.94
C PHE B 22 -11.81 -5.03 7.25
N ARG B 23 -11.41 -3.90 7.86
CA ARG B 23 -11.51 -2.54 7.34
C ARG B 23 -10.16 -1.81 7.47
N ASP B 24 -10.16 -0.52 7.15
CA ASP B 24 -8.97 0.31 7.00
C ASP B 24 -7.96 0.21 8.17
N PRO B 25 -8.35 0.30 9.47
CA PRO B 25 -7.39 0.09 10.56
C PRO B 25 -6.98 -1.38 10.74
N ASP B 26 -7.86 -2.35 10.46
CA ASP B 26 -7.60 -3.80 10.61
C ASP B 26 -6.51 -4.30 9.66
N LEU B 27 -6.51 -3.82 8.42
CA LEU B 27 -5.42 -4.05 7.46
C LEU B 27 -4.13 -3.41 7.95
N ARG B 28 -4.19 -2.20 8.52
CA ARG B 28 -2.99 -1.44 8.85
C ARG B 28 -2.24 -2.01 10.05
N GLN B 29 -2.93 -2.74 10.94
CA GLN B 29 -2.27 -3.54 11.99
C GLN B 29 -1.36 -4.63 11.39
N MET B 30 -1.71 -5.12 10.19
CA MET B 30 -1.06 -6.26 9.54
C MET B 30 0.25 -5.89 8.84
N PHE B 31 0.31 -4.68 8.29
CA PHE B 31 1.51 -4.13 7.61
C PHE B 31 2.33 -3.24 8.56
N GLY B 32 1.67 -2.41 9.38
CA GLY B 32 2.33 -1.41 10.24
C GLY B 32 3.23 -1.97 11.35
N GLN B 33 3.14 -3.28 11.61
CA GLN B 33 4.05 -4.00 12.51
C GLN B 33 5.54 -3.91 12.07
N PHE B 34 5.82 -3.72 10.77
CA PHE B 34 7.18 -3.58 10.25
C PHE B 34 7.71 -2.14 10.23
N GLY B 35 6.84 -1.13 10.11
CA GLY B 35 7.22 0.29 10.09
C GLY B 35 6.09 1.25 10.51
N LYS B 36 5.49 1.95 9.54
CA LYS B 36 4.42 2.96 9.72
C LYS B 36 3.50 3.02 8.50
N ILE B 37 2.21 3.31 8.72
CA ILE B 37 1.18 3.41 7.68
C ILE B 37 0.55 4.81 7.64
N LEU B 38 0.30 5.32 6.44
CA LEU B 38 -0.23 6.66 6.16
C LEU B 38 -1.73 6.66 5.85
N ASP B 39 -2.13 5.88 4.84
CA ASP B 39 -3.51 5.69 4.36
C ASP B 39 -3.80 4.19 4.21
N VAL B 40 -5.04 3.75 4.38
CA VAL B 40 -5.48 2.38 4.03
C VAL B 40 -6.92 2.42 3.52
N GLU B 41 -7.23 1.63 2.49
CA GLU B 41 -8.53 1.61 1.84
C GLU B 41 -8.98 0.20 1.43
N ILE B 42 -10.05 -0.31 2.05
CA ILE B 42 -10.77 -1.50 1.55
C ILE B 42 -11.78 -0.99 0.54
N ILE B 43 -11.93 -1.71 -0.57
CA ILE B 43 -12.75 -1.26 -1.69
C ILE B 43 -14.20 -1.08 -1.26
N PHE B 44 -14.79 0.05 -1.62
CA PHE B 44 -16.14 0.42 -1.20
C PHE B 44 -17.22 -0.14 -2.14
N ASN B 45 -18.30 -0.61 -1.54
CA ASN B 45 -19.49 -1.19 -2.18
C ASN B 45 -20.73 -0.94 -1.29
N GLU B 46 -21.94 -1.25 -1.78
CA GLU B 46 -23.17 -1.09 -0.99
C GLU B 46 -23.31 -2.17 0.12
N ARG B 47 -22.53 -3.27 0.02
CA ARG B 47 -22.35 -4.34 1.03
C ARG B 47 -21.74 -3.79 2.34
N GLY B 48 -20.82 -2.84 2.19
CA GLY B 48 -20.18 -2.02 3.25
C GLY B 48 -18.64 -2.08 3.21
N SER B 49 -18.10 -3.21 2.79
CA SER B 49 -16.67 -3.41 2.51
C SER B 49 -16.50 -4.59 1.54
N LYS B 50 -15.39 -4.60 0.80
CA LYS B 50 -15.01 -5.65 -0.16
C LYS B 50 -13.92 -6.60 0.37
N GLY B 51 -13.76 -7.72 -0.31
CA GLY B 51 -12.87 -8.85 0.02
C GLY B 51 -11.36 -8.67 -0.27
N PHE B 52 -10.89 -7.44 -0.47
CA PHE B 52 -9.51 -7.02 -0.78
C PHE B 52 -9.37 -5.54 -0.44
N GLY B 53 -8.14 -5.06 -0.20
CA GLY B 53 -7.91 -3.66 0.08
C GLY B 53 -6.51 -3.25 -0.31
N PHE B 54 -6.11 -2.07 0.15
CA PHE B 54 -4.81 -1.52 -0.15
C PHE B 54 -4.29 -0.62 0.96
N VAL B 55 -2.97 -0.69 1.18
CA VAL B 55 -2.26 -0.10 2.31
C VAL B 55 -1.17 0.82 1.79
N THR B 56 -1.02 2.01 2.37
CA THR B 56 0.00 3.00 2.01
C THR B 56 1.07 3.06 3.08
N PHE B 57 2.15 2.31 2.90
CA PHE B 57 3.32 2.37 3.77
C PHE B 57 3.97 3.75 3.75
N GLU B 58 4.52 4.20 4.89
CA GLU B 58 5.37 5.39 5.02
C GLU B 58 6.59 5.35 4.08
N ASN B 59 7.18 4.17 3.88
CA ASN B 59 8.39 3.96 3.08
C ASN B 59 8.43 2.61 2.35
N SER B 60 9.05 2.61 1.17
CA SER B 60 9.25 1.41 0.34
C SER B 60 10.09 0.33 1.04
N ALA B 61 10.92 0.75 2.00
CA ALA B 61 11.81 -0.10 2.81
C ALA B 61 11.06 -1.23 3.50
N ASP B 62 9.95 -0.91 4.17
CA ASP B 62 9.10 -1.88 4.86
C ASP B 62 7.92 -2.34 4.00
N ALA B 63 7.49 -1.54 3.02
CA ALA B 63 6.45 -1.94 2.07
C ALA B 63 6.82 -3.21 1.31
N ASP B 64 8.10 -3.32 0.91
CA ASP B 64 8.60 -4.39 0.07
C ASP B 64 8.69 -5.72 0.84
N ARG B 65 9.44 -5.73 1.94
CA ARG B 65 9.54 -6.85 2.89
C ARG B 65 8.18 -7.26 3.45
N ALA B 66 7.35 -6.32 3.88
CA ALA B 66 6.03 -6.63 4.42
C ALA B 66 5.19 -7.42 3.40
N ARG B 67 5.05 -6.93 2.16
CA ARG B 67 4.39 -7.66 1.06
C ARG B 67 5.05 -9.01 0.75
N GLU B 68 6.34 -9.22 1.00
CA GLU B 68 6.97 -10.55 0.91
C GLU B 68 6.54 -11.47 2.05
N LYS B 69 6.56 -10.99 3.31
CA LYS B 69 6.23 -11.79 4.51
C LYS B 69 4.74 -12.12 4.62
N LEU B 70 3.87 -11.14 4.33
CA LEU B 70 2.42 -11.25 4.40
C LEU B 70 1.86 -12.11 3.25
N HIS B 71 2.40 -12.01 2.03
CA HIS B 71 2.06 -12.92 0.94
C HIS B 71 2.36 -14.38 1.33
N GLY B 72 1.36 -15.27 1.20
CA GLY B 72 1.42 -16.65 1.67
C GLY B 72 1.00 -16.85 3.13
N THR B 73 0.71 -15.78 3.90
CA THR B 73 0.03 -15.88 5.21
C THR B 73 -1.39 -16.37 4.96
N VAL B 74 -2.05 -16.96 5.95
CA VAL B 74 -3.34 -17.68 5.80
C VAL B 74 -4.40 -17.11 6.75
N VAL B 75 -4.51 -15.79 6.70
CA VAL B 75 -5.39 -14.97 7.55
C VAL B 75 -6.84 -15.37 7.39
N GLU B 76 -7.54 -15.46 8.53
CA GLU B 76 -8.89 -16.02 8.64
C GLU B 76 -9.04 -17.44 8.03
N GLY B 77 -7.95 -18.19 8.11
CA GLY B 77 -7.79 -19.55 7.57
C GLY B 77 -7.53 -19.62 6.05
N ARG B 78 -7.37 -18.49 5.35
CA ARG B 78 -7.32 -18.40 3.88
C ARG B 78 -6.02 -17.76 3.40
N LYS B 79 -5.20 -18.51 2.66
CA LYS B 79 -3.96 -18.01 2.04
C LYS B 79 -4.16 -16.71 1.25
N ILE B 80 -3.66 -15.61 1.80
CA ILE B 80 -3.68 -14.28 1.19
C ILE B 80 -2.56 -14.13 0.16
N GLU B 81 -2.74 -13.13 -0.69
CA GLU B 81 -1.71 -12.65 -1.62
C GLU B 81 -1.64 -11.11 -1.58
N VAL B 82 -0.42 -10.58 -1.64
CA VAL B 82 -0.11 -9.12 -1.60
C VAL B 82 0.83 -8.80 -2.75
N ASN B 83 0.68 -7.64 -3.38
CA ASN B 83 1.63 -7.09 -4.35
C ASN B 83 1.65 -5.55 -4.27
N ASN B 84 2.44 -4.84 -5.08
CA ASN B 84 2.33 -3.38 -5.20
C ASN B 84 1.04 -2.98 -5.95
N ALA B 85 0.41 -1.88 -5.52
CA ALA B 85 -0.89 -1.39 -5.99
C ALA B 85 -0.88 -0.74 -7.39
N THR B 86 -2.06 -0.22 -7.79
CA THR B 86 -2.33 0.44 -9.07
C THR B 86 -2.63 1.95 -8.94
N ALA B 87 -2.48 2.67 -10.06
CA ALA B 87 -2.93 4.06 -10.30
C ALA B 87 -2.40 5.19 -9.38
N ARG B 88 -2.86 6.42 -9.68
CA ARG B 88 -2.75 7.70 -8.94
C ARG B 88 -1.35 8.29 -8.71
N VAL B 89 -0.26 7.56 -8.93
CA VAL B 89 1.11 8.15 -8.94
C VAL B 89 1.24 9.12 -10.12
N MET B 90 1.74 10.34 -9.86
CA MET B 90 1.73 11.46 -10.83
C MET B 90 2.99 11.59 -11.68
N THR B 91 3.94 10.68 -11.49
CA THR B 91 5.26 10.61 -12.14
C THR B 91 6.03 11.95 -12.10
N ASN B 92 5.82 12.73 -11.02
CA ASN B 92 6.27 14.13 -10.91
C ASN B 92 7.57 14.27 -10.10
N LYS B 93 8.67 14.64 -10.77
CA LYS B 93 9.93 15.05 -10.14
C LYS B 93 9.93 16.54 -9.77
N LYS B 94 10.56 16.88 -8.63
CA LYS B 94 10.64 18.24 -8.05
C LYS B 94 12.01 18.93 -8.19
N THR B 95 13.00 18.17 -8.65
CA THR B 95 14.43 18.48 -8.70
C THR B 95 14.87 19.56 -9.70
N VAL B 96 13.98 20.04 -10.58
CA VAL B 96 14.24 21.17 -11.49
C VAL B 96 13.19 22.27 -11.26
N ASN B 97 13.68 23.50 -11.14
CA ASN B 97 12.93 24.69 -10.71
C ASN B 97 13.46 25.94 -11.45
N PRO B 98 12.60 26.89 -11.86
CA PRO B 98 12.99 28.02 -12.70
C PRO B 98 13.71 29.16 -11.94
N TYR B 99 13.04 29.79 -10.96
CA TYR B 99 13.48 31.03 -10.30
C TYR B 99 14.22 30.86 -8.97
N THR B 100 14.61 29.63 -8.62
CA THR B 100 15.38 29.25 -7.43
C THR B 100 16.74 28.60 -7.79
N ASN B 101 17.23 28.86 -9.01
CA ASN B 101 18.41 28.21 -9.60
C ASN B 101 19.77 28.61 -8.98
N GLY B 102 19.82 29.69 -8.19
CA GLY B 102 21.01 30.20 -7.50
C GLY B 102 20.79 31.56 -6.83
N HIS B 1 28.58 17.65 6.35
CA HIS B 1 28.29 17.28 4.95
C HIS B 1 26.81 17.36 4.55
N MET B 2 26.09 18.21 5.27
CA MET B 2 24.63 18.47 5.21
C MET B 2 23.73 17.23 5.44
N ASN B 3 22.43 17.46 5.67
CA ASN B 3 21.44 16.43 5.95
C ASN B 3 21.09 15.57 4.72
N THR B 4 20.94 16.23 3.55
CA THR B 4 20.70 15.69 2.20
C THR B 4 19.52 14.71 2.04
N GLU B 5 18.62 14.72 3.04
CA GLU B 5 17.29 14.08 3.10
C GLU B 5 17.17 12.56 2.82
N ASN B 6 15.94 12.08 3.00
CA ASN B 6 15.47 10.70 2.91
C ASN B 6 15.24 10.25 1.46
N LYS B 7 15.11 8.92 1.22
CA LYS B 7 15.08 8.29 -0.12
C LYS B 7 14.16 7.07 -0.26
N SER B 8 13.64 6.51 0.84
CA SER B 8 12.90 5.25 0.79
C SER B 8 11.48 5.42 0.21
N GLN B 9 10.72 6.38 0.78
CA GLN B 9 9.45 6.92 0.29
C GLN B 9 8.24 5.94 0.23
N PRO B 10 7.00 6.42 0.34
CA PRO B 10 5.82 5.55 0.54
C PRO B 10 5.43 4.73 -0.70
N LYS B 11 4.95 3.50 -0.46
CA LYS B 11 4.30 2.63 -1.48
C LYS B 11 2.89 2.23 -1.02
N ARG B 12 2.03 1.99 -2.01
CA ARG B 12 0.74 1.31 -1.84
C ARG B 12 0.99 -0.18 -2.07
N LEU B 13 0.78 -1.02 -1.05
CA LEU B 13 0.74 -2.49 -1.17
C LEU B 13 -0.72 -2.91 -1.29
N HIS B 14 -1.14 -3.42 -2.44
CA HIS B 14 -2.44 -4.06 -2.59
C HIS B 14 -2.47 -5.38 -1.81
N VAL B 15 -3.57 -5.63 -1.08
CA VAL B 15 -3.76 -6.76 -0.17
C VAL B 15 -5.04 -7.49 -0.58
N SER B 16 -4.96 -8.78 -0.88
CA SER B 16 -6.04 -9.55 -1.51
C SER B 16 -6.36 -10.84 -0.78
N ASN B 17 -7.57 -11.36 -1.00
CA ASN B 17 -8.15 -12.54 -0.34
C ASN B 17 -8.44 -12.34 1.16
N ILE B 18 -8.37 -11.09 1.64
CA ILE B 18 -8.71 -10.66 3.01
C ILE B 18 -10.17 -11.03 3.35
N PRO B 19 -10.50 -11.26 4.63
CA PRO B 19 -11.88 -11.54 5.03
C PRO B 19 -12.79 -10.32 4.78
N PHE B 20 -14.08 -10.54 4.51
CA PHE B 20 -15.08 -9.47 4.42
C PHE B 20 -15.14 -8.57 5.70
N ARG B 21 -14.70 -9.08 6.86
CA ARG B 21 -14.68 -8.32 8.14
C ARG B 21 -13.59 -7.25 8.24
N PHE B 22 -12.51 -7.33 7.45
CA PHE B 22 -11.43 -6.34 7.45
C PHE B 22 -11.91 -4.93 7.09
N ARG B 23 -11.24 -3.94 7.71
CA ARG B 23 -11.45 -2.49 7.61
C ARG B 23 -10.08 -1.80 7.68
N ASP B 24 -10.05 -0.47 7.57
CA ASP B 24 -8.87 0.40 7.71
C ASP B 24 -7.87 -0.06 8.81
N PRO B 25 -8.26 -0.21 10.09
CA PRO B 25 -7.37 -0.68 11.16
C PRO B 25 -7.01 -2.17 11.11
N ASP B 26 -7.80 -3.02 10.43
CA ASP B 26 -7.54 -4.47 10.35
C ASP B 26 -6.44 -4.82 9.33
N LEU B 27 -6.28 -4.02 8.28
CA LEU B 27 -5.10 -4.10 7.41
C LEU B 27 -3.88 -3.51 8.12
N ARG B 28 -4.04 -2.42 8.90
CA ARG B 28 -2.90 -1.71 9.53
C ARG B 28 -2.23 -2.50 10.64
N GLN B 29 -3.01 -3.27 11.38
CA GLN B 29 -2.50 -4.19 12.40
C GLN B 29 -1.73 -5.39 11.79
N MET B 30 -1.77 -5.54 10.46
CA MET B 30 -1.09 -6.60 9.71
C MET B 30 0.24 -6.15 9.09
N PHE B 31 0.31 -4.91 8.58
CA PHE B 31 1.52 -4.36 7.96
C PHE B 31 2.33 -3.47 8.94
N GLY B 32 1.66 -2.66 9.75
CA GLY B 32 2.28 -1.67 10.64
C GLY B 32 3.11 -2.26 11.80
N GLN B 33 3.03 -3.58 12.00
CA GLN B 33 3.92 -4.30 12.91
C GLN B 33 5.42 -4.17 12.54
N PHE B 34 5.74 -3.95 11.26
CA PHE B 34 7.13 -3.82 10.78
C PHE B 34 7.68 -2.39 10.80
N GLY B 35 6.83 -1.37 10.62
CA GLY B 35 7.23 0.04 10.56
C GLY B 35 6.11 1.03 10.95
N LYS B 36 5.62 1.81 9.98
CA LYS B 36 4.58 2.85 10.15
C LYS B 36 3.68 2.93 8.91
N ILE B 37 2.38 3.15 9.11
CA ILE B 37 1.36 3.23 8.06
C ILE B 37 0.69 4.61 8.05
N LEU B 38 0.57 5.17 6.85
CA LEU B 38 0.04 6.51 6.61
C LEU B 38 -1.47 6.52 6.38
N ASP B 39 -1.91 5.80 5.36
CA ASP B 39 -3.28 5.76 4.85
C ASP B 39 -3.59 4.36 4.31
N VAL B 40 -4.83 3.88 4.48
CA VAL B 40 -5.19 2.51 4.10
C VAL B 40 -6.61 2.46 3.53
N GLU B 41 -6.75 1.84 2.37
CA GLU B 41 -7.95 1.82 1.56
C GLU B 41 -8.38 0.41 1.17
N ILE B 42 -9.44 -0.09 1.82
CA ILE B 42 -10.16 -1.26 1.31
C ILE B 42 -10.89 -0.76 0.06
N ILE B 43 -11.07 -1.56 -0.99
CA ILE B 43 -11.57 -1.01 -2.28
C ILE B 43 -13.00 -0.44 -2.19
N PHE B 44 -13.78 -1.01 -1.29
CA PHE B 44 -15.17 -0.71 -1.02
C PHE B 44 -16.21 -1.11 -2.09
N ASN B 45 -17.40 -1.35 -1.54
CA ASN B 45 -18.70 -1.47 -2.19
C ASN B 45 -19.74 -1.05 -1.12
N GLU B 46 -21.00 -0.78 -1.50
CA GLU B 46 -22.05 -0.33 -0.57
C GLU B 46 -22.40 -1.37 0.53
N ARG B 47 -21.86 -2.60 0.40
CA ARG B 47 -21.81 -3.67 1.41
C ARG B 47 -21.08 -3.26 2.70
N GLY B 48 -20.31 -2.16 2.66
CA GLY B 48 -19.50 -1.62 3.75
C GLY B 48 -18.02 -2.02 3.70
N SER B 49 -17.65 -2.94 2.81
CA SER B 49 -16.28 -3.42 2.58
C SER B 49 -16.18 -4.15 1.22
N LYS B 50 -14.99 -4.64 0.88
CA LYS B 50 -14.67 -5.49 -0.27
C LYS B 50 -13.49 -6.42 0.02
N GLY B 51 -13.42 -7.58 -0.66
CA GLY B 51 -12.48 -8.68 -0.38
C GLY B 51 -10.98 -8.44 -0.65
N PHE B 52 -10.58 -7.18 -0.85
CA PHE B 52 -9.23 -6.67 -1.12
C PHE B 52 -9.14 -5.18 -0.82
N GLY B 53 -7.92 -4.71 -0.58
CA GLY B 53 -7.61 -3.34 -0.23
C GLY B 53 -6.17 -2.98 -0.57
N PHE B 54 -5.64 -1.93 0.05
CA PHE B 54 -4.27 -1.48 -0.11
C PHE B 54 -3.81 -0.63 1.08
N VAL B 55 -2.54 -0.80 1.42
CA VAL B 55 -1.86 -0.16 2.55
C VAL B 55 -0.80 0.79 2.04
N THR B 56 -0.78 2.02 2.53
CA THR B 56 0.26 3.00 2.22
C THR B 56 1.28 3.04 3.35
N PHE B 57 2.39 2.31 3.18
CA PHE B 57 3.51 2.32 4.10
C PHE B 57 4.23 3.69 4.11
N GLU B 58 4.78 4.12 5.26
CA GLU B 58 5.60 5.34 5.38
C GLU B 58 6.82 5.33 4.43
N ASN B 59 7.45 4.16 4.26
CA ASN B 59 8.69 3.98 3.51
C ASN B 59 8.74 2.61 2.83
N SER B 60 9.37 2.55 1.65
CA SER B 60 9.51 1.31 0.86
C SER B 60 10.36 0.24 1.58
N ALA B 61 11.17 0.66 2.57
CA ALA B 61 12.01 -0.18 3.41
C ALA B 61 11.24 -1.32 4.10
N ASP B 62 10.13 -0.97 4.77
CA ASP B 62 9.25 -1.92 5.44
C ASP B 62 8.11 -2.39 4.54
N ALA B 63 7.72 -1.61 3.54
CA ALA B 63 6.70 -1.99 2.56
C ALA B 63 7.10 -3.29 1.83
N ASP B 64 8.37 -3.39 1.46
CA ASP B 64 8.91 -4.47 0.63
C ASP B 64 8.98 -5.79 1.40
N ARG B 65 9.70 -5.78 2.53
CA ARG B 65 9.77 -6.90 3.49
C ARG B 65 8.39 -7.31 4.01
N ALA B 66 7.55 -6.37 4.39
CA ALA B 66 6.22 -6.69 4.89
C ALA B 66 5.42 -7.48 3.84
N ARG B 67 5.33 -6.98 2.60
CA ARG B 67 4.68 -7.71 1.49
C ARG B 67 5.27 -9.11 1.31
N GLU B 68 6.59 -9.29 1.42
CA GLU B 68 7.22 -10.63 1.38
C GLU B 68 6.74 -11.54 2.52
N LYS B 69 6.72 -11.04 3.77
CA LYS B 69 6.32 -11.84 4.95
C LYS B 69 4.83 -12.19 4.92
N LEU B 70 3.99 -11.24 4.53
CA LEU B 70 2.53 -11.37 4.54
C LEU B 70 2.00 -12.18 3.35
N HIS B 71 2.57 -12.05 2.15
CA HIS B 71 2.20 -12.89 0.99
C HIS B 71 2.40 -14.38 1.31
N GLY B 72 1.37 -15.20 1.06
CA GLY B 72 1.32 -16.61 1.46
C GLY B 72 0.81 -16.89 2.88
N THR B 73 0.60 -15.85 3.71
CA THR B 73 -0.14 -15.97 4.99
C THR B 73 -1.60 -16.30 4.70
N VAL B 74 -2.35 -16.81 5.67
CA VAL B 74 -3.70 -17.38 5.48
C VAL B 74 -4.68 -16.73 6.47
N VAL B 75 -4.69 -15.38 6.47
CA VAL B 75 -5.39 -14.60 7.49
C VAL B 75 -6.89 -14.92 7.55
N GLU B 76 -7.39 -15.22 8.75
CA GLU B 76 -8.78 -15.66 9.01
C GLU B 76 -9.20 -16.87 8.16
N GLY B 77 -8.20 -17.71 7.89
CA GLY B 77 -8.27 -18.94 7.10
C GLY B 77 -8.20 -18.76 5.58
N ARG B 78 -7.81 -17.58 5.07
CA ARG B 78 -7.81 -17.23 3.64
C ARG B 78 -6.40 -16.92 3.15
N LYS B 79 -5.74 -17.84 2.43
CA LYS B 79 -4.43 -17.60 1.80
C LYS B 79 -4.41 -16.31 0.96
N ILE B 80 -3.71 -15.30 1.46
CA ILE B 80 -3.58 -13.97 0.85
C ILE B 80 -2.42 -13.88 -0.14
N GLU B 81 -2.54 -12.85 -0.98
CA GLU B 81 -1.49 -12.37 -1.87
C GLU B 81 -1.35 -10.85 -1.68
N VAL B 82 -0.11 -10.36 -1.70
CA VAL B 82 0.22 -8.93 -1.49
C VAL B 82 1.18 -8.48 -2.61
N ASN B 83 0.95 -7.28 -3.14
CA ASN B 83 1.63 -6.79 -4.36
C ASN B 83 1.78 -5.26 -4.36
N ASN B 84 2.88 -4.70 -4.86
CA ASN B 84 2.97 -3.24 -5.06
C ASN B 84 1.93 -2.80 -6.11
N ALA B 85 1.12 -1.81 -5.75
CA ALA B 85 -0.08 -1.37 -6.47
C ALA B 85 0.17 -0.57 -7.77
N THR B 86 -0.92 -0.12 -8.41
CA THR B 86 -0.94 0.44 -9.77
C THR B 86 -2.08 1.46 -10.02
N ALA B 87 -2.02 2.16 -11.15
CA ALA B 87 -3.06 3.03 -11.71
C ALA B 87 -3.43 4.31 -10.91
N ARG B 88 -4.40 5.06 -11.46
CA ARG B 88 -4.93 6.42 -11.16
C ARG B 88 -3.92 7.58 -11.14
N VAL B 89 -4.25 8.65 -11.87
CA VAL B 89 -3.57 9.95 -11.80
C VAL B 89 -4.06 10.69 -10.54
N MET B 90 -3.15 11.38 -9.83
CA MET B 90 -3.44 12.01 -8.53
C MET B 90 -4.34 13.26 -8.57
N THR B 91 -4.81 13.62 -9.76
CA THR B 91 -5.83 14.64 -10.06
C THR B 91 -6.44 14.35 -11.43
N ASN B 92 -5.99 15.03 -12.48
CA ASN B 92 -6.35 14.86 -13.90
C ASN B 92 -5.44 15.68 -14.86
N LYS B 93 -4.80 16.74 -14.36
CA LYS B 93 -4.06 17.73 -15.18
C LYS B 93 -2.86 17.17 -15.93
N LYS B 94 -2.47 17.88 -16.99
CA LYS B 94 -1.32 17.61 -17.89
C LYS B 94 -0.59 18.92 -18.27
N THR B 95 0.59 18.81 -18.88
CA THR B 95 1.44 19.94 -19.25
C THR B 95 2.21 19.70 -20.58
N VAL B 96 2.92 20.71 -21.08
CA VAL B 96 3.66 20.68 -22.35
C VAL B 96 4.94 21.55 -22.29
N ASN B 97 5.96 21.14 -23.04
CA ASN B 97 7.26 21.83 -23.16
C ASN B 97 7.46 22.42 -24.58
N PRO B 98 8.22 23.52 -24.74
CA PRO B 98 8.49 24.14 -26.03
C PRO B 98 9.45 23.31 -26.90
N TYR B 99 10.46 22.69 -26.29
CA TYR B 99 11.45 21.81 -26.90
C TYR B 99 11.14 20.31 -26.71
N THR B 100 11.85 19.45 -27.47
CA THR B 100 11.83 17.99 -27.34
C THR B 100 12.55 17.52 -26.07
N ASN B 101 12.39 16.24 -25.73
CA ASN B 101 13.06 15.47 -24.66
C ASN B 101 13.02 16.03 -23.21
N GLY B 102 12.26 17.10 -22.99
CA GLY B 102 11.92 17.68 -21.68
C GLY B 102 11.01 16.78 -20.84
#